data_6ZQK
#
_entry.id   6ZQK
#
_cell.length_a   51.080
_cell.length_b   75.640
_cell.length_c   88.600
_cell.angle_alpha   103.560
_cell.angle_beta   90.330
_cell.angle_gamma   107.130
#
_symmetry.space_group_name_H-M   'P 1'
#
loop_
_entity.id
_entity.type
_entity.pdbx_description
1 polymer '841 heavy chain'
2 polymer '841 light chain'
3 non-polymer 1,2-ETHANEDIOL
4 water water
#
loop_
_entity_poly.entity_id
_entity_poly.type
_entity_poly.pdbx_seq_one_letter_code
_entity_poly.pdbx_strand_id
1 'polypeptide(L)'
;EVQLVESGGGLVQPGGSLRLSCAASGFNIKDTYIHWVRQAPGKGLEWVARIYPTNGYTRYADSVKGRFTISADTSKNTAY
LQMNSLRAEDTAVYYCSRWGGDGFYAMDYWGQGTLVTVSSGGGGSGGGGSGGGGSGGGGSDIQMTQSPSSLSASVGDRVT
ITCRASQDVNTAVAWYQQKPGKAPKLLIYSASFLYSGVPSRFSGSRSGTDFTLTISSLQPEDFATYYCQQHYTTPPTFGQ
GTKVEIKGSDIVLTQSPDSLAVSLGERATINCRSSQTLLYSNNQKNYLAWYQKKPGQPPKLLISWAFTRKSGVPDRFSGS
GSGTDFTLTISSLQAEDVAVYYCQQYSNYPWTFGQGTKVEIKRTVAAPSVFIFPPSDEQLKSGTASVKCLLNNFYPREAK
VQWKVDNALQSGNSQESVTEQDSKDSTYSLSSTLTLSKADYEKHKVYACEVTHQGLSSPVTKSFNRGEC
;
A,C
2 'polypeptide(L)'
;QVQLVQSGAEVKKPGASVKVSCKASGYSFTGYFINWVREAPGQGLEWMGHISSSYATSTYNQKFQGRVTFTVDTSSSTAY
MELSSLRSEDTAVYYCVRSGNYEEYAMDYWGQGTLVTVSSASTKGPSVFPLAPSSKSTSGGTAALGCLVKDYFPEPVTVS
WNSGALTSGVHTFPAVLQSSGLYSLESVVTVPSSSLGTQTYICNVNHKPSNTKVDKRVEPKSC
;
B,D
#
loop_
_chem_comp.id
_chem_comp.type
_chem_comp.name
_chem_comp.formula
EDO non-polymer 1,2-ETHANEDIOL 'C2 H6 O2'
#
# COMPACT_ATOMS: atom_id res chain seq x y z
N GLU A 1 4.50 17.73 22.31
CA GLU A 1 4.86 18.11 20.91
C GLU A 1 5.96 19.17 20.93
N VAL A 2 7.20 18.73 20.75
CA VAL A 2 8.33 19.65 20.74
C VAL A 2 8.11 20.70 19.65
N GLN A 3 8.33 21.96 20.01
CA GLN A 3 8.14 23.06 19.09
C GLN A 3 9.17 24.15 19.40
N LEU A 4 9.74 24.73 18.36
CA LEU A 4 10.66 25.86 18.48
C LEU A 4 10.17 26.97 17.58
N VAL A 5 9.97 28.16 18.14
CA VAL A 5 9.42 29.29 17.40
C VAL A 5 10.38 30.46 17.52
N GLU A 6 10.95 30.88 16.39
CA GLU A 6 11.82 32.05 16.37
C GLU A 6 11.00 33.31 16.10
N SER A 7 11.49 34.43 16.60
CA SER A 7 10.83 35.71 16.41
C SER A 7 11.85 36.83 16.59
N GLY A 8 11.46 38.03 16.15
CA GLY A 8 12.26 39.22 16.35
C GLY A 8 13.06 39.68 15.14
N GLY A 9 13.10 38.90 14.08
CA GLY A 9 13.89 39.27 12.93
C GLY A 9 13.29 40.44 12.18
N GLY A 10 14.15 41.16 11.49
CA GLY A 10 13.68 42.31 10.73
C GLY A 10 14.81 43.04 10.05
N LEU A 11 14.46 44.21 9.51
CA LEU A 11 15.39 45.07 8.81
C LEU A 11 16.20 45.88 9.80
N VAL A 12 17.52 45.76 9.74
CA VAL A 12 18.42 46.49 10.62
C VAL A 12 19.47 47.17 9.76
N GLN A 13 19.66 48.47 9.98
CA GLN A 13 20.65 49.21 9.21
C GLN A 13 22.06 48.81 9.63
N PRO A 14 23.05 49.09 8.78
CA PRO A 14 24.39 48.57 9.03
C PRO A 14 24.93 49.05 10.37
N GLY A 15 25.73 48.19 11.01
CA GLY A 15 26.19 48.51 12.34
C GLY A 15 25.09 48.59 13.37
N GLY A 16 23.92 48.03 13.06
CA GLY A 16 22.78 48.07 13.96
C GLY A 16 22.74 46.88 14.90
N SER A 17 21.71 46.88 15.74
CA SER A 17 21.52 45.85 16.75
C SER A 17 20.10 45.30 16.66
N LEU A 18 19.92 44.10 17.21
CA LEU A 18 18.64 43.39 17.13
C LEU A 18 18.70 42.18 18.03
N ARG A 19 17.59 41.87 18.68
CA ARG A 19 17.49 40.64 19.45
C ARG A 19 16.51 39.67 18.80
N LEU A 20 16.93 38.41 18.72
CA LEU A 20 16.08 37.31 18.29
C LEU A 20 15.71 36.44 19.48
N SER A 21 14.50 35.90 19.45
CA SER A 21 13.99 35.02 20.49
C SER A 21 13.66 33.66 19.89
N CYS A 22 13.82 32.61 20.70
CA CYS A 22 13.48 31.23 20.35
C CYS A 22 12.66 30.69 21.52
N ALA A 23 11.34 30.65 21.35
CA ALA A 23 10.43 30.13 22.36
C ALA A 23 10.31 28.62 22.17
N ALA A 24 10.59 27.88 23.23
CA ALA A 24 10.48 26.43 23.22
C ALA A 24 9.14 26.02 23.80
N SER A 25 8.60 24.91 23.28
CA SER A 25 7.31 24.39 23.71
C SER A 25 7.36 22.87 23.71
N GLY A 26 6.62 22.27 24.64
CA GLY A 26 6.59 20.83 24.76
C GLY A 26 7.80 20.21 25.41
N PHE A 27 8.74 21.01 25.89
CA PHE A 27 9.94 20.53 26.56
C PHE A 27 10.58 21.75 27.22
N ASN A 28 11.60 21.50 28.03
CA ASN A 28 12.27 22.56 28.78
C ASN A 28 13.73 22.63 28.34
N ILE A 29 14.19 23.85 28.05
CA ILE A 29 15.54 24.04 27.51
C ILE A 29 16.58 23.64 28.55
N LYS A 30 16.25 23.72 29.84
CA LYS A 30 17.12 23.24 30.90
C LYS A 30 17.67 21.86 30.56
N ASP A 31 16.90 21.07 29.83
CA ASP A 31 17.19 19.67 29.59
C ASP A 31 18.07 19.43 28.38
N THR A 32 18.58 20.49 27.75
CA THR A 32 19.30 20.30 26.49
C THR A 32 20.05 21.56 26.10
N TYR A 33 20.87 21.43 25.06
CA TYR A 33 21.53 22.55 24.43
C TYR A 33 20.61 23.22 23.42
N ILE A 34 20.81 24.52 23.21
CA ILE A 34 20.07 25.28 22.19
C ILE A 34 21.09 25.88 21.24
N HIS A 35 20.82 25.77 19.94
CA HIS A 35 21.71 26.24 18.90
C HIS A 35 21.03 27.32 18.07
N TRP A 36 21.80 28.32 17.66
CA TRP A 36 21.42 29.23 16.60
C TRP A 36 22.30 28.91 15.40
N VAL A 37 21.65 28.61 14.27
CA VAL A 37 22.26 28.26 12.99
C VAL A 37 21.68 29.19 11.95
N ARG A 38 22.52 29.82 11.15
CA ARG A 38 22.04 30.75 10.14
C ARG A 38 22.29 30.23 8.73
N GLN A 39 21.56 30.82 7.79
CA GLN A 39 21.62 30.44 6.38
C GLN A 39 21.54 31.70 5.54
N ALA A 40 22.65 32.10 4.93
CA ALA A 40 22.69 33.29 4.12
C ALA A 40 22.01 33.03 2.79
N PRO A 41 21.57 34.08 2.10
CA PRO A 41 20.87 33.89 0.81
C PRO A 41 21.73 33.09 -0.15
N GLY A 42 21.13 32.02 -0.71
CA GLY A 42 21.78 31.16 -1.66
C GLY A 42 22.83 30.24 -1.10
N LYS A 43 23.11 30.28 0.20
CA LYS A 43 24.25 29.54 0.76
C LYS A 43 23.77 28.45 1.73
N GLY A 44 24.74 27.76 2.34
CA GLY A 44 24.44 26.64 3.23
C GLY A 44 24.23 27.06 4.66
N LEU A 45 23.96 26.05 5.49
CA LEU A 45 23.69 26.26 6.91
C LEU A 45 24.98 26.53 7.67
N GLU A 46 24.97 27.55 8.51
CA GLU A 46 26.15 27.95 9.28
C GLU A 46 25.79 28.04 10.76
N TRP A 47 26.39 27.17 11.57
CA TRP A 47 26.23 27.24 13.03
C TRP A 47 26.93 28.50 13.54
N VAL A 48 26.20 29.31 14.30
CA VAL A 48 26.75 30.53 14.86
C VAL A 48 26.96 30.42 16.36
N ALA A 49 26.03 29.81 17.10
CA ALA A 49 26.27 29.75 18.53
C ALA A 49 25.41 28.70 19.22
N ARG A 50 25.72 28.47 20.51
CA ARG A 50 25.14 27.40 21.30
C ARG A 50 25.18 27.79 22.77
N ILE A 51 24.19 27.31 23.52
CA ILE A 51 24.10 27.58 24.95
C ILE A 51 23.52 26.37 25.66
N TYR A 52 24.05 26.10 26.86
CA TYR A 52 23.47 25.12 27.79
C TYR A 52 22.72 25.90 28.86
N PRO A 53 21.37 25.94 28.81
CA PRO A 53 20.65 26.83 29.75
C PRO A 53 20.96 26.57 31.21
N THR A 54 21.17 25.31 31.58
CA THR A 54 21.31 24.93 32.98
C THR A 54 22.41 25.73 33.66
N ASN A 55 23.60 25.76 33.07
CA ASN A 55 24.72 26.51 33.62
C ASN A 55 25.09 27.70 32.76
N GLY A 56 24.29 28.01 31.74
CA GLY A 56 24.62 29.14 30.90
C GLY A 56 25.93 29.03 30.16
N TYR A 57 26.45 27.82 29.99
CA TYR A 57 27.64 27.63 29.17
C TYR A 57 27.34 28.07 27.74
N THR A 58 28.20 28.91 27.18
CA THR A 58 28.01 29.43 25.84
C THR A 58 29.23 29.13 24.97
N ARG A 59 28.98 28.70 23.74
CA ARG A 59 30.03 28.53 22.74
C ARG A 59 29.61 29.31 21.50
N TYR A 60 30.54 30.06 20.92
CA TYR A 60 30.27 30.85 19.72
C TYR A 60 31.14 30.33 18.58
N ALA A 61 30.81 30.78 17.36
CA ALA A 61 31.65 30.55 16.21
C ALA A 61 32.60 31.74 16.03
N ASP A 62 33.81 31.45 15.54
CA ASP A 62 34.79 32.52 15.34
C ASP A 62 34.22 33.62 14.46
N SER A 63 33.31 33.29 13.55
CA SER A 63 32.74 34.27 12.65
C SER A 63 31.98 35.35 13.40
N VAL A 64 31.46 35.05 14.59
CA VAL A 64 30.54 35.95 15.26
C VAL A 64 30.95 36.26 16.69
N LYS A 65 32.21 36.00 17.03
CA LYS A 65 32.69 36.31 18.37
C LYS A 65 32.77 37.83 18.53
N GLY A 66 32.20 38.33 19.62
CA GLY A 66 32.22 39.74 19.93
C GLY A 66 31.13 40.56 19.28
N ARG A 67 30.49 40.04 18.23
CA ARG A 67 29.39 40.72 17.57
C ARG A 67 28.05 40.09 17.91
N PHE A 68 28.04 38.83 18.33
CA PHE A 68 26.84 38.09 18.68
C PHE A 68 26.93 37.63 20.13
N THR A 69 25.81 37.65 20.83
CA THR A 69 25.70 37.18 22.21
C THR A 69 24.50 36.26 22.29
N ILE A 70 24.66 35.13 22.99
CA ILE A 70 23.57 34.18 23.16
C ILE A 70 23.29 34.03 24.65
N SER A 71 22.02 34.15 25.03
CA SER A 71 21.61 34.03 26.42
C SER A 71 20.37 33.15 26.49
N ALA A 72 19.89 32.93 27.70
CA ALA A 72 18.70 32.11 27.90
C ALA A 72 18.02 32.50 29.20
N ASP A 73 16.69 32.39 29.19
CA ASP A 73 15.86 32.53 30.38
C ASP A 73 15.11 31.21 30.54
N THR A 74 15.56 30.40 31.50
CA THR A 74 14.90 29.11 31.75
C THR A 74 13.50 29.31 32.30
N SER A 75 13.29 30.35 33.11
CA SER A 75 11.96 30.68 33.58
C SER A 75 11.00 30.83 32.41
N LYS A 76 11.40 31.60 31.40
CA LYS A 76 10.57 31.79 30.21
C LYS A 76 10.70 30.64 29.22
N ASN A 77 11.62 29.71 29.44
CA ASN A 77 11.87 28.62 28.50
C ASN A 77 12.24 29.18 27.13
N THR A 78 13.06 30.22 27.12
CA THR A 78 13.37 30.92 25.88
C THR A 78 14.86 31.14 25.75
N ALA A 79 15.36 31.02 24.51
CA ALA A 79 16.73 31.34 24.18
C ALA A 79 16.75 32.66 23.42
N TYR A 80 17.85 33.40 23.53
CA TYR A 80 17.96 34.73 22.94
C TYR A 80 19.29 34.88 22.22
N LEU A 81 19.27 35.65 21.14
CA LEU A 81 20.48 36.02 20.40
C LEU A 81 20.48 37.52 20.19
N GLN A 82 21.34 38.22 20.92
CA GLN A 82 21.59 39.65 20.72
C GLN A 82 22.65 39.83 19.64
N MET A 83 22.43 40.80 18.76
CA MET A 83 23.30 41.10 17.64
C MET A 83 23.58 42.58 17.63
N ASN A 84 24.84 42.96 17.43
CA ASN A 84 25.24 44.36 17.43
C ASN A 84 26.19 44.61 16.27
N SER A 85 26.29 45.88 15.87
CA SER A 85 27.18 46.31 14.80
C SER A 85 27.10 45.34 13.63
N LEU A 86 25.89 44.91 13.28
CA LEU A 86 25.70 43.86 12.30
C LEU A 86 26.34 44.22 10.97
N ARG A 87 26.89 43.21 10.30
CA ARG A 87 27.52 43.39 9.00
C ARG A 87 26.57 42.95 7.89
N ALA A 88 26.95 43.30 6.65
CA ALA A 88 26.24 42.77 5.49
C ALA A 88 26.31 41.25 5.46
N GLU A 89 27.46 40.69 5.86
CA GLU A 89 27.65 39.26 5.90
C GLU A 89 26.69 38.57 6.84
N ASP A 90 26.05 39.32 7.75
CA ASP A 90 25.17 38.71 8.74
C ASP A 90 23.75 38.46 8.21
N THR A 91 23.37 39.08 7.10
CA THR A 91 22.04 38.88 6.55
C THR A 91 21.82 37.39 6.29
N ALA A 92 20.76 36.84 6.88
CA ALA A 92 20.48 35.41 6.74
C ALA A 92 19.18 35.08 7.47
N VAL A 93 18.71 33.85 7.21
CA VAL A 93 17.63 33.26 8.00
C VAL A 93 18.27 32.57 9.20
N TYR A 94 17.87 32.98 10.40
CA TYR A 94 18.37 32.40 11.63
C TYR A 94 17.37 31.40 12.17
N TYR A 95 17.78 30.14 12.26
CA TYR A 95 17.03 29.05 12.86
C TYR A 95 17.56 28.80 14.27
N CYS A 96 16.68 28.39 15.16
CA CYS A 96 17.08 27.81 16.44
C CYS A 96 16.71 26.34 16.46
N SER A 97 17.59 25.54 17.04
CA SER A 97 17.46 24.08 17.07
C SER A 97 17.97 23.56 18.41
N ARG A 98 17.92 22.24 18.58
CA ARG A 98 18.30 21.64 19.85
C ARG A 98 18.91 20.27 19.63
N TRP A 99 19.75 19.86 20.59
CA TRP A 99 20.30 18.50 20.63
C TRP A 99 19.48 17.62 21.57
N PHE A 104 22.29 12.07 22.36
CA PHE A 104 21.67 12.42 21.09
C PHE A 104 22.17 13.79 20.64
N TYR A 105 23.36 13.80 20.03
CA TYR A 105 24.01 14.99 19.53
C TYR A 105 23.42 15.49 18.21
N ALA A 106 22.28 14.96 17.78
CA ALA A 106 21.66 15.37 16.52
C ALA A 106 20.73 16.56 16.73
N MET A 107 20.63 17.41 15.70
CA MET A 107 19.68 18.53 15.70
C MET A 107 18.35 18.02 15.19
N ASP A 108 17.55 17.45 16.09
CA ASP A 108 16.32 16.78 15.69
C ASP A 108 15.18 17.77 15.46
N TYR A 109 15.19 18.91 16.13
CA TYR A 109 14.09 19.86 16.04
C TYR A 109 14.60 21.24 15.67
N TRP A 110 13.92 21.87 14.72
CA TRP A 110 14.27 23.19 14.23
C TRP A 110 13.03 24.06 14.25
N GLY A 111 13.21 25.32 14.63
CA GLY A 111 12.20 26.32 14.34
C GLY A 111 12.18 26.63 12.86
N GLN A 112 11.11 27.29 12.41
CA GLN A 112 11.00 27.60 10.99
C GLN A 112 11.83 28.82 10.61
N GLY A 113 12.56 29.41 11.55
CA GLY A 113 13.53 30.44 11.24
C GLY A 113 12.91 31.83 11.15
N THR A 114 13.78 32.83 11.24
CA THR A 114 13.37 34.23 11.17
C THR A 114 14.45 35.00 10.43
N LEU A 115 14.02 35.90 9.54
CA LEU A 115 14.94 36.59 8.65
C LEU A 115 15.53 37.82 9.33
N VAL A 116 16.85 37.93 9.27
CA VAL A 116 17.57 39.13 9.69
C VAL A 116 18.27 39.68 8.47
N THR A 117 18.04 40.96 8.17
CA THR A 117 18.52 41.58 6.94
C THR A 117 19.24 42.88 7.29
N VAL A 118 20.53 42.92 6.97
CA VAL A 118 21.40 44.04 7.28
C VAL A 118 21.46 44.89 6.00
N SER A 119 20.67 45.96 5.97
CA SER A 119 20.54 46.78 4.77
C SER A 119 21.74 47.72 4.65
N SER A 120 22.77 47.27 3.94
CA SER A 120 23.95 48.09 3.71
C SER A 120 23.70 49.03 2.53
N ASP A 141 38.59 22.75 13.82
CA ASP A 141 38.00 23.32 12.61
C ASP A 141 37.62 22.20 11.63
N ILE A 142 37.02 21.13 12.17
CA ILE A 142 36.67 19.98 11.34
C ILE A 142 35.94 20.47 10.09
N GLN A 143 36.25 19.83 8.96
CA GLN A 143 35.66 20.20 7.68
C GLN A 143 34.90 19.00 7.09
N MET A 144 33.77 19.29 6.47
CA MET A 144 32.97 18.30 5.76
C MET A 144 32.88 18.71 4.31
N THR A 145 33.27 17.82 3.40
CA THR A 145 33.29 18.10 1.98
C THR A 145 32.22 17.26 1.29
N GLN A 146 31.20 17.93 0.76
CA GLN A 146 30.08 17.23 0.15
C GLN A 146 30.27 17.09 -1.35
N SER A 147 29.87 15.95 -1.89
CA SER A 147 29.93 15.68 -3.32
C SER A 147 28.65 14.96 -3.74
N PRO A 148 28.03 15.38 -4.86
CA PRO A 148 28.37 16.57 -5.66
C PRO A 148 27.58 17.81 -5.26
N SER A 149 27.98 18.98 -5.76
CA SER A 149 27.23 20.20 -5.48
C SER A 149 25.80 20.10 -6.02
N SER A 150 25.66 19.62 -7.26
CA SER A 150 24.38 19.45 -7.90
C SER A 150 24.24 18.00 -8.36
N LEU A 151 23.00 17.59 -8.60
CA LEU A 151 22.72 16.22 -9.03
C LEU A 151 21.35 16.19 -9.69
N SER A 152 21.25 15.52 -10.83
CA SER A 152 20.01 15.39 -11.57
C SER A 152 19.59 13.92 -11.59
N ALA A 153 18.36 13.65 -11.18
CA ALA A 153 17.86 12.30 -11.06
C ALA A 153 16.40 12.26 -11.48
N SER A 154 15.85 11.03 -11.55
CA SER A 154 14.47 10.82 -11.95
C SER A 154 13.77 9.96 -10.90
N VAL A 155 12.45 10.09 -10.85
CA VAL A 155 11.67 9.29 -9.91
C VAL A 155 11.96 7.82 -10.14
N GLY A 156 12.27 7.11 -9.05
CA GLY A 156 12.69 5.73 -9.11
C GLY A 156 14.19 5.54 -9.08
N ASP A 157 14.96 6.59 -9.34
CA ASP A 157 16.41 6.49 -9.34
C ASP A 157 16.93 6.18 -7.94
N ARG A 158 18.05 5.47 -7.88
CA ARG A 158 18.82 5.29 -6.65
C ARG A 158 19.88 6.38 -6.60
N VAL A 159 19.86 7.18 -5.53
CA VAL A 159 20.77 8.32 -5.46
C VAL A 159 21.74 8.11 -4.31
N THR A 160 22.96 8.61 -4.46
CA THR A 160 23.98 8.53 -3.43
C THR A 160 24.73 9.86 -3.36
N ILE A 161 24.67 10.49 -2.20
CA ILE A 161 25.43 11.70 -1.89
C ILE A 161 26.51 11.28 -0.91
N THR A 162 27.65 11.97 -0.94
CA THR A 162 28.70 11.61 0.02
C THR A 162 29.29 12.86 0.65
N CYS A 163 29.87 12.65 1.83
CA CYS A 163 30.50 13.70 2.62
C CYS A 163 31.79 13.12 3.19
N ARG A 164 32.90 13.72 2.83
CA ARG A 164 34.20 13.32 3.35
C ARG A 164 34.51 14.16 4.58
N ALA A 165 34.72 13.50 5.71
CA ALA A 165 35.15 14.19 6.92
C ALA A 165 36.62 14.53 6.82
N SER A 166 36.97 15.77 7.18
CA SER A 166 38.36 16.20 7.12
C SER A 166 39.22 15.50 8.17
N GLN A 167 38.63 14.77 9.11
CA GLN A 167 39.37 14.07 10.15
C GLN A 167 38.42 13.09 10.83
N ASP A 168 38.92 12.38 11.84
CA ASP A 168 38.15 11.34 12.51
C ASP A 168 36.96 11.93 13.24
N VAL A 169 35.76 11.46 12.88
CA VAL A 169 34.49 11.91 13.45
C VAL A 169 33.61 10.73 13.87
N ASN A 170 34.11 9.87 14.75
CA ASN A 170 33.82 8.44 14.86
C ASN A 170 32.54 7.88 14.29
N THR A 171 31.38 8.21 14.78
CA THR A 171 30.17 7.93 14.04
C THR A 171 29.29 9.16 14.05
N ALA A 172 29.87 10.31 14.39
CA ALA A 172 29.13 11.52 14.75
C ALA A 172 28.83 12.33 13.49
N VAL A 173 27.90 11.81 12.70
CA VAL A 173 27.48 12.43 11.45
C VAL A 173 25.98 12.26 11.30
N ALA A 174 25.29 13.37 11.06
CA ALA A 174 23.87 13.40 10.76
C ALA A 174 23.65 13.93 9.35
N TRP A 175 22.50 13.57 8.79
CA TRP A 175 22.08 13.98 7.47
C TRP A 175 20.73 14.69 7.57
N TYR A 176 20.62 15.83 6.86
CA TYR A 176 19.42 16.66 6.86
C TYR A 176 18.94 16.90 5.43
N GLN A 177 17.62 17.08 5.31
CA GLN A 177 16.97 17.47 4.06
C GLN A 177 16.34 18.85 4.23
N GLN A 178 16.42 19.67 3.19
CA GLN A 178 15.83 21.01 3.23
C GLN A 178 15.23 21.34 1.88
N LYS A 179 13.98 21.81 1.90
CA LYS A 179 13.29 22.29 0.72
C LYS A 179 13.19 23.82 0.78
N PRO A 180 13.11 24.48 -0.37
CA PRO A 180 13.08 25.95 -0.36
C PRO A 180 11.94 26.50 0.48
N GLY A 181 12.26 27.50 1.29
CA GLY A 181 11.28 28.14 2.14
C GLY A 181 10.96 27.41 3.44
N LYS A 182 11.73 26.38 3.77
CA LYS A 182 11.43 25.57 4.95
C LYS A 182 12.73 25.27 5.70
N ALA A 183 12.56 24.84 6.94
CA ALA A 183 13.69 24.53 7.80
C ALA A 183 14.25 23.14 7.49
N PRO A 184 15.51 22.89 7.85
CA PRO A 184 16.06 21.54 7.67
C PRO A 184 15.31 20.51 8.49
N LYS A 185 15.26 19.29 7.96
CA LYS A 185 14.63 18.15 8.61
C LYS A 185 15.69 17.07 8.83
N LEU A 186 15.80 16.60 10.06
CA LEU A 186 16.75 15.54 10.36
C LEU A 186 16.31 14.24 9.68
N LEU A 187 17.23 13.65 8.94
CA LEU A 187 16.98 12.38 8.26
C LEU A 187 17.74 11.22 8.89
N ILE A 188 19.05 11.36 9.07
CA ILE A 188 19.88 10.30 9.62
C ILE A 188 20.70 10.86 10.77
N TYR A 189 20.91 10.05 11.80
CA TYR A 189 21.75 10.45 12.93
C TYR A 189 22.73 9.34 13.28
N SER A 190 23.88 9.74 13.82
CA SER A 190 25.00 8.83 14.09
C SER A 190 25.27 7.94 12.88
N ALA A 191 25.08 8.51 11.71
CA ALA A 191 25.56 8.03 10.42
C ALA A 191 24.81 6.85 9.81
N SER A 192 23.98 6.15 10.57
CA SER A 192 23.17 5.11 9.96
C SER A 192 21.78 4.95 10.57
N PHE A 193 21.39 5.77 11.54
CA PHE A 193 20.16 5.55 12.29
C PHE A 193 19.07 6.44 11.76
N LEU A 194 17.91 5.83 11.49
CA LEU A 194 16.80 6.49 10.84
C LEU A 194 15.95 7.21 11.88
N TYR A 195 15.84 8.53 11.74
CA TYR A 195 15.04 9.32 12.66
C TYR A 195 13.57 8.91 12.55
N SER A 196 12.88 8.94 13.69
CA SER A 196 11.49 8.51 13.75
C SER A 196 10.66 9.21 12.69
N GLY A 197 9.98 8.42 11.86
CA GLY A 197 9.09 8.92 10.83
C GLY A 197 9.71 8.98 9.45
N VAL A 198 11.03 8.90 9.34
CA VAL A 198 11.67 8.94 8.02
C VAL A 198 11.34 7.67 7.26
N PRO A 199 11.03 7.75 5.96
CA PRO A 199 10.66 6.54 5.22
C PRO A 199 11.85 5.60 4.99
N SER A 200 11.49 4.33 4.69
CA SER A 200 12.47 3.26 4.68
C SER A 200 13.53 3.45 3.61
N ARG A 201 13.19 4.10 2.50
CA ARG A 201 14.11 4.21 1.37
C ARG A 201 15.35 5.03 1.70
N PHE A 202 15.34 5.78 2.79
CA PHE A 202 16.50 6.59 3.18
C PHE A 202 17.43 5.76 4.06
N SER A 203 18.73 5.81 3.75
CA SER A 203 19.71 5.19 4.63
C SER A 203 21.03 5.91 4.48
N GLY A 204 21.88 5.76 5.50
CA GLY A 204 23.21 6.33 5.47
C GLY A 204 24.18 5.35 6.10
N SER A 205 25.44 5.51 5.71
CA SER A 205 26.48 4.59 6.17
C SER A 205 27.81 5.31 6.28
N ARG A 206 28.73 4.66 7.01
CA ARG A 206 30.04 5.21 7.33
C ARG A 206 31.12 4.20 6.97
N SER A 207 32.23 4.71 6.44
CA SER A 207 33.44 3.93 6.16
C SER A 207 34.61 4.85 6.51
N GLY A 208 35.08 4.75 7.74
CA GLY A 208 36.11 5.68 8.20
C GLY A 208 35.57 7.10 8.18
N THR A 209 36.21 7.95 7.37
CA THR A 209 35.79 9.33 7.20
C THR A 209 34.91 9.54 5.96
N ASP A 210 34.64 8.48 5.21
CA ASP A 210 33.69 8.56 4.11
C ASP A 210 32.28 8.33 4.66
N PHE A 211 31.38 9.27 4.36
CA PHE A 211 30.00 9.16 4.80
C PHE A 211 29.11 9.20 3.58
N THR A 212 28.07 8.37 3.58
CA THR A 212 27.21 8.22 2.42
C THR A 212 25.75 8.32 2.85
N LEU A 213 24.97 9.11 2.11
CA LEU A 213 23.52 9.07 2.16
C LEU A 213 23.05 8.43 0.86
N THR A 214 22.02 7.59 0.94
CA THR A 214 21.54 6.84 -0.21
C THR A 214 20.02 6.72 -0.14
N ILE A 215 19.38 6.99 -1.27
CA ILE A 215 17.94 6.89 -1.43
C ILE A 215 17.67 5.72 -2.36
N SER A 216 16.85 4.77 -1.89
CA SER A 216 16.61 3.53 -2.61
C SER A 216 15.97 3.79 -3.97
N SER A 217 14.76 4.33 -3.97
CA SER A 217 14.00 4.63 -5.17
C SER A 217 13.47 6.05 -5.00
N LEU A 218 14.04 6.99 -5.74
CA LEU A 218 13.71 8.40 -5.56
C LEU A 218 12.22 8.62 -5.72
N GLN A 219 11.62 9.27 -4.76
CA GLN A 219 10.21 9.64 -4.82
C GLN A 219 10.07 11.11 -5.18
N PRO A 220 8.91 11.52 -5.68
CA PRO A 220 8.76 12.91 -6.16
C PRO A 220 8.99 13.93 -5.06
N GLU A 221 8.84 13.55 -3.79
CA GLU A 221 9.01 14.46 -2.68
C GLU A 221 10.44 14.49 -2.15
N ASP A 222 11.36 13.80 -2.81
CA ASP A 222 12.75 13.75 -2.35
C ASP A 222 13.65 14.79 -3.02
N PHE A 223 13.15 15.53 -3.99
CA PHE A 223 13.94 16.57 -4.65
C PHE A 223 14.12 17.73 -3.69
N ALA A 224 15.34 17.95 -3.27
CA ALA A 224 15.63 18.92 -2.22
C ALA A 224 17.14 19.09 -2.11
N THR A 225 17.58 19.86 -1.12
CA THR A 225 19.00 20.06 -0.83
C THR A 225 19.36 19.29 0.44
N TYR A 226 20.42 18.50 0.38
CA TYR A 226 20.81 17.61 1.46
C TYR A 226 22.12 18.08 2.07
N TYR A 227 22.18 18.06 3.40
CA TYR A 227 23.32 18.58 4.15
C TYR A 227 23.86 17.51 5.08
N CYS A 228 25.17 17.29 5.01
CA CYS A 228 25.87 16.49 6.00
C CYS A 228 26.37 17.39 7.13
N GLN A 229 26.37 16.85 8.34
CA GLN A 229 26.90 17.54 9.51
C GLN A 229 27.63 16.53 10.37
N GLN A 230 28.76 16.92 10.95
CA GLN A 230 29.44 16.11 11.95
C GLN A 230 29.01 16.64 13.32
N HIS A 231 28.56 15.74 14.20
CA HIS A 231 28.27 16.14 15.57
C HIS A 231 29.31 15.62 16.55
N TYR A 232 30.51 15.30 16.07
CA TYR A 232 31.54 14.73 16.94
C TYR A 232 32.03 15.79 17.93
N THR A 233 32.67 16.84 17.41
CA THR A 233 33.22 17.91 18.22
C THR A 233 32.32 19.13 18.11
N THR A 234 32.79 20.26 18.63
CA THR A 234 32.13 21.55 18.53
C THR A 234 33.19 22.54 18.05
N PRO A 235 32.89 23.39 17.06
CA PRO A 235 31.56 23.61 16.46
C PRO A 235 31.11 22.53 15.50
N PRO A 236 29.81 22.20 15.53
CA PRO A 236 29.26 21.39 14.45
C PRO A 236 29.48 22.07 13.10
N THR A 237 29.97 21.29 12.13
CA THR A 237 30.21 21.77 10.78
C THR A 237 29.19 21.16 9.82
N PHE A 238 28.98 21.88 8.72
CA PHE A 238 28.03 21.46 7.70
C PHE A 238 28.72 21.35 6.35
N GLY A 239 28.31 20.34 5.57
CA GLY A 239 28.66 20.34 4.17
C GLY A 239 27.98 21.48 3.43
N GLN A 240 28.53 21.83 2.26
CA GLN A 240 28.00 22.96 1.52
C GLN A 240 26.67 22.65 0.84
N GLY A 241 26.26 21.39 0.80
CA GLY A 241 24.95 21.04 0.31
C GLY A 241 25.01 20.36 -1.05
N THR A 242 24.10 19.41 -1.26
CA THR A 242 23.93 18.73 -2.52
C THR A 242 22.48 18.91 -2.99
N LYS A 243 22.28 19.67 -4.05
CA LYS A 243 20.95 19.90 -4.59
C LYS A 243 20.58 18.77 -5.54
N VAL A 244 19.46 18.12 -5.28
CA VAL A 244 18.95 17.03 -6.12
C VAL A 244 17.79 17.58 -6.94
N GLU A 245 17.91 17.50 -8.26
CA GLU A 245 17.02 18.18 -9.19
C GLU A 245 16.47 17.19 -10.20
N ILE A 246 15.36 17.56 -10.82
CA ILE A 246 14.76 16.72 -11.84
C ILE A 246 15.68 16.66 -13.04
N LYS A 247 16.02 15.45 -13.48
CA LYS A 247 16.86 15.26 -14.65
C LYS A 247 16.07 15.57 -15.91
N GLY A 248 16.76 16.17 -16.89
CA GLY A 248 16.14 16.43 -18.17
C GLY A 248 15.12 17.55 -18.09
N SER A 249 14.07 17.41 -18.88
CA SER A 249 13.08 18.46 -19.00
C SER A 249 12.34 18.65 -17.68
N ASP A 250 11.78 19.84 -17.51
CA ASP A 250 10.87 20.10 -16.40
C ASP A 250 9.63 19.20 -16.55
N ILE A 251 8.93 18.99 -15.44
CA ILE A 251 7.70 18.22 -15.46
C ILE A 251 6.81 18.85 -16.52
N VAL A 252 6.52 18.11 -17.58
CA VAL A 252 5.71 18.60 -18.69
C VAL A 252 4.30 18.07 -18.55
N LEU A 253 3.32 18.95 -18.67
CA LEU A 253 1.91 18.58 -18.64
C LEU A 253 1.33 18.81 -20.03
N THR A 254 0.77 17.77 -20.61
CA THR A 254 0.20 17.81 -21.95
C THR A 254 -1.30 17.61 -21.83
N GLN A 255 -2.06 18.55 -22.37
CA GLN A 255 -3.51 18.52 -22.26
C GLN A 255 -4.13 18.00 -23.57
N SER A 256 -5.28 17.35 -23.43
CA SER A 256 -6.02 16.84 -24.58
C SER A 256 -7.51 16.95 -24.31
N PRO A 257 -8.29 17.45 -25.28
CA PRO A 257 -7.83 17.99 -26.57
C PRO A 257 -7.31 19.41 -26.44
N ASP A 258 -6.70 19.93 -27.52
CA ASP A 258 -6.29 21.33 -27.53
C ASP A 258 -7.50 22.26 -27.55
N SER A 259 -8.58 21.84 -28.21
CA SER A 259 -9.81 22.61 -28.28
C SER A 259 -10.99 21.66 -28.13
N LEU A 260 -12.07 22.17 -27.56
CA LEU A 260 -13.25 21.36 -27.27
C LEU A 260 -14.51 22.13 -27.58
N ALA A 261 -15.46 21.45 -28.22
CA ALA A 261 -16.76 22.02 -28.54
C ALA A 261 -17.83 21.02 -28.12
N VAL A 262 -18.63 21.39 -27.14
CA VAL A 262 -19.75 20.57 -26.69
C VAL A 262 -20.98 21.47 -26.55
N SER A 263 -22.15 20.87 -26.70
CA SER A 263 -23.39 21.63 -26.70
C SER A 263 -23.74 22.10 -25.28
N LEU A 264 -24.59 23.12 -25.22
CA LEU A 264 -25.01 23.66 -23.94
C LEU A 264 -25.73 22.59 -23.13
N GLY A 265 -25.34 22.45 -21.86
CA GLY A 265 -25.93 21.47 -20.99
C GLY A 265 -25.33 20.08 -21.06
N GLU A 266 -24.39 19.85 -21.96
CA GLU A 266 -23.76 18.55 -22.10
C GLU A 266 -22.39 18.56 -21.43
N ARG A 267 -21.83 17.35 -21.27
CA ARG A 267 -20.64 17.16 -20.47
C ARG A 267 -19.38 17.45 -21.27
N ALA A 268 -18.43 18.14 -20.64
CA ALA A 268 -17.14 18.46 -21.24
C ALA A 268 -16.04 17.78 -20.44
N THR A 269 -15.11 17.14 -21.14
CA THR A 269 -13.98 16.44 -20.54
C THR A 269 -12.69 17.04 -21.04
N ILE A 270 -11.73 17.25 -20.11
CA ILE A 270 -10.38 17.68 -20.43
C ILE A 270 -9.42 16.78 -19.68
N ASN A 271 -8.40 16.26 -20.36
CA ASN A 271 -7.42 15.39 -19.74
C ASN A 271 -6.05 16.07 -19.72
N CYS A 272 -5.27 15.74 -18.70
CA CYS A 272 -3.93 16.27 -18.50
C CYS A 272 -3.00 15.11 -18.14
N ARG A 273 -1.89 14.98 -18.85
CA ARG A 273 -0.91 13.94 -18.59
C ARG A 273 0.41 14.58 -18.17
N SER A 274 0.99 14.07 -17.09
CA SER A 274 2.24 14.60 -16.56
C SER A 274 3.40 13.67 -16.92
N SER A 275 4.53 14.27 -17.29
CA SER A 275 5.70 13.50 -17.69
C SER A 275 6.30 12.72 -16.52
N GLN A 276 5.92 13.04 -15.29
CA GLN A 276 6.26 12.22 -14.13
C GLN A 276 5.12 12.31 -13.14
N THR A 277 5.14 11.44 -12.13
CA THR A 277 4.03 11.35 -11.21
C THR A 277 3.98 12.58 -10.30
N LEU A 278 2.76 13.05 -10.04
CA LEU A 278 2.52 14.16 -9.13
C LEU A 278 2.05 13.69 -7.76
N LEU A 279 2.16 12.40 -7.47
CA LEU A 279 1.66 11.80 -6.25
C LEU A 279 2.81 11.65 -5.26
N TYR A 280 2.68 12.31 -4.11
CA TYR A 280 3.67 12.17 -3.05
C TYR A 280 3.48 10.83 -2.34
N SER A 281 4.56 10.06 -2.24
CA SER A 281 4.46 8.73 -1.63
C SER A 281 4.21 8.81 -0.12
N ASN A 282 4.63 9.91 0.51
CA ASN A 282 4.53 10.02 1.97
C ASN A 282 3.13 10.40 2.43
N ASN A 283 2.33 11.04 1.57
CA ASN A 283 0.99 11.47 1.95
C ASN A 283 -0.08 11.12 0.94
N GLN A 284 0.28 10.53 -0.20
CA GLN A 284 -0.68 10.03 -1.18
C GLN A 284 -1.54 11.14 -1.75
N LYS A 285 -0.98 12.34 -1.89
CA LYS A 285 -1.68 13.49 -2.45
C LYS A 285 -1.08 13.85 -3.81
N ASN A 286 -1.94 14.13 -4.77
CA ASN A 286 -1.51 14.57 -6.09
C ASN A 286 -1.38 16.09 -6.10
N TYR A 287 -0.20 16.58 -6.46
CA TYR A 287 0.07 18.01 -6.50
C TYR A 287 -0.28 18.59 -7.87
N LEU A 288 -1.57 18.51 -8.18
CA LEU A 288 -2.12 18.92 -9.47
C LEU A 288 -3.34 19.78 -9.22
N ALA A 289 -3.44 20.87 -9.98
CA ALA A 289 -4.53 21.82 -9.85
C ALA A 289 -5.09 22.13 -11.23
N TRP A 290 -6.34 22.60 -11.23
CA TRP A 290 -7.07 22.94 -12.43
C TRP A 290 -7.56 24.37 -12.33
N TYR A 291 -7.27 25.16 -13.38
CA TYR A 291 -7.54 26.58 -13.45
C TYR A 291 -8.36 26.91 -14.69
N GLN A 292 -9.24 27.91 -14.53
CA GLN A 292 -9.99 28.50 -15.62
C GLN A 292 -9.42 29.88 -15.92
N LYS A 293 -9.34 30.23 -17.20
CA LYS A 293 -8.74 31.49 -17.63
C LYS A 293 -9.66 32.11 -18.68
N LYS A 294 -10.27 33.24 -18.32
CA LYS A 294 -11.06 34.04 -19.22
C LYS A 294 -10.25 35.27 -19.63
N PRO A 295 -10.41 35.74 -20.87
CA PRO A 295 -9.67 36.95 -21.28
C PRO A 295 -9.99 38.12 -20.35
N GLY A 296 -8.94 38.81 -19.91
CA GLY A 296 -9.10 39.98 -19.08
C GLY A 296 -9.25 39.72 -17.59
N GLN A 297 -9.46 38.47 -17.18
CA GLN A 297 -9.59 38.09 -15.78
C GLN A 297 -8.37 37.29 -15.34
N PRO A 298 -8.00 37.36 -14.07
CA PRO A 298 -6.90 36.51 -13.56
C PRO A 298 -7.31 35.04 -13.57
N PRO A 299 -6.34 34.12 -13.62
CA PRO A 299 -6.70 32.70 -13.58
C PRO A 299 -7.48 32.38 -12.32
N LYS A 300 -8.52 31.56 -12.46
CA LYS A 300 -9.38 31.17 -11.35
C LYS A 300 -9.11 29.72 -11.00
N LEU A 301 -8.69 29.48 -9.77
CA LEU A 301 -8.51 28.10 -9.31
C LEU A 301 -9.86 27.41 -9.23
N LEU A 302 -9.95 26.25 -9.86
CA LEU A 302 -11.15 25.41 -9.79
C LEU A 302 -10.93 24.20 -8.90
N ILE A 303 -9.79 23.52 -9.05
CA ILE A 303 -9.55 22.29 -8.31
C ILE A 303 -8.11 22.26 -7.82
N SER A 304 -7.90 21.71 -6.63
CA SER A 304 -6.58 21.44 -6.07
C SER A 304 -6.56 20.00 -5.57
N TRP A 305 -5.35 19.49 -5.35
CA TRP A 305 -5.14 18.09 -4.95
C TRP A 305 -5.80 17.12 -5.92
N ALA A 306 -6.08 17.59 -7.13
CA ALA A 306 -6.58 16.81 -8.24
C ALA A 306 -8.05 16.43 -8.12
N PHE A 307 -8.66 16.60 -6.95
CA PHE A 307 -10.10 16.40 -6.86
C PHE A 307 -10.84 17.31 -5.89
N THR A 308 -10.18 18.26 -5.24
CA THR A 308 -10.82 19.07 -4.21
C THR A 308 -11.31 20.37 -4.85
N ARG A 309 -12.63 20.54 -4.91
CA ARG A 309 -13.18 21.74 -5.52
C ARG A 309 -12.97 22.94 -4.60
N LYS A 310 -12.46 24.02 -5.17
CA LYS A 310 -12.25 25.25 -4.41
C LYS A 310 -13.59 25.79 -3.91
N SER A 311 -13.62 26.20 -2.66
CA SER A 311 -14.83 26.76 -2.07
C SER A 311 -15.39 27.87 -2.94
N GLY A 312 -16.65 27.72 -3.34
CA GLY A 312 -17.35 28.70 -4.15
C GLY A 312 -17.44 28.37 -5.63
N VAL A 313 -16.61 27.46 -6.12
CA VAL A 313 -16.70 27.06 -7.53
C VAL A 313 -17.99 26.28 -7.76
N PRO A 314 -18.72 26.53 -8.85
CA PRO A 314 -19.99 25.84 -9.05
C PRO A 314 -19.87 24.32 -9.01
N ASP A 315 -20.89 23.68 -8.48
CA ASP A 315 -21.00 22.24 -8.38
C ASP A 315 -20.52 21.50 -9.63
N ARG A 316 -20.92 21.99 -10.80
CA ARG A 316 -20.77 21.21 -12.02
C ARG A 316 -19.32 20.90 -12.35
N PHE A 317 -18.36 21.62 -11.78
CA PHE A 317 -16.96 21.33 -12.00
C PHE A 317 -16.50 20.21 -11.08
N SER A 318 -15.77 19.23 -11.64
CA SER A 318 -15.23 18.15 -10.84
C SER A 318 -13.88 17.74 -11.41
N GLY A 319 -13.06 17.10 -10.57
CA GLY A 319 -11.74 16.67 -10.97
C GLY A 319 -11.47 15.25 -10.48
N SER A 320 -10.78 14.50 -11.33
CA SER A 320 -10.48 13.11 -11.02
C SER A 320 -9.10 12.75 -11.58
N GLY A 321 -8.68 11.52 -11.33
CA GLY A 321 -7.40 11.04 -11.80
C GLY A 321 -6.35 11.01 -10.71
N SER A 322 -5.19 10.49 -11.06
CA SER A 322 -4.13 10.31 -10.08
C SER A 322 -2.88 9.84 -10.79
N GLY A 323 -1.72 10.20 -10.23
CA GLY A 323 -0.46 9.80 -10.80
C GLY A 323 -0.05 10.71 -11.95
N THR A 324 -0.27 10.24 -13.18
CA THR A 324 0.17 10.98 -14.35
C THR A 324 -0.97 11.44 -15.24
N ASP A 325 -2.18 10.92 -15.07
CA ASP A 325 -3.31 11.42 -15.83
C ASP A 325 -4.40 11.91 -14.89
N PHE A 326 -4.99 13.07 -15.23
CA PHE A 326 -6.03 13.72 -14.45
C PHE A 326 -7.06 14.24 -15.44
N THR A 327 -8.27 14.43 -14.95
CA THR A 327 -9.37 14.86 -15.79
C THR A 327 -10.17 15.93 -15.08
N LEU A 328 -10.42 17.03 -15.77
CA LEU A 328 -11.40 18.03 -15.36
C LEU A 328 -12.68 17.77 -16.14
N THR A 329 -13.81 17.80 -15.43
CA THR A 329 -15.12 17.50 -16.00
C THR A 329 -16.07 18.63 -15.67
N ILE A 330 -16.81 19.08 -16.68
CA ILE A 330 -17.91 20.02 -16.51
C ILE A 330 -19.18 19.24 -16.85
N SER A 331 -19.98 18.92 -15.83
CA SER A 331 -21.08 17.98 -16.01
C SER A 331 -22.08 18.47 -17.04
N SER A 332 -22.33 19.78 -17.07
CA SER A 332 -23.26 20.36 -18.04
C SER A 332 -22.76 21.76 -18.36
N LEU A 333 -22.19 21.94 -19.55
CA LEU A 333 -21.53 23.19 -19.91
C LEU A 333 -22.54 24.33 -20.00
N GLN A 334 -22.07 25.51 -19.59
CA GLN A 334 -22.85 26.74 -19.67
C GLN A 334 -22.09 27.77 -20.48
N ALA A 335 -22.80 28.83 -20.90
CA ALA A 335 -22.16 29.87 -21.69
C ALA A 335 -21.05 30.56 -20.90
N GLU A 336 -21.17 30.62 -19.58
CA GLU A 336 -20.16 31.26 -18.75
C GLU A 336 -18.99 30.34 -18.44
N ASP A 337 -19.01 29.09 -18.91
CA ASP A 337 -17.87 28.19 -18.79
C ASP A 337 -16.93 28.29 -19.98
N VAL A 338 -17.22 29.15 -20.96
CA VAL A 338 -16.39 29.28 -22.15
C VAL A 338 -15.10 29.99 -21.74
N ALA A 339 -13.98 29.28 -21.79
CA ALA A 339 -12.70 29.81 -21.36
C ALA A 339 -11.61 28.83 -21.75
N VAL A 340 -10.38 29.13 -21.34
CA VAL A 340 -9.24 28.23 -21.51
C VAL A 340 -8.94 27.59 -20.16
N TYR A 341 -8.86 26.26 -20.14
CA TYR A 341 -8.63 25.53 -18.90
C TYR A 341 -7.22 24.97 -18.90
N TYR A 342 -6.50 25.19 -17.80
CA TYR A 342 -5.12 24.80 -17.64
C TYR A 342 -4.96 23.85 -16.47
N CYS A 343 -4.20 22.76 -16.67
CA CYS A 343 -3.71 22.00 -15.53
C CYS A 343 -2.35 22.56 -15.09
N GLN A 344 -2.02 22.32 -13.83
CA GLN A 344 -0.84 22.94 -13.22
C GLN A 344 -0.30 21.99 -12.15
N GLN A 345 1.02 21.82 -12.13
CA GLN A 345 1.67 20.96 -11.15
C GLN A 345 2.51 21.80 -10.20
N TYR A 346 2.32 21.59 -8.90
CA TYR A 346 3.12 22.22 -7.86
C TYR A 346 3.85 21.16 -7.05
N SER A 347 4.23 20.05 -7.69
CA SER A 347 4.91 18.97 -6.99
C SER A 347 6.40 19.23 -6.87
N ASN A 348 7.02 19.75 -7.93
CA ASN A 348 8.45 19.97 -7.95
C ASN A 348 8.76 21.16 -8.85
N TYR A 349 9.89 21.82 -8.56
CA TYR A 349 10.32 22.99 -9.30
C TYR A 349 10.99 22.59 -10.61
N PRO A 350 10.81 23.40 -11.67
CA PRO A 350 9.93 24.57 -11.70
C PRO A 350 8.47 24.18 -11.81
N TRP A 351 7.58 24.90 -11.12
CA TRP A 351 6.16 24.70 -11.29
C TRP A 351 5.78 25.02 -12.74
N THR A 352 4.91 24.20 -13.32
CA THR A 352 4.58 24.30 -14.74
C THR A 352 3.08 24.21 -14.94
N PHE A 353 2.65 24.77 -16.07
CA PHE A 353 1.27 24.71 -16.53
C PHE A 353 1.18 23.80 -17.76
N GLY A 354 -0.02 23.27 -18.01
CA GLY A 354 -0.31 22.66 -19.29
C GLY A 354 -0.43 23.71 -20.38
N GLN A 355 -0.42 23.26 -21.63
CA GLN A 355 -0.50 24.21 -22.73
C GLN A 355 -1.87 24.87 -22.82
N GLY A 356 -2.88 24.28 -22.18
CA GLY A 356 -4.22 24.85 -22.18
C GLY A 356 -5.15 24.12 -23.11
N THR A 357 -6.45 24.28 -22.84
CA THR A 357 -7.51 23.67 -23.64
C THR A 357 -8.64 24.67 -23.78
N LYS A 358 -8.93 25.06 -25.02
CA LYS A 358 -10.03 25.98 -25.28
C LYS A 358 -11.33 25.20 -25.33
N VAL A 359 -12.30 25.59 -24.51
CA VAL A 359 -13.64 25.02 -24.50
C VAL A 359 -14.59 26.05 -25.10
N GLU A 360 -15.43 25.62 -26.03
CA GLU A 360 -16.42 26.50 -26.63
C GLU A 360 -17.75 25.77 -26.75
N ILE A 361 -18.81 26.55 -26.88
CA ILE A 361 -20.16 26.02 -27.03
C ILE A 361 -20.34 25.52 -28.46
N LYS A 362 -20.82 24.29 -28.61
CA LYS A 362 -21.19 23.78 -29.93
C LYS A 362 -22.64 24.15 -30.20
N ARG A 363 -22.91 24.65 -31.41
CA ARG A 363 -24.26 24.99 -31.82
C ARG A 363 -24.44 24.63 -33.29
N THR A 364 -25.61 24.97 -33.82
CA THR A 364 -25.92 24.68 -35.21
C THR A 364 -25.06 25.53 -36.14
N VAL A 365 -24.89 25.04 -37.37
CA VAL A 365 -24.19 25.81 -38.39
C VAL A 365 -24.92 27.12 -38.62
N ALA A 366 -24.17 28.21 -38.67
CA ALA A 366 -24.72 29.53 -38.95
C ALA A 366 -23.89 30.16 -40.07
N ALA A 367 -24.50 30.35 -41.23
CA ALA A 367 -23.81 31.00 -42.32
C ALA A 367 -23.44 32.43 -41.92
N PRO A 368 -22.23 32.89 -42.23
CA PRO A 368 -21.89 34.29 -41.94
C PRO A 368 -22.72 35.24 -42.79
N SER A 369 -22.94 36.44 -42.26
CA SER A 369 -23.48 37.54 -43.05
C SER A 369 -22.32 38.44 -43.44
N VAL A 370 -22.13 38.66 -44.74
CA VAL A 370 -20.92 39.27 -45.26
C VAL A 370 -21.20 40.73 -45.61
N PHE A 371 -20.34 41.62 -45.12
CA PHE A 371 -20.40 43.04 -45.42
C PHE A 371 -19.01 43.48 -45.86
N ILE A 372 -18.96 44.54 -46.67
CA ILE A 372 -17.70 45.08 -47.15
C ILE A 372 -17.70 46.59 -46.94
N PHE A 373 -16.60 47.10 -46.41
CA PHE A 373 -16.43 48.51 -46.07
C PHE A 373 -15.29 49.08 -46.91
N PRO A 374 -15.55 50.07 -47.75
CA PRO A 374 -14.46 50.74 -48.47
C PRO A 374 -13.72 51.71 -47.57
N PRO A 375 -12.48 52.08 -47.91
CA PRO A 375 -11.76 53.08 -47.12
C PRO A 375 -12.57 54.37 -47.04
N SER A 376 -12.84 54.81 -45.82
CA SER A 376 -13.30 56.17 -45.61
C SER A 376 -12.38 57.13 -46.36
N ASP A 377 -12.96 58.11 -47.03
CA ASP A 377 -12.12 59.19 -47.56
C ASP A 377 -11.40 59.91 -46.43
N GLU A 378 -11.99 59.88 -45.23
CA GLU A 378 -11.29 60.42 -44.06
C GLU A 378 -10.00 59.65 -43.80
N GLN A 379 -10.05 58.32 -43.90
CA GLN A 379 -8.81 57.55 -43.75
C GLN A 379 -7.91 57.74 -44.96
N LEU A 380 -8.48 57.84 -46.15
CA LEU A 380 -7.67 58.10 -47.34
C LEU A 380 -6.92 59.42 -47.23
N LYS A 381 -7.40 60.35 -46.39
CA LYS A 381 -6.56 61.50 -46.04
C LYS A 381 -5.24 61.06 -45.45
N SER A 382 -5.25 60.00 -44.64
CA SER A 382 -4.07 59.59 -43.89
C SER A 382 -2.96 59.04 -44.79
N GLY A 383 -3.29 58.62 -46.01
CA GLY A 383 -2.30 58.07 -46.91
C GLY A 383 -2.31 56.56 -47.05
N THR A 384 -3.19 55.86 -46.35
CA THR A 384 -3.30 54.42 -46.49
C THR A 384 -4.78 54.04 -46.59
N ALA A 385 -5.04 52.95 -47.31
CA ALA A 385 -6.38 52.43 -47.52
C ALA A 385 -6.54 51.11 -46.77
N SER A 386 -7.67 50.98 -46.07
CA SER A 386 -8.01 49.76 -45.33
C SER A 386 -9.39 49.31 -45.81
N VAL A 387 -9.43 48.27 -46.65
CA VAL A 387 -10.68 47.67 -47.08
C VAL A 387 -11.02 46.56 -46.10
N LYS A 388 -12.24 46.54 -45.59
CA LYS A 388 -12.59 45.59 -44.54
C LYS A 388 -13.76 44.72 -44.95
N CYS A 389 -13.62 43.41 -44.75
CA CYS A 389 -14.67 42.43 -44.99
C CYS A 389 -15.08 41.86 -43.65
N LEU A 390 -16.37 41.97 -43.32
CA LEU A 390 -16.91 41.55 -42.05
C LEU A 390 -17.77 40.31 -42.27
N LEU A 391 -17.46 39.24 -41.53
CA LEU A 391 -18.29 38.06 -41.45
C LEU A 391 -18.98 38.09 -40.08
N ASN A 392 -20.29 38.26 -40.08
CA ASN A 392 -21.01 38.47 -38.83
C ASN A 392 -21.82 37.24 -38.46
N ASN A 393 -21.72 36.86 -37.18
CA ASN A 393 -22.61 35.91 -36.51
C ASN A 393 -22.66 34.58 -37.26
N PHE A 394 -21.50 33.91 -37.27
CA PHE A 394 -21.39 32.60 -37.91
C PHE A 394 -20.85 31.58 -36.93
N TYR A 395 -21.06 30.31 -37.26
CA TYR A 395 -20.52 29.17 -36.55
C TYR A 395 -20.48 28.04 -37.57
N PRO A 396 -19.43 27.20 -37.56
CA PRO A 396 -18.26 27.22 -36.67
C PRO A 396 -17.18 28.24 -37.03
N ARG A 397 -16.02 28.10 -36.38
CA ARG A 397 -14.96 29.10 -36.49
C ARG A 397 -14.33 29.09 -37.89
N GLU A 398 -14.11 27.91 -38.46
CA GLU A 398 -13.44 27.83 -39.76
C GLU A 398 -14.15 28.70 -40.79
N ALA A 399 -13.43 29.70 -41.29
CA ALA A 399 -13.96 30.57 -42.34
C ALA A 399 -12.78 31.08 -43.14
N LYS A 400 -12.84 30.95 -44.47
CA LYS A 400 -11.76 31.43 -45.32
C LYS A 400 -12.22 32.69 -46.03
N VAL A 401 -11.43 33.76 -45.90
CA VAL A 401 -11.69 35.03 -46.57
C VAL A 401 -10.55 35.24 -47.57
N GLN A 402 -10.89 35.33 -48.85
CA GLN A 402 -9.91 35.62 -49.89
C GLN A 402 -10.27 36.95 -50.55
N TRP A 403 -9.31 37.85 -50.60
CA TRP A 403 -9.49 39.15 -51.22
C TRP A 403 -9.10 39.08 -52.70
N LYS A 404 -9.90 39.73 -53.55
CA LYS A 404 -9.56 39.85 -54.96
C LYS A 404 -9.77 41.29 -55.43
N VAL A 405 -8.77 41.82 -56.12
CA VAL A 405 -8.79 43.18 -56.66
C VAL A 405 -8.82 43.08 -58.18
N ASP A 406 -9.90 43.57 -58.79
CA ASP A 406 -10.11 43.43 -60.23
C ASP A 406 -10.07 41.96 -60.65
N ASN A 407 -10.56 41.09 -59.76
CA ASN A 407 -10.60 39.64 -59.92
C ASN A 407 -9.21 39.02 -59.96
N ALA A 408 -8.24 39.66 -59.31
CA ALA A 408 -6.92 39.08 -59.09
C ALA A 408 -6.86 38.57 -57.66
N LEU A 409 -6.81 37.25 -57.49
CA LEU A 409 -6.73 36.68 -56.15
C LEU A 409 -5.50 37.24 -55.45
N GLN A 410 -5.68 37.66 -54.20
CA GLN A 410 -4.64 38.32 -53.43
C GLN A 410 -4.01 37.34 -52.47
N SER A 411 -2.98 37.82 -51.78
CA SER A 411 -2.31 37.09 -50.71
C SER A 411 -1.29 38.03 -50.07
N GLY A 412 -0.99 37.85 -48.79
CA GLY A 412 0.17 38.47 -48.17
C GLY A 412 -0.07 39.81 -47.51
N ASN A 413 -1.22 40.45 -47.73
CA ASN A 413 -1.48 41.76 -47.13
C ASN A 413 -2.84 41.77 -46.43
N SER A 414 -3.17 40.68 -45.76
CA SER A 414 -4.45 40.52 -45.09
C SER A 414 -4.23 40.13 -43.64
N GLN A 415 -4.99 40.75 -42.75
CA GLN A 415 -4.98 40.30 -41.36
C GLN A 415 -6.40 40.18 -40.83
N GLU A 416 -6.64 39.15 -40.01
CA GLU A 416 -7.96 38.82 -39.51
C GLU A 416 -8.00 38.95 -37.99
N SER A 417 -9.10 39.52 -37.49
CA SER A 417 -9.42 39.57 -36.07
C SER A 417 -10.71 38.80 -35.83
N VAL A 418 -10.80 38.15 -34.68
CA VAL A 418 -11.93 37.30 -34.34
C VAL A 418 -12.42 37.65 -32.95
N THR A 419 -13.74 37.74 -32.81
CA THR A 419 -14.34 37.99 -31.50
C THR A 419 -14.38 36.70 -30.67
N GLU A 420 -14.51 36.87 -29.36
CA GLU A 420 -14.84 35.75 -28.50
C GLU A 420 -16.24 35.27 -28.83
N GLN A 421 -16.50 33.98 -28.57
CA GLN A 421 -17.81 33.43 -28.85
C GLN A 421 -18.89 34.20 -28.09
N ASP A 422 -19.93 34.60 -28.80
CA ASP A 422 -21.01 35.35 -28.18
C ASP A 422 -21.74 34.47 -27.16
N SER A 423 -22.03 35.05 -25.99
CA SER A 423 -22.61 34.25 -24.92
C SER A 423 -24.00 33.74 -25.29
N LYS A 424 -24.83 34.59 -25.91
CA LYS A 424 -26.23 34.24 -26.09
C LYS A 424 -26.44 33.37 -27.32
N ASP A 425 -25.91 33.77 -28.47
CA ASP A 425 -26.12 33.03 -29.71
C ASP A 425 -24.94 32.13 -30.09
N SER A 426 -23.86 32.16 -29.31
CA SER A 426 -22.75 31.22 -29.45
C SER A 426 -22.07 31.32 -30.81
N THR A 427 -22.09 32.50 -31.42
CA THR A 427 -21.52 32.68 -32.74
C THR A 427 -20.20 33.45 -32.66
N TYR A 428 -19.53 33.54 -33.80
CA TYR A 428 -18.32 34.31 -33.96
C TYR A 428 -18.52 35.38 -35.02
N SER A 429 -17.75 36.45 -34.91
CA SER A 429 -17.66 37.49 -35.91
C SER A 429 -16.18 37.67 -36.25
N LEU A 430 -15.90 37.91 -37.52
CA LEU A 430 -14.54 38.00 -38.03
C LEU A 430 -14.42 39.26 -38.89
N SER A 431 -13.33 39.98 -38.72
CA SER A 431 -13.02 41.15 -39.52
C SER A 431 -11.70 40.93 -40.21
N SER A 432 -11.70 40.96 -41.54
CA SER A 432 -10.48 40.85 -42.33
C SER A 432 -10.17 42.21 -42.95
N THR A 433 -8.92 42.63 -42.85
CA THR A 433 -8.48 43.91 -43.37
C THR A 433 -7.44 43.66 -44.46
N LEU A 434 -7.74 44.15 -45.66
CA LEU A 434 -6.79 44.30 -46.75
C LEU A 434 -6.23 45.71 -46.66
N THR A 435 -4.94 45.83 -46.39
CA THR A 435 -4.28 47.11 -46.25
C THR A 435 -3.46 47.38 -47.50
N LEU A 436 -3.61 48.58 -48.07
CA LEU A 436 -2.85 48.98 -49.23
C LEU A 436 -2.37 50.41 -49.06
N SER A 437 -1.29 50.75 -49.74
CA SER A 437 -0.89 52.14 -49.86
C SER A 437 -1.91 52.87 -50.72
N LYS A 438 -2.35 54.05 -50.27
CA LYS A 438 -3.41 54.77 -50.97
C LYS A 438 -3.16 54.84 -52.47
N ALA A 439 -1.89 54.93 -52.88
CA ALA A 439 -1.57 54.96 -54.30
C ALA A 439 -2.08 53.70 -55.00
N ASP A 440 -1.70 52.52 -54.49
CA ASP A 440 -2.14 51.29 -55.12
C ASP A 440 -3.66 51.14 -55.06
N TYR A 441 -4.29 51.69 -54.01
CA TYR A 441 -5.75 51.66 -53.94
C TYR A 441 -6.37 52.55 -55.02
N GLU A 442 -5.67 53.62 -55.41
CA GLU A 442 -6.09 54.39 -56.57
C GLU A 442 -5.90 53.61 -57.86
N LYS A 443 -4.88 52.76 -57.92
CA LYS A 443 -4.57 52.06 -59.17
C LYS A 443 -5.76 51.23 -59.66
N HIS A 444 -6.31 50.37 -58.81
CA HIS A 444 -7.30 49.40 -59.23
C HIS A 444 -8.72 49.94 -58.99
N LYS A 445 -9.72 49.20 -59.50
CA LYS A 445 -11.07 49.72 -59.53
C LYS A 445 -12.18 48.79 -59.04
N VAL A 446 -11.93 47.50 -58.84
CA VAL A 446 -12.93 46.62 -58.26
C VAL A 446 -12.27 45.88 -57.09
N TYR A 447 -12.92 45.91 -55.94
CA TYR A 447 -12.44 45.24 -54.73
C TYR A 447 -13.55 44.34 -54.21
N ALA A 448 -13.22 43.08 -53.95
CA ALA A 448 -14.21 42.15 -53.44
C ALA A 448 -13.55 41.20 -52.45
N CYS A 449 -14.38 40.68 -51.53
CA CYS A 449 -13.98 39.62 -50.62
C CYS A 449 -14.88 38.41 -50.86
N GLU A 450 -14.27 37.25 -51.02
CA GLU A 450 -14.96 35.99 -51.25
C GLU A 450 -14.81 35.14 -50.00
N VAL A 451 -15.94 34.73 -49.44
CA VAL A 451 -15.99 34.04 -48.16
C VAL A 451 -16.43 32.61 -48.40
N THR A 452 -15.74 31.67 -47.75
CA THR A 452 -16.05 30.25 -47.78
C THR A 452 -16.30 29.78 -46.35
N HIS A 453 -17.35 28.97 -46.18
CA HIS A 453 -17.81 28.54 -44.87
C HIS A 453 -18.73 27.34 -45.03
N GLN A 454 -18.96 26.65 -43.91
CA GLN A 454 -19.80 25.46 -43.96
C GLN A 454 -21.26 25.79 -44.24
N GLY A 455 -21.70 26.99 -43.85
CA GLY A 455 -23.07 27.41 -44.09
C GLY A 455 -23.34 27.97 -45.46
N LEU A 456 -22.30 28.14 -46.28
CA LEU A 456 -22.44 28.61 -47.64
C LEU A 456 -22.33 27.41 -48.57
N SER A 457 -23.39 27.13 -49.33
CA SER A 457 -23.34 26.05 -50.29
C SER A 457 -22.22 26.25 -51.29
N SER A 458 -21.86 27.49 -51.58
CA SER A 458 -20.78 27.83 -52.48
C SER A 458 -20.27 29.21 -52.11
N PRO A 459 -19.00 29.52 -52.40
CA PRO A 459 -18.41 30.76 -51.89
C PRO A 459 -19.26 31.99 -52.24
N VAL A 460 -19.30 32.94 -51.31
CA VAL A 460 -20.11 34.14 -51.43
C VAL A 460 -19.19 35.34 -51.59
N THR A 461 -19.41 36.12 -52.64
CA THR A 461 -18.54 37.26 -52.94
C THR A 461 -19.30 38.57 -52.73
N LYS A 462 -18.60 39.55 -52.13
CA LYS A 462 -19.12 40.89 -51.92
C LYS A 462 -18.15 41.87 -52.54
N SER A 463 -18.66 42.89 -53.23
CA SER A 463 -17.80 43.75 -54.03
C SER A 463 -18.24 45.20 -53.98
N PHE A 464 -17.29 46.08 -54.30
CA PHE A 464 -17.54 47.50 -54.51
C PHE A 464 -16.48 48.02 -55.47
N ASN A 465 -16.81 49.11 -56.15
CA ASN A 465 -15.92 49.56 -57.22
C ASN A 465 -14.92 50.64 -56.85
N ARG A 466 -15.38 51.82 -56.46
CA ARG A 466 -14.47 52.96 -56.36
C ARG A 466 -13.25 52.65 -55.51
N GLN B 1 -11.26 39.52 3.74
CA GLN B 1 -10.81 38.56 2.76
C GLN B 1 -9.35 38.75 2.35
N VAL B 2 -8.72 37.64 1.97
CA VAL B 2 -7.38 37.69 1.37
C VAL B 2 -7.46 38.51 0.10
N GLN B 3 -6.49 39.41 -0.09
CA GLN B 3 -6.49 40.21 -1.30
C GLN B 3 -5.06 40.61 -1.67
N LEU B 4 -4.80 40.58 -2.98
CA LEU B 4 -3.54 41.01 -3.57
C LEU B 4 -3.87 42.09 -4.59
N VAL B 5 -3.31 43.29 -4.40
CA VAL B 5 -3.54 44.41 -5.29
C VAL B 5 -2.21 44.75 -5.97
N GLN B 6 -2.19 44.73 -7.29
CA GLN B 6 -0.97 44.98 -8.03
C GLN B 6 -0.91 46.41 -8.53
N SER B 7 0.31 46.87 -8.79
CA SER B 7 0.52 48.20 -9.34
C SER B 7 -0.06 48.28 -10.75
N GLY B 8 -0.17 49.49 -11.25
CA GLY B 8 -0.80 49.74 -12.52
C GLY B 8 0.08 49.33 -13.70
N ALA B 9 -0.51 49.44 -14.89
CA ALA B 9 0.15 49.02 -16.12
C ALA B 9 1.39 49.87 -16.39
N GLU B 10 2.33 49.29 -17.14
CA GLU B 10 3.60 49.92 -17.45
C GLU B 10 3.90 49.81 -18.94
N VAL B 11 4.53 50.85 -19.47
CA VAL B 11 5.06 50.86 -20.84
C VAL B 11 6.56 51.08 -20.74
N LYS B 12 7.33 50.25 -21.41
CA LYS B 12 8.78 50.33 -21.37
C LYS B 12 9.36 50.12 -22.76
N LYS B 13 10.52 50.71 -23.00
CA LYS B 13 11.26 50.54 -24.23
C LYS B 13 12.10 49.27 -24.15
N PRO B 14 12.45 48.66 -25.28
CA PRO B 14 13.28 47.45 -25.20
C PRO B 14 14.59 47.74 -24.49
N GLY B 15 15.05 46.76 -23.70
CA GLY B 15 16.25 46.92 -22.92
C GLY B 15 16.06 47.59 -21.58
N ALA B 16 14.88 48.15 -21.31
CA ALA B 16 14.61 48.79 -20.03
C ALA B 16 14.29 47.74 -18.97
N SER B 17 13.98 48.23 -17.76
CA SER B 17 13.65 47.39 -16.62
C SER B 17 12.35 47.89 -16.00
N VAL B 18 11.59 46.97 -15.41
CA VAL B 18 10.30 47.29 -14.83
C VAL B 18 10.17 46.63 -13.46
N LYS B 19 9.57 47.34 -12.51
CA LYS B 19 9.30 46.81 -11.17
C LYS B 19 7.80 46.85 -10.93
N VAL B 20 7.22 45.67 -10.71
CA VAL B 20 5.81 45.48 -10.44
C VAL B 20 5.65 45.16 -8.96
N SER B 21 4.61 45.71 -8.35
CA SER B 21 4.37 45.51 -6.93
C SER B 21 3.05 44.78 -6.70
N CYS B 22 2.93 44.19 -5.51
CA CYS B 22 1.81 43.33 -5.15
C CYS B 22 1.61 43.49 -3.65
N LYS B 23 0.67 44.34 -3.27
CA LYS B 23 0.34 44.61 -1.89
C LYS B 23 -0.65 43.55 -1.40
N ALA B 24 -0.30 42.89 -0.31
CA ALA B 24 -1.09 41.80 0.24
C ALA B 24 -1.81 42.29 1.50
N SER B 25 -3.04 41.82 1.68
CA SER B 25 -3.83 42.16 2.85
C SER B 25 -4.76 41.01 3.18
N GLY B 26 -5.15 40.94 4.45
CA GLY B 26 -6.13 39.97 4.89
C GLY B 26 -5.58 38.65 5.36
N TYR B 27 -4.28 38.56 5.62
CA TYR B 27 -3.67 37.32 6.11
C TYR B 27 -2.29 37.65 6.64
N SER B 28 -1.69 36.67 7.32
CA SER B 28 -0.34 36.82 7.85
C SER B 28 0.65 36.77 6.71
N PHE B 29 1.26 37.92 6.39
CA PHE B 29 2.10 38.03 5.19
C PHE B 29 3.20 36.98 5.18
N THR B 30 3.96 36.89 6.27
CA THR B 30 5.19 36.10 6.25
C THR B 30 4.93 34.61 6.02
N GLY B 31 3.71 34.14 6.24
CA GLY B 31 3.43 32.73 6.22
C GLY B 31 3.27 32.08 4.87
N TYR B 32 3.37 32.82 3.77
CA TYR B 32 3.03 32.30 2.46
C TYR B 32 4.11 32.65 1.44
N PHE B 33 4.04 31.97 0.29
CA PHE B 33 4.84 32.29 -0.87
C PHE B 33 4.07 33.26 -1.77
N ILE B 34 4.80 34.14 -2.44
CA ILE B 34 4.24 34.96 -3.51
C ILE B 34 4.84 34.46 -4.82
N ASN B 35 4.00 33.90 -5.67
CA ASN B 35 4.39 33.44 -7.00
C ASN B 35 4.13 34.55 -8.01
N TRP B 36 4.89 34.51 -9.10
CA TRP B 36 4.70 35.41 -10.22
C TRP B 36 4.44 34.58 -11.47
N VAL B 37 3.27 34.76 -12.05
CA VAL B 37 2.81 34.05 -13.24
C VAL B 37 2.65 35.08 -14.34
N ARG B 38 2.89 34.68 -15.58
CA ARG B 38 2.75 35.61 -16.69
C ARG B 38 1.95 34.96 -17.79
N GLU B 39 1.15 35.78 -18.48
CA GLU B 39 0.44 35.37 -19.69
C GLU B 39 0.87 36.34 -20.78
N ALA B 40 1.69 35.86 -21.71
CA ALA B 40 2.07 36.56 -22.92
C ALA B 40 1.17 36.13 -24.07
N PRO B 41 0.85 37.03 -25.01
CA PRO B 41 -0.10 36.67 -26.07
C PRO B 41 0.25 35.34 -26.74
N GLY B 42 -0.65 34.37 -26.63
CA GLY B 42 -0.49 33.10 -27.29
C GLY B 42 0.49 32.14 -26.65
N GLN B 43 0.95 32.42 -25.43
CA GLN B 43 1.90 31.54 -24.75
C GLN B 43 1.30 30.84 -23.55
N GLY B 44 0.02 31.08 -23.24
CA GLY B 44 -0.57 30.44 -22.08
C GLY B 44 -0.09 31.05 -20.78
N LEU B 45 -0.06 30.23 -19.74
CA LEU B 45 0.37 30.65 -18.41
C LEU B 45 1.78 30.14 -18.14
N GLU B 46 2.61 30.99 -17.53
CA GLU B 46 3.99 30.65 -17.27
C GLU B 46 4.37 31.06 -15.86
N TRP B 47 4.92 30.12 -15.10
CA TRP B 47 5.41 30.38 -13.75
C TRP B 47 6.86 30.87 -13.84
N MET B 48 7.10 32.09 -13.39
CA MET B 48 8.46 32.61 -13.38
C MET B 48 9.20 32.29 -12.09
N GLY B 49 8.47 31.98 -11.02
CA GLY B 49 9.08 31.64 -9.76
C GLY B 49 8.21 32.13 -8.61
N HIS B 50 8.73 31.92 -7.39
CA HIS B 50 8.08 32.49 -6.22
C HIS B 50 9.11 32.79 -5.14
N ILE B 51 8.69 33.67 -4.24
CA ILE B 51 9.52 34.13 -3.13
C ILE B 51 8.83 33.75 -1.82
N SER B 52 9.61 33.25 -0.88
CA SER B 52 9.12 33.06 0.48
C SER B 52 8.96 34.43 1.12
N SER B 53 7.74 34.73 1.58
CA SER B 53 7.50 36.01 2.25
C SER B 53 8.29 36.12 3.54
N SER B 54 8.68 35.00 4.14
CA SER B 54 9.41 34.97 5.39
C SER B 54 10.92 35.03 5.19
N TYR B 55 11.46 34.15 4.34
CA TYR B 55 12.90 34.11 4.10
C TYR B 55 13.39 35.21 3.18
N ALA B 56 12.53 35.72 2.30
CA ALA B 56 12.89 36.65 1.25
C ALA B 56 13.81 36.01 0.22
N THR B 57 13.90 34.68 0.20
CA THR B 57 14.66 33.94 -0.79
C THR B 57 13.71 33.30 -1.79
N SER B 58 14.19 33.15 -3.01
CA SER B 58 13.30 32.81 -4.12
C SER B 58 13.75 31.53 -4.82
N THR B 59 12.79 30.90 -5.49
CA THR B 59 13.05 29.88 -6.48
C THR B 59 12.58 30.43 -7.82
N TYR B 60 13.49 30.50 -8.79
CA TYR B 60 13.23 31.10 -10.09
C TYR B 60 13.08 30.02 -11.15
N ASN B 61 12.20 30.27 -12.11
CA ASN B 61 12.15 29.48 -13.34
C ASN B 61 13.40 29.81 -14.15
N GLN B 62 14.22 28.79 -14.41
CA GLN B 62 15.53 29.04 -15.01
C GLN B 62 15.43 29.70 -16.38
N LYS B 63 14.24 29.75 -16.98
CA LYS B 63 14.05 30.48 -18.23
C LYS B 63 14.19 31.99 -18.05
N PHE B 64 13.93 32.51 -16.86
CA PHE B 64 14.10 33.92 -16.57
C PHE B 64 15.27 34.19 -15.63
N GLN B 65 16.02 33.15 -15.25
CA GLN B 65 17.10 33.30 -14.29
C GLN B 65 18.03 34.43 -14.72
N GLY B 66 18.30 35.35 -13.80
CA GLY B 66 19.15 36.49 -14.05
C GLY B 66 18.44 37.71 -14.57
N ARG B 67 17.24 37.56 -15.14
CA ARG B 67 16.50 38.68 -15.68
C ARG B 67 15.40 39.13 -14.73
N VAL B 68 14.97 38.25 -13.83
CA VAL B 68 13.88 38.48 -12.90
C VAL B 68 14.45 38.44 -11.48
N THR B 69 14.00 39.35 -10.64
CA THR B 69 14.40 39.40 -9.25
C THR B 69 13.15 39.65 -8.40
N PHE B 70 12.95 38.80 -7.41
CA PHE B 70 11.85 38.96 -6.47
C PHE B 70 12.38 39.62 -5.20
N THR B 71 11.55 40.48 -4.60
CA THR B 71 11.86 41.04 -3.30
C THR B 71 10.57 41.15 -2.51
N VAL B 72 10.69 41.33 -1.19
CA VAL B 72 9.52 41.65 -0.37
C VAL B 72 9.94 42.71 0.65
N ASP B 73 8.97 43.55 1.02
CA ASP B 73 9.08 44.43 2.18
C ASP B 73 7.93 44.05 3.09
N THR B 74 8.26 43.37 4.20
CA THR B 74 7.24 42.94 5.16
C THR B 74 6.64 44.12 5.90
N SER B 75 7.41 45.20 6.08
CA SER B 75 6.90 46.37 6.78
C SER B 75 5.65 46.94 6.10
N SER B 76 5.53 46.75 4.78
CA SER B 76 4.36 47.20 4.05
C SER B 76 3.61 46.04 3.41
N SER B 77 3.96 44.80 3.76
CA SER B 77 3.27 43.61 3.25
C SER B 77 3.20 43.61 1.72
N THR B 78 4.30 43.99 1.07
CA THR B 78 4.31 44.10 -0.38
C THR B 78 5.42 43.24 -0.97
N ALA B 79 5.13 42.60 -2.10
CA ALA B 79 6.10 41.83 -2.86
C ALA B 79 6.35 42.50 -4.19
N TYR B 80 7.60 42.46 -4.65
CA TYR B 80 7.98 43.11 -5.89
C TYR B 80 8.64 42.11 -6.83
N MET B 81 8.42 42.33 -8.12
CA MET B 81 9.09 41.59 -9.18
C MET B 81 9.73 42.60 -10.12
N GLU B 82 11.05 42.48 -10.32
CA GLU B 82 11.79 43.37 -11.20
C GLU B 82 12.31 42.55 -12.37
N LEU B 83 11.85 42.87 -13.59
CA LEU B 83 12.32 42.22 -14.80
C LEU B 83 13.20 43.20 -15.56
N SER B 84 14.40 42.76 -15.91
CA SER B 84 15.39 43.60 -16.57
C SER B 84 15.58 43.16 -18.01
N SER B 85 16.31 43.99 -18.76
CA SER B 85 16.59 43.75 -20.17
C SER B 85 15.31 43.39 -20.93
N LEU B 86 14.31 44.25 -20.81
CA LEU B 86 12.99 43.93 -21.34
C LEU B 86 13.03 43.83 -22.86
N ARG B 87 12.36 42.80 -23.37
CA ARG B 87 12.19 42.57 -24.80
C ARG B 87 10.73 42.71 -25.17
N SER B 88 10.46 42.82 -26.47
CA SER B 88 9.08 42.79 -26.94
C SER B 88 8.38 41.50 -26.51
N GLU B 89 9.12 40.40 -26.39
CA GLU B 89 8.48 39.16 -25.95
C GLU B 89 7.99 39.23 -24.51
N ASP B 90 8.48 40.17 -23.72
CA ASP B 90 8.02 40.31 -22.35
C ASP B 90 6.71 41.08 -22.23
N THR B 91 6.17 41.60 -23.34
CA THR B 91 4.83 42.17 -23.32
C THR B 91 3.87 41.10 -22.84
N ALA B 92 3.24 41.35 -21.69
CA ALA B 92 2.37 40.32 -21.11
C ALA B 92 1.67 40.88 -19.89
N VAL B 93 0.70 40.12 -19.39
CA VAL B 93 0.06 40.40 -18.12
C VAL B 93 0.75 39.57 -17.05
N TYR B 94 1.26 40.25 -16.02
CA TYR B 94 1.97 39.62 -14.92
C TYR B 94 1.08 39.61 -13.68
N TYR B 95 0.87 38.42 -13.12
CA TYR B 95 0.07 38.23 -11.93
C TYR B 95 0.96 37.81 -10.76
N CYS B 96 0.70 38.39 -9.60
CA CYS B 96 1.18 37.80 -8.35
C CYS B 96 0.06 36.93 -7.80
N VAL B 97 0.44 35.85 -7.13
CA VAL B 97 -0.54 34.93 -6.56
C VAL B 97 0.05 34.25 -5.34
N ARG B 98 -0.74 34.19 -4.27
CA ARG B 98 -0.30 33.58 -3.03
C ARG B 98 -0.37 32.07 -3.13
N SER B 99 0.57 31.39 -2.47
CA SER B 99 0.50 29.95 -2.29
C SER B 99 0.93 29.61 -0.87
N GLY B 100 0.30 28.58 -0.32
CA GLY B 100 0.51 28.22 1.07
C GLY B 100 1.72 27.35 1.30
N ASN B 101 2.19 27.34 2.55
CA ASN B 101 3.35 26.56 2.93
C ASN B 101 3.02 25.42 3.90
N TYR B 102 1.89 25.49 4.59
CA TYR B 102 1.57 24.52 5.65
C TYR B 102 0.54 23.47 5.26
N GLU B 103 -0.66 23.90 4.83
CA GLU B 103 -1.69 22.93 4.45
C GLU B 103 -2.06 23.04 2.97
N GLU B 104 -2.47 24.22 2.51
CA GLU B 104 -2.80 24.46 1.12
C GLU B 104 -1.55 24.90 0.39
N TYR B 105 -1.27 24.24 -0.73
CA TYR B 105 -0.12 24.59 -1.55
C TYR B 105 -0.48 25.15 -2.91
N ALA B 106 -1.71 24.97 -3.38
CA ALA B 106 -2.08 25.46 -4.69
C ALA B 106 -2.09 26.98 -4.72
N MET B 107 -1.70 27.54 -5.87
CA MET B 107 -1.71 28.98 -6.04
C MET B 107 -3.14 29.51 -6.07
N ASP B 108 -3.54 30.23 -5.04
CA ASP B 108 -4.87 30.79 -4.95
C ASP B 108 -4.78 32.25 -4.56
N TYR B 109 -5.90 32.96 -4.68
CA TYR B 109 -5.94 34.39 -4.37
C TYR B 109 -4.99 35.17 -5.25
N TRP B 110 -5.38 35.37 -6.51
CA TRP B 110 -4.56 36.05 -7.50
C TRP B 110 -4.72 37.57 -7.40
N GLY B 111 -3.67 38.28 -7.80
CA GLY B 111 -3.80 39.70 -8.03
C GLY B 111 -4.55 39.98 -9.33
N GLN B 112 -4.93 41.23 -9.51
CA GLN B 112 -5.73 41.58 -10.68
C GLN B 112 -4.93 41.54 -11.97
N GLY B 113 -3.61 41.51 -11.89
CA GLY B 113 -2.78 41.48 -13.07
C GLY B 113 -2.24 42.87 -13.40
N THR B 114 -1.05 42.88 -14.00
CA THR B 114 -0.37 44.11 -14.39
C THR B 114 0.05 43.95 -15.84
N LEU B 115 -0.49 44.79 -16.72
CA LEU B 115 -0.07 44.77 -18.11
C LEU B 115 1.25 45.51 -18.25
N VAL B 116 2.24 44.84 -18.84
CA VAL B 116 3.53 45.45 -19.15
C VAL B 116 3.72 45.33 -20.65
N THR B 117 3.79 46.47 -21.33
CA THR B 117 3.98 46.53 -22.78
C THR B 117 5.38 47.04 -23.05
N VAL B 118 6.18 46.23 -23.74
CA VAL B 118 7.55 46.57 -24.11
C VAL B 118 7.55 46.87 -25.61
N SER B 119 7.86 48.10 -25.98
CA SER B 119 7.90 48.48 -27.38
C SER B 119 8.65 49.79 -27.54
N SER B 120 9.21 49.99 -28.73
CA SER B 120 9.84 51.26 -29.04
C SER B 120 8.80 52.39 -29.12
N ALA B 121 7.54 52.04 -29.41
CA ALA B 121 6.51 53.04 -29.59
C ALA B 121 6.30 53.86 -28.32
N SER B 122 5.69 55.02 -28.49
CA SER B 122 5.36 55.93 -27.41
C SER B 122 3.85 56.02 -27.24
N THR B 123 3.42 56.40 -26.04
CA THR B 123 2.01 56.52 -25.75
C THR B 123 1.36 57.56 -26.67
N LYS B 124 0.38 57.13 -27.46
CA LYS B 124 -0.38 58.05 -28.31
C LYS B 124 -1.83 57.59 -28.38
N GLY B 125 -2.73 58.56 -28.50
CA GLY B 125 -4.14 58.29 -28.64
C GLY B 125 -4.50 57.86 -30.04
N PRO B 126 -5.71 57.34 -30.19
CA PRO B 126 -6.14 56.79 -31.47
C PRO B 126 -6.71 57.82 -32.43
N SER B 127 -6.54 57.53 -33.72
CA SER B 127 -7.27 58.19 -34.77
C SER B 127 -8.54 57.38 -35.02
N VAL B 128 -9.70 58.03 -34.89
CA VAL B 128 -10.97 57.35 -35.03
C VAL B 128 -11.55 57.69 -36.40
N PHE B 129 -11.79 56.67 -37.21
CA PHE B 129 -12.34 56.83 -38.54
C PHE B 129 -13.69 56.13 -38.63
N PRO B 130 -14.68 56.77 -39.25
CA PRO B 130 -15.98 56.12 -39.39
C PRO B 130 -15.94 55.08 -40.51
N LEU B 131 -16.70 54.01 -40.32
CA LEU B 131 -16.93 53.01 -41.35
C LEU B 131 -18.40 53.19 -41.74
N ALA B 132 -18.61 54.06 -42.74
CA ALA B 132 -19.93 54.49 -43.16
C ALA B 132 -20.82 53.28 -43.42
N PRO B 133 -22.12 53.37 -43.18
CA PRO B 133 -22.97 52.20 -43.42
C PRO B 133 -22.85 51.66 -44.84
N SER B 134 -22.89 50.33 -44.94
CA SER B 134 -22.89 49.64 -46.21
C SER B 134 -24.11 50.04 -47.04
N GLY B 141 -31.78 43.96 -45.56
CA GLY B 141 -32.55 44.14 -44.34
C GLY B 141 -31.76 44.80 -43.24
N THR B 142 -30.77 44.08 -42.70
CA THR B 142 -29.87 44.63 -41.70
C THR B 142 -28.64 45.23 -42.36
N ALA B 143 -28.26 46.42 -41.91
CA ALA B 143 -27.05 47.10 -42.35
C ALA B 143 -25.99 46.99 -41.25
N ALA B 144 -24.73 47.08 -41.64
CA ALA B 144 -23.61 47.08 -40.73
C ALA B 144 -22.85 48.39 -40.85
N LEU B 145 -22.46 48.96 -39.71
CA LEU B 145 -21.62 50.15 -39.72
C LEU B 145 -20.53 49.98 -38.68
N GLY B 146 -19.57 50.90 -38.65
CA GLY B 146 -18.51 50.69 -37.66
C GLY B 146 -17.65 51.91 -37.37
N CYS B 147 -16.68 51.67 -36.49
CA CYS B 147 -15.64 52.64 -36.16
C CYS B 147 -14.30 51.93 -36.14
N LEU B 148 -13.30 52.56 -36.77
CA LEU B 148 -11.94 52.05 -36.81
C LEU B 148 -11.09 52.91 -35.87
N VAL B 149 -10.58 52.30 -34.82
CA VAL B 149 -9.71 52.97 -33.85
C VAL B 149 -8.28 52.57 -34.18
N LYS B 150 -7.48 53.51 -34.67
CA LYS B 150 -6.21 53.17 -35.30
C LYS B 150 -5.05 53.88 -34.60
N ASP B 151 -3.91 53.21 -34.60
CA ASP B 151 -2.62 53.80 -34.20
C ASP B 151 -2.68 54.42 -32.81
N TYR B 152 -3.03 53.58 -31.84
CA TYR B 152 -3.00 53.97 -30.43
C TYR B 152 -2.05 53.07 -29.67
N PHE B 153 -1.39 53.60 -28.66
CA PHE B 153 -0.44 52.85 -27.86
C PHE B 153 -0.46 53.45 -26.45
N PRO B 154 -0.44 52.62 -25.40
CA PRO B 154 -0.50 51.15 -25.43
C PRO B 154 -1.96 50.73 -25.44
N GLU B 155 -2.21 49.43 -25.35
CA GLU B 155 -3.56 49.00 -25.05
C GLU B 155 -3.92 49.43 -23.63
N PRO B 156 -5.21 49.46 -23.27
CA PRO B 156 -6.38 49.17 -24.10
C PRO B 156 -7.18 50.40 -24.55
N VAL B 157 -8.27 50.11 -25.25
CA VAL B 157 -9.25 51.10 -25.69
C VAL B 157 -10.64 50.56 -25.42
N THR B 158 -11.51 51.42 -24.90
CA THR B 158 -12.91 51.08 -24.71
C THR B 158 -13.75 51.74 -25.80
N VAL B 159 -14.68 50.98 -26.36
CA VAL B 159 -15.57 51.46 -27.41
C VAL B 159 -17.01 51.20 -27.01
N SER B 160 -17.81 52.27 -26.91
CA SER B 160 -19.23 52.18 -26.66
C SER B 160 -19.98 52.83 -27.82
N TRP B 161 -21.29 52.59 -27.86
CA TRP B 161 -22.14 53.13 -28.92
C TRP B 161 -23.30 53.87 -28.26
N ASN B 162 -23.50 55.13 -28.64
CA ASN B 162 -24.53 55.98 -28.08
C ASN B 162 -24.40 56.08 -26.56
N SER B 163 -23.19 56.30 -26.09
CA SER B 163 -22.91 56.44 -24.66
C SER B 163 -23.56 55.31 -23.87
N GLY B 164 -23.49 54.11 -24.43
CA GLY B 164 -24.00 52.91 -23.78
C GLY B 164 -25.42 52.53 -24.13
N ALA B 165 -26.18 53.41 -24.79
CA ALA B 165 -27.57 53.08 -25.09
C ALA B 165 -27.68 51.91 -26.06
N LEU B 166 -26.79 51.85 -27.05
CA LEU B 166 -26.83 50.80 -28.07
C LEU B 166 -25.85 49.70 -27.69
N THR B 167 -26.38 48.52 -27.39
CA THR B 167 -25.59 47.37 -26.98
C THR B 167 -25.78 46.17 -27.88
N SER B 168 -27.00 45.87 -28.30
CA SER B 168 -27.29 44.64 -29.04
C SER B 168 -26.79 44.75 -30.47
N GLY B 169 -26.10 43.72 -30.92
CA GLY B 169 -25.50 43.70 -32.23
C GLY B 169 -24.13 44.33 -32.33
N VAL B 170 -23.52 44.70 -31.20
CA VAL B 170 -22.22 45.33 -31.20
C VAL B 170 -21.16 44.24 -31.16
N HIS B 171 -20.15 44.38 -32.01
CA HIS B 171 -18.99 43.48 -32.04
C HIS B 171 -17.73 44.34 -32.05
N THR B 172 -17.08 44.44 -30.91
CA THR B 172 -15.77 45.10 -30.80
C THR B 172 -14.71 44.01 -30.85
N PHE B 173 -13.92 44.00 -31.93
CA PHE B 173 -12.94 42.96 -32.17
C PHE B 173 -11.69 43.20 -31.32
N PRO B 174 -10.93 42.14 -31.03
CA PRO B 174 -9.67 42.32 -30.30
C PRO B 174 -8.67 43.13 -31.12
N ALA B 175 -7.79 43.82 -30.40
CA ALA B 175 -6.80 44.67 -31.04
C ALA B 175 -5.77 43.85 -31.81
N VAL B 176 -5.25 44.45 -32.87
CA VAL B 176 -4.19 43.88 -33.70
C VAL B 176 -2.95 44.74 -33.55
N LEU B 177 -1.80 44.11 -33.36
CA LEU B 177 -0.53 44.82 -33.28
C LEU B 177 0.06 44.97 -34.68
N GLN B 178 0.18 46.22 -35.14
CA GLN B 178 0.67 46.47 -36.49
C GLN B 178 2.20 46.44 -36.54
N SER B 179 2.71 46.33 -37.77
CA SER B 179 4.13 46.56 -38.00
C SER B 179 4.55 47.88 -37.37
N SER B 180 3.67 48.88 -37.46
CA SER B 180 3.90 50.18 -36.84
C SER B 180 4.27 50.04 -35.37
N GLY B 181 3.85 48.95 -34.73
CA GLY B 181 4.00 48.81 -33.29
C GLY B 181 2.87 49.42 -32.53
N LEU B 182 1.99 50.09 -33.25
CA LEU B 182 0.76 50.60 -32.70
C LEU B 182 -0.37 49.56 -32.82
N TYR B 183 -1.47 49.80 -32.10
CA TYR B 183 -2.61 48.91 -32.11
C TYR B 183 -3.75 49.55 -32.90
N SER B 184 -4.58 48.72 -33.52
CA SER B 184 -5.80 49.17 -34.17
C SER B 184 -6.86 48.10 -33.99
N LEU B 185 -8.08 48.52 -33.70
CA LEU B 185 -9.22 47.61 -33.65
C LEU B 185 -10.39 48.21 -34.41
N GLU B 186 -11.41 47.38 -34.61
CA GLU B 186 -12.65 47.76 -35.25
C GLU B 186 -13.80 47.46 -34.29
N SER B 187 -14.82 48.30 -34.33
CA SER B 187 -16.07 48.07 -33.60
C SER B 187 -17.22 48.26 -34.56
N VAL B 188 -17.93 47.17 -34.86
CA VAL B 188 -19.03 47.23 -35.82
C VAL B 188 -20.34 46.94 -35.09
N VAL B 189 -21.44 47.30 -35.74
CA VAL B 189 -22.76 47.03 -35.17
C VAL B 189 -23.73 46.83 -36.33
N THR B 190 -24.64 45.87 -36.15
CA THR B 190 -25.73 45.62 -37.09
C THR B 190 -27.01 46.30 -36.60
N VAL B 191 -27.65 47.03 -37.50
CA VAL B 191 -28.88 47.76 -37.20
C VAL B 191 -29.81 47.66 -38.39
N PRO B 192 -31.12 47.74 -38.14
CA PRO B 192 -32.06 47.70 -39.27
C PRO B 192 -31.81 48.85 -40.25
N SER B 193 -31.76 48.49 -41.54
CA SER B 193 -31.45 49.45 -42.59
C SER B 193 -32.36 50.68 -42.55
N SER B 194 -33.66 50.47 -42.36
CA SER B 194 -34.59 51.59 -42.42
C SER B 194 -34.27 52.64 -41.37
N SER B 195 -33.86 52.20 -40.18
CA SER B 195 -33.56 53.13 -39.09
C SER B 195 -32.39 54.04 -39.41
N LEU B 196 -31.63 53.75 -40.46
CA LEU B 196 -30.40 54.48 -40.74
C LEU B 196 -30.64 55.99 -40.76
N GLY B 197 -31.74 56.43 -41.38
CA GLY B 197 -32.04 57.85 -41.44
C GLY B 197 -32.71 58.40 -40.20
N THR B 198 -33.28 57.55 -39.36
CA THR B 198 -33.95 57.99 -38.14
C THR B 198 -32.99 58.07 -36.96
N GLN B 199 -32.31 56.98 -36.63
CA GLN B 199 -31.46 56.92 -35.45
C GLN B 199 -30.04 57.39 -35.80
N THR B 200 -29.41 58.10 -34.87
CA THR B 200 -28.05 58.58 -35.02
C THR B 200 -27.11 57.68 -34.22
N TYR B 201 -25.97 57.38 -34.81
CA TYR B 201 -25.01 56.44 -34.24
C TYR B 201 -23.68 57.15 -34.00
N ILE B 202 -23.23 57.15 -32.76
CA ILE B 202 -21.97 57.74 -32.34
C ILE B 202 -21.18 56.67 -31.59
N CYS B 203 -19.97 56.39 -32.04
CA CYS B 203 -19.06 55.53 -31.30
C CYS B 203 -18.23 56.42 -30.39
N ASN B 204 -18.22 56.08 -29.10
CA ASN B 204 -17.37 56.73 -28.10
C ASN B 204 -16.13 55.85 -27.87
N VAL B 205 -14.96 56.44 -28.05
CA VAL B 205 -13.68 55.78 -27.89
C VAL B 205 -12.97 56.43 -26.72
N ASN B 206 -12.50 55.62 -25.79
CA ASN B 206 -11.76 56.11 -24.63
C ASN B 206 -10.43 55.37 -24.59
N HIS B 207 -9.34 56.14 -24.57
CA HIS B 207 -7.97 55.63 -24.46
C HIS B 207 -7.39 56.29 -23.21
N LYS B 208 -7.66 55.71 -22.05
CA LYS B 208 -7.18 56.28 -20.79
C LYS B 208 -5.66 56.38 -20.74
N PRO B 209 -4.88 55.40 -21.21
CA PRO B 209 -3.42 55.52 -21.11
C PRO B 209 -2.88 56.85 -21.61
N SER B 210 -3.53 57.45 -22.61
CA SER B 210 -3.19 58.78 -23.09
C SER B 210 -4.28 59.80 -22.75
N ASN B 211 -5.26 59.40 -21.96
CA ASN B 211 -6.39 60.25 -21.59
C ASN B 211 -7.02 60.90 -22.82
N THR B 212 -7.15 60.12 -23.89
CA THR B 212 -7.84 60.57 -25.09
C THR B 212 -9.28 60.09 -25.04
N LYS B 213 -10.18 60.92 -25.55
CA LYS B 213 -11.61 60.61 -25.60
C LYS B 213 -12.12 61.19 -26.89
N VAL B 214 -12.74 60.35 -27.73
CA VAL B 214 -13.16 60.73 -29.07
C VAL B 214 -14.60 60.27 -29.25
N ASP B 215 -15.40 61.10 -29.93
CA ASP B 215 -16.77 60.76 -30.31
C ASP B 215 -16.89 60.94 -31.81
N LYS B 216 -17.30 59.89 -32.53
CA LYS B 216 -17.41 59.98 -33.98
C LYS B 216 -18.72 59.41 -34.48
N ARG B 217 -19.34 60.15 -35.40
CA ARG B 217 -20.58 59.74 -36.04
C ARG B 217 -20.30 58.99 -37.33
N VAL B 218 -21.14 58.02 -37.63
CA VAL B 218 -21.07 57.28 -38.89
C VAL B 218 -22.41 57.50 -39.60
N GLU B 219 -22.48 58.49 -40.48
CA GLU B 219 -23.64 58.82 -41.30
C GLU B 219 -23.44 58.12 -42.66
N PRO B 220 -24.48 57.88 -43.43
CA PRO B 220 -24.28 57.18 -44.70
C PRO B 220 -23.42 57.95 -45.68
N LYS B 221 -22.64 57.19 -46.47
CA LYS B 221 -21.84 57.76 -47.54
C LYS B 221 -22.61 57.60 -48.86
N GLU C 1 3.52 1.24 0.75
CA GLU C 1 3.89 0.92 2.16
C GLU C 1 2.94 1.62 3.14
N VAL C 2 1.69 1.83 2.72
CA VAL C 2 0.75 2.58 3.54
C VAL C 2 0.24 1.64 4.63
N GLN C 3 1.00 1.56 5.72
CA GLN C 3 0.80 0.52 6.72
C GLN C 3 0.01 1.04 7.91
N LEU C 4 -0.53 0.10 8.69
CA LEU C 4 -1.12 0.38 9.99
C LEU C 4 -0.75 -0.79 10.90
N VAL C 5 0.05 -0.53 11.92
CA VAL C 5 0.57 -1.57 12.79
C VAL C 5 0.06 -1.33 14.20
N GLU C 6 -0.69 -2.31 14.73
CA GLU C 6 -1.15 -2.23 16.11
C GLU C 6 -0.11 -2.85 17.04
N SER C 7 -0.09 -2.36 18.28
CA SER C 7 0.80 -2.87 19.31
C SER C 7 0.16 -2.60 20.67
N GLY C 8 0.66 -3.31 21.68
CA GLY C 8 0.26 -3.09 23.06
C GLY C 8 -0.69 -4.10 23.65
N GLY C 9 -1.17 -5.06 22.86
CA GLY C 9 -2.11 -6.02 23.39
C GLY C 9 -1.49 -6.89 24.47
N GLY C 10 -2.36 -7.45 25.31
CA GLY C 10 -1.90 -8.31 26.37
C GLY C 10 -3.04 -8.75 27.25
N LEU C 11 -2.69 -9.55 28.26
CA LEU C 11 -3.65 -10.02 29.24
C LEU C 11 -3.71 -9.04 30.41
N VAL C 12 -4.93 -8.73 30.84
CA VAL C 12 -5.20 -7.74 31.86
C VAL C 12 -6.21 -8.31 32.84
N GLN C 13 -5.97 -8.11 34.13
CA GLN C 13 -6.93 -8.56 35.12
C GLN C 13 -8.20 -7.72 35.04
N PRO C 14 -9.35 -8.29 35.38
CA PRO C 14 -10.61 -7.55 35.21
C PRO C 14 -10.60 -6.27 36.02
N GLY C 15 -11.14 -5.21 35.42
CA GLY C 15 -11.04 -3.90 36.00
C GLY C 15 -9.70 -3.23 35.78
N GLY C 16 -8.82 -3.82 34.96
CA GLY C 16 -7.51 -3.25 34.69
C GLY C 16 -7.52 -2.23 33.58
N SER C 17 -6.31 -1.79 33.21
CA SER C 17 -6.13 -0.76 32.20
C SER C 17 -4.96 -1.13 31.30
N LEU C 18 -4.90 -0.50 30.13
CA LEU C 18 -3.83 -0.78 29.17
C LEU C 18 -3.99 0.14 27.97
N ARG C 19 -2.89 0.31 27.23
CA ARG C 19 -2.85 1.25 26.12
C ARG C 19 -2.43 0.54 24.83
N LEU C 20 -3.26 0.67 23.80
CA LEU C 20 -2.96 0.19 22.47
C LEU C 20 -2.45 1.35 21.62
N SER C 21 -1.57 1.04 20.67
CA SER C 21 -1.00 2.06 19.79
C SER C 21 -1.04 1.56 18.36
N CYS C 22 -1.28 2.50 17.44
CA CYS C 22 -1.39 2.21 16.01
C CYS C 22 -0.41 3.13 15.29
N ALA C 23 0.72 2.55 14.88
CA ALA C 23 1.72 3.27 14.10
C ALA C 23 1.34 3.23 12.64
N ALA C 24 1.18 4.41 12.04
CA ALA C 24 0.80 4.54 10.64
C ALA C 24 2.02 4.89 9.81
N SER C 25 2.12 4.28 8.63
CA SER C 25 3.22 4.50 7.70
C SER C 25 2.65 4.73 6.30
N GLY C 26 3.45 5.41 5.48
CA GLY C 26 3.08 5.66 4.11
C GLY C 26 1.98 6.68 3.92
N PHE C 27 1.47 7.26 5.00
CA PHE C 27 0.46 8.31 4.93
C PHE C 27 0.49 9.03 6.27
N ASN C 28 -0.01 10.25 6.28
CA ASN C 28 -0.02 11.08 7.47
C ASN C 28 -1.43 11.06 8.06
N ILE C 29 -1.54 10.58 9.30
CA ILE C 29 -2.84 10.53 9.95
C ILE C 29 -3.47 11.90 10.00
N LYS C 30 -2.68 12.95 9.77
CA LYS C 30 -3.20 14.30 9.59
C LYS C 30 -4.46 14.32 8.73
N ASP C 31 -4.35 13.74 7.53
CA ASP C 31 -5.32 13.98 6.46
C ASP C 31 -6.51 13.04 6.49
N THR C 32 -6.72 12.33 7.59
CA THR C 32 -7.81 11.37 7.61
C THR C 32 -8.21 11.05 9.04
N TYR C 33 -9.37 10.43 9.18
CA TYR C 33 -9.83 9.88 10.44
C TYR C 33 -9.19 8.53 10.71
N ILE C 34 -8.96 8.23 11.98
CA ILE C 34 -8.44 6.93 12.39
C ILE C 34 -9.49 6.27 13.27
N HIS C 35 -9.71 4.97 13.06
CA HIS C 35 -10.73 4.22 13.77
C HIS C 35 -10.11 3.06 14.53
N TRP C 36 -10.70 2.77 15.69
CA TRP C 36 -10.49 1.53 16.41
C TRP C 36 -11.78 0.72 16.31
N VAL C 37 -11.65 -0.50 15.79
CA VAL C 37 -12.73 -1.45 15.60
C VAL C 37 -12.33 -2.72 16.35
N ARG C 38 -13.31 -3.46 16.86
CA ARG C 38 -12.97 -4.65 17.64
C ARG C 38 -13.83 -5.83 17.24
N GLN C 39 -13.29 -7.02 17.52
CA GLN C 39 -13.90 -8.29 17.13
C GLN C 39 -13.76 -9.23 18.33
N ALA C 40 -14.86 -9.45 19.04
CA ALA C 40 -14.85 -10.37 20.17
C ALA C 40 -14.81 -11.81 19.68
N PRO C 41 -14.28 -12.72 20.49
CA PRO C 41 -14.09 -14.10 20.02
C PRO C 41 -15.33 -14.71 19.38
N GLY C 42 -15.22 -15.02 18.09
CA GLY C 42 -16.31 -15.68 17.39
C GLY C 42 -17.48 -14.79 17.05
N LYS C 43 -17.35 -13.49 17.18
CA LYS C 43 -18.44 -12.56 16.92
C LYS C 43 -18.04 -11.61 15.78
N GLY C 44 -18.89 -10.62 15.53
CA GLY C 44 -18.71 -9.70 14.43
C GLY C 44 -17.82 -8.52 14.78
N LEU C 45 -17.75 -7.58 13.84
CA LEU C 45 -16.95 -6.38 13.98
C LEU C 45 -17.76 -5.27 14.62
N GLU C 46 -17.22 -4.69 15.69
CA GLU C 46 -17.86 -3.62 16.44
C GLU C 46 -16.93 -2.41 16.47
N TRP C 47 -17.36 -1.31 15.84
CA TRP C 47 -16.61 -0.06 15.90
C TRP C 47 -16.69 0.51 17.31
N VAL C 48 -15.54 0.85 17.89
CA VAL C 48 -15.49 1.42 19.23
C VAL C 48 -15.21 2.92 19.19
N ALA C 49 -14.30 3.37 18.33
CA ALA C 49 -14.01 4.80 18.39
C ALA C 49 -13.32 5.32 17.14
N ARG C 50 -13.23 6.65 17.07
CA ARG C 50 -12.72 7.36 15.90
C ARG C 50 -12.15 8.69 16.37
N ILE C 51 -11.05 9.11 15.75
CA ILE C 51 -10.42 10.38 16.07
C ILE C 51 -9.96 11.05 14.80
N TYR C 52 -10.04 12.39 14.77
CA TYR C 52 -9.53 13.21 13.68
C TYR C 52 -8.24 13.86 14.15
N PRO C 53 -7.07 13.31 13.82
CA PRO C 53 -5.82 13.89 14.34
C PRO C 53 -5.69 15.39 14.14
N THR C 54 -6.22 15.90 13.02
CA THR C 54 -6.19 17.33 12.72
C THR C 54 -6.48 18.18 13.94
N ASN C 55 -7.62 17.96 14.59
CA ASN C 55 -7.97 18.73 15.79
C ASN C 55 -8.27 17.83 16.99
N GLY C 56 -7.99 16.54 16.88
CA GLY C 56 -8.17 15.65 18.02
C GLY C 56 -9.59 15.53 18.52
N TYR C 57 -10.58 15.74 17.65
CA TYR C 57 -11.97 15.55 18.05
C TYR C 57 -12.31 14.07 17.99
N THR C 58 -13.03 13.60 19.00
CA THR C 58 -13.24 12.18 19.23
C THR C 58 -14.70 11.80 19.01
N ARG C 59 -14.92 10.53 18.71
CA ARG C 59 -16.23 9.92 18.64
C ARG C 59 -16.11 8.52 19.23
N TYR C 60 -17.07 8.16 20.08
CA TYR C 60 -17.05 6.89 20.79
C TYR C 60 -18.37 6.17 20.58
N ALA C 61 -18.39 4.90 20.95
CA ALA C 61 -19.61 4.11 21.04
C ALA C 61 -20.02 4.00 22.50
N ASP C 62 -21.31 4.19 22.77
CA ASP C 62 -21.76 4.18 24.16
C ASP C 62 -21.42 2.86 24.86
N SER C 63 -21.00 1.84 24.10
CA SER C 63 -20.51 0.62 24.73
C SER C 63 -19.23 0.86 25.50
N VAL C 64 -18.39 1.79 25.04
CA VAL C 64 -17.05 1.99 25.58
C VAL C 64 -16.89 3.33 26.25
N LYS C 65 -17.94 4.13 26.37
CA LYS C 65 -17.83 5.43 27.01
C LYS C 65 -17.49 5.27 28.49
N GLY C 66 -16.62 6.15 28.99
CA GLY C 66 -16.16 6.08 30.36
C GLY C 66 -15.13 5.01 30.64
N ARG C 67 -14.97 4.04 29.74
CA ARG C 67 -14.00 2.97 29.88
C ARG C 67 -12.85 3.08 28.90
N PHE C 68 -13.03 3.81 27.79
CA PHE C 68 -12.05 3.93 26.73
C PHE C 68 -11.77 5.41 26.45
N THR C 69 -10.61 5.67 25.85
CA THR C 69 -10.21 7.01 25.44
C THR C 69 -9.33 6.88 24.21
N ILE C 70 -9.58 7.70 23.19
CA ILE C 70 -8.78 7.67 21.97
C ILE C 70 -8.03 8.99 21.86
N SER C 71 -6.75 8.92 21.48
CA SER C 71 -5.94 10.11 21.29
C SER C 71 -4.99 9.87 20.12
N ALA C 72 -4.19 10.87 19.77
CA ALA C 72 -3.29 10.72 18.65
C ALA C 72 -2.13 11.70 18.77
N ASP C 73 -0.95 11.23 18.36
CA ASP C 73 0.28 12.02 18.30
C ASP C 73 0.64 12.15 16.83
N THR C 74 0.36 13.33 16.25
CA THR C 74 0.69 13.55 14.85
C THR C 74 2.19 13.54 14.62
N SER C 75 2.95 14.06 15.59
CA SER C 75 4.41 14.09 15.46
C SER C 75 4.97 12.71 15.20
N LYS C 76 4.48 11.69 15.91
CA LYS C 76 4.88 10.31 15.68
C LYS C 76 3.97 9.59 14.69
N ASN C 77 2.98 10.30 14.12
CA ASN C 77 2.02 9.70 13.20
C ASN C 77 1.44 8.41 13.77
N THR C 78 0.92 8.51 14.99
CA THR C 78 0.43 7.34 15.70
C THR C 78 -0.88 7.68 16.40
N ALA C 79 -1.75 6.68 16.49
CA ALA C 79 -2.99 6.77 17.24
C ALA C 79 -2.88 5.92 18.50
N TYR C 80 -3.70 6.23 19.49
CA TYR C 80 -3.66 5.50 20.75
C TYR C 80 -5.07 5.24 21.25
N LEU C 81 -5.24 4.09 21.92
CA LEU C 81 -6.48 3.72 22.60
C LEU C 81 -6.13 3.34 24.04
N GLN C 82 -6.40 4.25 24.97
CA GLN C 82 -6.29 3.96 26.39
C GLN C 82 -7.57 3.28 26.88
N MET C 83 -7.41 2.27 27.73
CA MET C 83 -8.49 1.45 28.23
C MET C 83 -8.35 1.36 29.73
N ASN C 84 -9.48 1.41 30.44
N ASN C 84 -9.47 1.48 30.45
CA ASN C 84 -9.50 1.48 31.89
CA ASN C 84 -9.45 1.43 31.89
C ASN C 84 -10.71 0.71 32.41
C ASN C 84 -10.67 0.66 32.39
N SER C 85 -10.56 0.13 33.60
CA SER C 85 -11.64 -0.61 34.25
C SER C 85 -12.25 -1.63 33.28
N LEU C 86 -11.38 -2.37 32.60
CA LEU C 86 -11.82 -3.24 31.52
C LEU C 86 -12.68 -4.39 32.06
N ARG C 87 -13.68 -4.76 31.27
CA ARG C 87 -14.57 -5.86 31.58
C ARG C 87 -14.18 -7.10 30.78
N ALA C 88 -14.80 -8.23 31.14
CA ALA C 88 -14.67 -9.42 30.31
C ALA C 88 -15.31 -9.23 28.94
N GLU C 89 -16.26 -8.32 28.82
CA GLU C 89 -16.87 -7.97 27.53
C GLU C 89 -15.86 -7.31 26.59
N ASP C 90 -14.78 -6.76 27.12
CA ASP C 90 -13.82 -6.04 26.30
C ASP C 90 -12.78 -6.95 25.65
N THR C 91 -12.78 -8.24 25.99
CA THR C 91 -11.85 -9.18 25.38
C THR C 91 -12.13 -9.28 23.88
N ALA C 92 -11.12 -8.96 23.07
CA ALA C 92 -11.32 -8.98 21.62
C ALA C 92 -10.02 -8.67 20.91
N VAL C 93 -10.05 -8.87 19.59
CA VAL C 93 -9.00 -8.35 18.73
C VAL C 93 -9.34 -6.92 18.36
N TYR C 94 -8.41 -6.00 18.63
CA TYR C 94 -8.59 -4.58 18.34
C TYR C 94 -7.80 -4.24 17.09
N TYR C 95 -8.52 -3.90 16.03
CA TYR C 95 -7.96 -3.45 14.77
C TYR C 95 -7.93 -1.92 14.72
N CYS C 96 -6.90 -1.40 14.07
CA CYS C 96 -6.79 0.00 13.72
C CYS C 96 -7.01 0.15 12.23
N SER C 97 -7.88 1.09 11.83
CA SER C 97 -8.19 1.29 10.42
C SER C 97 -8.28 2.78 10.14
N ARG C 98 -8.45 3.12 8.86
CA ARG C 98 -8.52 4.51 8.42
C ARG C 98 -9.64 4.67 7.41
N TRP C 99 -10.26 5.85 7.40
CA TRP C 99 -11.34 6.14 6.44
C TRP C 99 -10.74 6.22 5.03
N PHE C 104 -13.69 9.45 -0.23
CA PHE C 104 -13.49 8.05 0.13
C PHE C 104 -13.61 7.88 1.64
N TYR C 105 -14.76 7.40 2.09
CA TYR C 105 -15.01 7.18 3.52
C TYR C 105 -15.30 5.71 3.80
N ALA C 106 -14.64 4.81 3.08
CA ALA C 106 -14.65 3.39 3.39
C ALA C 106 -13.37 3.03 4.14
N MET C 107 -13.45 2.04 5.03
CA MET C 107 -12.28 1.56 5.75
C MET C 107 -11.44 0.75 4.78
N ASP C 108 -10.54 1.44 4.07
CA ASP C 108 -9.79 0.80 3.00
C ASP C 108 -8.58 0.03 3.51
N TYR C 109 -7.96 0.47 4.59
CA TYR C 109 -6.77 -0.18 5.12
C TYR C 109 -6.96 -0.51 6.59
N TRP C 110 -6.48 -1.68 6.99
CA TRP C 110 -6.60 -2.18 8.34
C TRP C 110 -5.25 -2.67 8.82
N GLY C 111 -5.02 -2.52 10.12
CA GLY C 111 -3.95 -3.25 10.76
C GLY C 111 -4.33 -4.70 10.98
N GLN C 112 -3.33 -5.53 11.28
CA GLN C 112 -3.61 -6.94 11.49
C GLN C 112 -4.16 -7.23 12.88
N GLY C 113 -4.34 -6.21 13.70
CA GLY C 113 -5.02 -6.35 14.97
C GLY C 113 -4.10 -6.73 16.11
N THR C 114 -4.56 -6.44 17.33
CA THR C 114 -3.83 -6.80 18.54
C THR C 114 -4.83 -7.32 19.56
N LEU C 115 -4.48 -8.42 20.23
CA LEU C 115 -5.42 -9.08 21.12
C LEU C 115 -5.38 -8.46 22.52
N VAL C 116 -6.56 -8.17 23.07
CA VAL C 116 -6.70 -7.75 24.47
C VAL C 116 -7.57 -8.79 25.15
N THR C 117 -7.02 -9.46 26.16
CA THR C 117 -7.71 -10.49 26.92
C THR C 117 -7.93 -10.00 28.35
N VAL C 118 -9.17 -10.04 28.81
CA VAL C 118 -9.54 -9.57 30.13
C VAL C 118 -10.20 -10.73 30.86
N SER C 119 -9.44 -11.44 31.68
CA SER C 119 -9.98 -12.55 32.46
C SER C 119 -9.41 -12.52 33.87
N SER C 120 -10.10 -13.19 34.78
CA SER C 120 -9.75 -13.17 36.19
C SER C 120 -8.57 -14.08 36.50
N ASP C 141 -29.23 2.99 16.70
CA ASP C 141 -28.27 3.14 15.60
C ASP C 141 -28.78 2.44 14.34
N ILE C 142 -28.20 2.77 13.20
CA ILE C 142 -28.52 2.07 11.97
C ILE C 142 -28.17 0.60 12.17
N GLN C 143 -29.15 -0.29 11.94
CA GLN C 143 -28.98 -1.71 12.16
C GLN C 143 -28.85 -2.40 10.80
N MET C 144 -27.68 -2.97 10.54
CA MET C 144 -27.42 -3.70 9.31
C MET C 144 -27.71 -5.18 9.56
N THR C 145 -28.80 -5.68 8.99
CA THR C 145 -29.22 -7.06 9.17
C THR C 145 -28.78 -7.86 7.94
N GLN C 146 -27.95 -8.87 8.16
CA GLN C 146 -27.32 -9.61 7.08
C GLN C 146 -27.99 -10.97 6.92
N SER C 147 -28.16 -11.40 5.67
CA SER C 147 -28.75 -12.68 5.36
C SER C 147 -27.91 -13.38 4.28
N PRO C 148 -27.60 -14.68 4.45
CA PRO C 148 -27.82 -15.48 5.67
C PRO C 148 -26.63 -15.44 6.63
N SER C 149 -26.78 -16.05 7.81
CA SER C 149 -25.64 -16.15 8.72
C SER C 149 -24.55 -17.05 8.17
N SER C 150 -24.93 -18.11 7.47
CA SER C 150 -23.98 -19.01 6.83
C SER C 150 -24.61 -19.54 5.55
N LEU C 151 -23.77 -19.90 4.59
CA LEU C 151 -24.25 -20.52 3.36
C LEU C 151 -23.13 -21.35 2.76
N SER C 152 -23.46 -22.56 2.34
CA SER C 152 -22.51 -23.46 1.73
C SER C 152 -22.62 -23.37 0.21
N ALA C 153 -21.47 -23.36 -0.46
CA ALA C 153 -21.43 -23.24 -1.91
C ALA C 153 -20.25 -24.05 -2.41
N SER C 154 -20.10 -24.07 -3.74
CA SER C 154 -19.04 -24.83 -4.39
C SER C 154 -18.31 -23.95 -5.39
N VAL C 155 -17.05 -24.29 -5.65
CA VAL C 155 -16.26 -23.54 -6.61
C VAL C 155 -17.01 -23.46 -7.93
N GLY C 156 -17.15 -22.25 -8.45
CA GLY C 156 -17.89 -22.00 -9.66
C GLY C 156 -19.31 -21.52 -9.44
N ASP C 157 -19.84 -21.65 -8.23
CA ASP C 157 -21.20 -21.21 -7.99
C ASP C 157 -21.29 -19.68 -8.01
N ARG C 158 -22.48 -19.19 -8.30
CA ARG C 158 -22.81 -17.78 -8.15
C ARG C 158 -23.38 -17.57 -6.76
N VAL C 159 -22.75 -16.70 -5.97
CA VAL C 159 -23.13 -16.49 -4.58
C VAL C 159 -23.71 -15.09 -4.44
N THR C 160 -24.77 -14.97 -3.64
CA THR C 160 -25.43 -13.70 -3.40
C THR C 160 -25.70 -13.56 -1.90
N ILE C 161 -25.20 -12.48 -1.32
CA ILE C 161 -25.38 -12.17 0.11
C ILE C 161 -26.11 -10.84 0.20
N THR C 162 -27.10 -10.77 1.09
CA THR C 162 -27.93 -9.57 1.19
C THR C 162 -27.72 -8.89 2.53
N CYS C 163 -27.79 -7.57 2.53
CA CYS C 163 -27.73 -6.78 3.75
C CYS C 163 -28.79 -5.69 3.67
N ARG C 164 -29.60 -5.60 4.72
CA ARG C 164 -30.67 -4.63 4.81
C ARG C 164 -30.28 -3.57 5.84
N ALA C 165 -30.38 -2.31 5.45
CA ALA C 165 -30.21 -1.20 6.37
C ALA C 165 -31.54 -0.89 7.05
N SER C 166 -31.49 -0.64 8.36
CA SER C 166 -32.71 -0.29 9.08
C SER C 166 -33.26 1.05 8.63
N GLN C 167 -32.41 1.95 8.14
CA GLN C 167 -32.81 3.28 7.72
C GLN C 167 -31.98 3.69 6.53
N ASP C 168 -32.51 4.64 5.75
CA ASP C 168 -31.86 5.05 4.51
C ASP C 168 -30.38 5.36 4.76
N VAL C 169 -29.54 4.69 3.98
CA VAL C 169 -28.07 4.81 4.07
C VAL C 169 -27.51 5.21 2.71
N ASN C 170 -28.01 6.30 2.14
CA ASN C 170 -28.20 6.50 0.72
C ASN C 170 -27.36 5.67 -0.24
N THR C 171 -26.05 5.79 -0.22
CA THR C 171 -25.24 4.86 -0.99
C THR C 171 -23.99 4.53 -0.16
N ALA C 172 -24.03 4.87 1.12
CA ALA C 172 -22.92 4.66 2.04
C ALA C 172 -23.01 3.25 2.60
N VAL C 173 -22.61 2.29 1.77
CA VAL C 173 -22.51 0.90 2.18
C VAL C 173 -21.24 0.30 1.58
N ALA C 174 -20.43 -0.32 2.42
CA ALA C 174 -19.23 -1.03 2.00
C ALA C 174 -19.37 -2.50 2.38
N TRP C 175 -18.56 -3.33 1.72
CA TRP C 175 -18.49 -4.75 2.01
C TRP C 175 -17.06 -5.20 2.10
N TYR C 176 -16.80 -6.09 3.08
CA TYR C 176 -15.49 -6.59 3.43
C TYR C 176 -15.46 -8.11 3.46
N GLN C 177 -14.29 -8.67 3.19
CA GLN C 177 -13.99 -10.08 3.31
C GLN C 177 -13.00 -10.28 4.46
N GLN C 178 -13.21 -11.33 5.26
CA GLN C 178 -12.32 -11.66 6.36
C GLN C 178 -12.15 -13.16 6.43
N LYS C 179 -10.93 -13.60 6.42
CA LYS C 179 -10.54 -14.97 6.65
C LYS C 179 -10.05 -15.14 8.07
N PRO C 180 -10.19 -16.32 8.66
CA PRO C 180 -9.79 -16.49 10.06
C PRO C 180 -8.33 -16.13 10.27
N GLY C 181 -8.08 -15.40 11.35
CA GLY C 181 -6.73 -15.00 11.69
C GLY C 181 -6.21 -13.79 10.96
N LYS C 182 -7.06 -13.08 10.22
CA LYS C 182 -6.63 -11.93 9.43
C LYS C 182 -7.63 -10.80 9.61
N ALA C 183 -7.18 -9.60 9.26
CA ALA C 183 -8.02 -8.42 9.33
C ALA C 183 -8.97 -8.37 8.14
N PRO C 184 -10.11 -7.70 8.28
CA PRO C 184 -11.03 -7.55 7.15
C PRO C 184 -10.35 -6.84 5.99
N LYS C 185 -10.85 -7.11 4.78
CA LYS C 185 -10.36 -6.51 3.56
C LYS C 185 -11.52 -5.86 2.82
N LEU C 186 -11.34 -4.61 2.41
CA LEU C 186 -12.43 -3.91 1.72
C LEU C 186 -12.64 -4.52 0.34
N LEU C 187 -13.91 -4.80 0.02
CA LEU C 187 -14.29 -5.33 -1.27
C LEU C 187 -14.97 -4.27 -2.13
N ILE C 188 -16.04 -3.66 -1.63
CA ILE C 188 -16.74 -2.61 -2.38
C ILE C 188 -17.03 -1.45 -1.45
N TYR C 189 -16.61 -0.25 -1.84
CA TYR C 189 -16.69 0.86 -0.88
C TYR C 189 -18.05 1.53 -0.84
N SER C 190 -18.40 2.23 -1.89
CA SER C 190 -19.76 2.71 -2.01
C SER C 190 -20.55 1.57 -2.67
N ALA C 191 -21.85 1.78 -2.78
CA ALA C 191 -22.80 0.70 -3.11
C ALA C 191 -22.24 -0.29 -4.13
N SER C 192 -21.60 0.19 -5.21
CA SER C 192 -21.24 -0.72 -6.28
C SER C 192 -19.88 -0.43 -6.92
N PHE C 193 -18.92 0.05 -6.14
CA PHE C 193 -17.59 0.37 -6.67
C PHE C 193 -16.57 -0.65 -6.18
N LEU C 194 -15.78 -1.18 -7.11
CA LEU C 194 -14.82 -2.22 -6.81
C LEU C 194 -13.49 -1.61 -6.39
N TYR C 195 -12.98 -2.04 -5.24
CA TYR C 195 -11.74 -1.50 -4.69
C TYR C 195 -10.56 -1.91 -5.57
N SER C 196 -9.49 -1.12 -5.48
CA SER C 196 -8.30 -1.35 -6.29
C SER C 196 -7.76 -2.75 -6.06
N GLY C 197 -7.73 -3.56 -7.11
CA GLY C 197 -7.15 -4.89 -7.07
C GLY C 197 -8.13 -6.01 -6.81
N VAL C 198 -9.37 -5.71 -6.46
CA VAL C 198 -10.37 -6.76 -6.25
C VAL C 198 -10.69 -7.42 -7.59
N PRO C 199 -10.73 -8.74 -7.67
CA PRO C 199 -11.04 -9.39 -8.95
C PRO C 199 -12.41 -8.98 -9.49
N SER C 200 -12.53 -9.08 -10.82
CA SER C 200 -13.71 -8.58 -11.50
C SER C 200 -14.98 -9.35 -11.16
N ARG C 201 -14.86 -10.55 -10.59
CA ARG C 201 -16.03 -11.38 -10.34
C ARG C 201 -16.88 -10.86 -9.18
N PHE C 202 -16.33 -9.98 -8.34
CA PHE C 202 -17.09 -9.38 -7.26
C PHE C 202 -17.92 -8.21 -7.77
N SER C 203 -19.15 -8.09 -7.25
CA SER C 203 -20.00 -6.98 -7.62
C SER C 203 -20.94 -6.66 -6.45
N GLY C 204 -21.40 -5.41 -6.42
CA GLY C 204 -22.37 -5.00 -5.43
C GLY C 204 -23.40 -4.08 -6.05
N SER C 205 -24.56 -4.02 -5.41
CA SER C 205 -25.61 -3.16 -5.93
C SER C 205 -26.60 -2.79 -4.83
N ARG C 206 -27.24 -1.63 -5.01
CA ARG C 206 -28.19 -1.06 -4.08
C ARG C 206 -29.58 -1.06 -4.70
N SER C 207 -30.60 -1.31 -3.88
CA SER C 207 -31.98 -1.18 -4.34
C SER C 207 -32.85 -0.96 -3.12
N GLY C 208 -33.34 0.27 -2.95
CA GLY C 208 -34.29 0.55 -1.89
C GLY C 208 -33.91 -0.07 -0.56
N THR C 209 -32.81 0.40 0.04
CA THR C 209 -32.31 -0.02 1.35
C THR C 209 -31.91 -1.49 1.40
N ASP C 210 -31.78 -2.14 0.26
CA ASP C 210 -31.34 -3.53 0.18
C ASP C 210 -30.09 -3.60 -0.68
N PHE C 211 -28.95 -3.90 -0.07
CA PHE C 211 -27.68 -3.97 -0.77
C PHE C 211 -27.30 -5.43 -0.92
N THR C 212 -26.69 -5.76 -2.06
CA THR C 212 -26.40 -7.15 -2.38
C THR C 212 -24.98 -7.25 -2.90
N LEU C 213 -24.24 -8.22 -2.36
CA LEU C 213 -22.93 -8.61 -2.86
C LEU C 213 -23.09 -9.91 -3.65
N THR C 214 -22.54 -9.95 -4.85
CA THR C 214 -22.62 -11.17 -5.65
C THR C 214 -21.27 -11.50 -6.25
N ILE C 215 -20.97 -12.80 -6.29
CA ILE C 215 -19.77 -13.35 -6.90
C ILE C 215 -20.22 -14.26 -8.03
N SER C 216 -19.73 -13.97 -9.24
CA SER C 216 -20.24 -14.67 -10.42
C SER C 216 -19.82 -16.14 -10.44
N SER C 217 -18.53 -16.41 -10.24
CA SER C 217 -18.01 -17.78 -10.19
C SER C 217 -17.09 -17.88 -8.98
N LEU C 218 -17.60 -18.41 -7.88
CA LEU C 218 -16.83 -18.45 -6.64
C LEU C 218 -15.56 -19.27 -6.83
N GLN C 219 -14.44 -18.72 -6.39
CA GLN C 219 -13.14 -19.36 -6.48
C GLN C 219 -12.74 -19.96 -5.13
N PRO C 220 -11.76 -20.86 -5.12
CA PRO C 220 -11.36 -21.49 -3.84
C PRO C 220 -10.87 -20.48 -2.81
N GLU C 221 -10.43 -19.29 -3.23
CA GLU C 221 -9.97 -18.28 -2.30
C GLU C 221 -11.09 -17.37 -1.79
N ASP C 222 -12.34 -17.61 -2.22
CA ASP C 222 -13.46 -16.77 -1.82
C ASP C 222 -14.23 -17.32 -0.62
N PHE C 223 -13.85 -18.48 -0.10
CA PHE C 223 -14.50 -19.04 1.08
C PHE C 223 -13.98 -18.31 2.31
N ALA C 224 -14.84 -17.47 2.87
CA ALA C 224 -14.47 -16.58 3.98
C ALA C 224 -15.76 -16.05 4.59
N THR C 225 -15.63 -15.06 5.47
CA THR C 225 -16.78 -14.38 6.05
C THR C 225 -16.89 -12.98 5.46
N TYR C 226 -18.11 -12.58 5.12
CA TYR C 226 -18.35 -11.30 4.47
C TYR C 226 -19.21 -10.43 5.37
N TYR C 227 -18.79 -9.18 5.53
CA TYR C 227 -19.48 -8.22 6.38
C TYR C 227 -19.95 -7.05 5.53
N CYS C 228 -21.19 -6.63 5.77
CA CYS C 228 -21.68 -5.35 5.27
C CYS C 228 -21.49 -4.30 6.35
N GLN C 229 -21.16 -3.09 5.92
CA GLN C 229 -21.04 -1.94 6.81
C GLN C 229 -21.77 -0.76 6.15
N GLN C 230 -22.39 0.07 6.97
CA GLN C 230 -22.88 1.37 6.52
C GLN C 230 -21.97 2.44 7.11
N HIS C 231 -21.54 3.38 6.28
CA HIS C 231 -20.70 4.50 6.68
C HIS C 231 -21.35 5.82 6.28
N TYR C 232 -22.65 5.92 6.51
CA TYR C 232 -23.44 7.12 6.28
C TYR C 232 -23.42 8.02 7.51
N THR C 233 -23.80 7.47 8.65
CA THR C 233 -23.78 8.16 9.93
C THR C 233 -22.60 7.67 10.76
N THR C 234 -22.54 8.10 12.01
CA THR C 234 -21.63 7.59 13.02
C THR C 234 -22.46 7.25 14.25
N PRO C 235 -22.21 6.11 14.92
CA PRO C 235 -21.10 5.18 14.61
C PRO C 235 -21.36 4.27 13.41
N PRO C 236 -20.34 4.04 12.58
CA PRO C 236 -20.49 3.05 11.52
C PRO C 236 -20.84 1.68 12.10
N THR C 237 -21.75 0.98 11.44
CA THR C 237 -22.26 -0.29 11.91
C THR C 237 -21.95 -1.38 10.91
N PHE C 238 -21.91 -2.62 11.41
CA PHE C 238 -21.59 -3.78 10.60
C PHE C 238 -22.73 -4.80 10.67
N GLY C 239 -22.86 -5.58 9.61
CA GLY C 239 -23.70 -6.76 9.68
C GLY C 239 -23.07 -7.85 10.54
N GLN C 240 -23.92 -8.80 10.96
CA GLN C 240 -23.43 -9.85 11.84
C GLN C 240 -22.40 -10.74 11.16
N GLY C 241 -22.41 -10.82 9.84
CA GLY C 241 -21.45 -11.62 9.11
C GLY C 241 -22.11 -12.78 8.40
N THR C 242 -21.63 -13.06 7.19
CA THR C 242 -22.05 -14.23 6.42
C THR C 242 -20.82 -15.09 6.18
N LYS C 243 -20.89 -16.36 6.58
CA LYS C 243 -19.79 -17.30 6.40
C LYS C 243 -20.09 -18.13 5.15
N VAL C 244 -19.15 -18.13 4.21
CA VAL C 244 -19.27 -18.89 2.97
C VAL C 244 -18.36 -20.11 3.10
N GLU C 245 -18.96 -21.30 3.08
CA GLU C 245 -18.27 -22.54 3.37
C GLU C 245 -18.45 -23.53 2.22
N ILE C 246 -17.63 -24.58 2.26
CA ILE C 246 -17.71 -25.63 1.23
C ILE C 246 -19.00 -26.42 1.41
N LYS C 247 -19.76 -26.56 0.34
CA LYS C 247 -20.96 -27.38 0.37
C LYS C 247 -20.57 -28.85 0.31
N GLY C 248 -21.32 -29.68 1.02
CA GLY C 248 -21.07 -31.10 1.02
C GLY C 248 -19.84 -31.50 1.80
N SER C 249 -19.12 -32.50 1.30
CA SER C 249 -18.04 -33.11 2.06
C SER C 249 -16.87 -32.14 2.21
N ASP C 250 -15.97 -32.49 3.14
CA ASP C 250 -14.68 -31.82 3.20
C ASP C 250 -13.86 -32.17 1.96
N ILE C 251 -12.94 -31.27 1.60
CA ILE C 251 -12.08 -31.51 0.45
C ILE C 251 -11.42 -32.87 0.64
N VAL C 252 -11.66 -33.78 -0.29
CA VAL C 252 -11.18 -35.16 -0.19
C VAL C 252 -9.97 -35.33 -1.09
N LEU C 253 -8.88 -35.83 -0.53
CA LEU C 253 -7.66 -36.12 -1.27
C LEU C 253 -7.52 -37.63 -1.37
N THR C 254 -7.48 -38.14 -2.59
CA THR C 254 -7.40 -39.57 -2.86
C THR C 254 -6.05 -39.88 -3.50
N GLN C 255 -5.27 -40.71 -2.84
CA GLN C 255 -3.92 -41.04 -3.30
C GLN C 255 -3.92 -42.38 -4.04
N SER C 256 -2.96 -42.52 -4.95
CA SER C 256 -2.80 -43.73 -5.74
C SER C 256 -1.33 -43.98 -6.07
N PRO C 257 -0.82 -45.20 -5.87
CA PRO C 257 -1.49 -46.37 -5.26
C PRO C 257 -1.56 -46.27 -3.74
N ASP C 258 -2.22 -47.23 -3.11
CA ASP C 258 -2.18 -47.32 -1.65
C ASP C 258 -0.85 -47.89 -1.17
N SER C 259 -0.28 -48.82 -1.92
CA SER C 259 1.03 -49.40 -1.62
C SER C 259 1.89 -49.37 -2.88
N LEU C 260 3.16 -49.05 -2.72
CA LEU C 260 4.10 -49.03 -3.82
C LEU C 260 5.38 -49.73 -3.39
N ALA C 261 5.93 -50.52 -4.30
CA ALA C 261 7.16 -51.27 -4.05
C ALA C 261 8.03 -51.14 -5.30
N VAL C 262 9.07 -50.31 -5.22
CA VAL C 262 10.01 -50.16 -6.31
C VAL C 262 11.39 -50.59 -5.81
N SER C 263 12.20 -51.11 -6.72
CA SER C 263 13.52 -51.59 -6.36
C SER C 263 14.42 -50.42 -5.97
N LEU C 264 15.49 -50.73 -5.26
CA LEU C 264 16.43 -49.70 -4.84
C LEU C 264 17.02 -49.01 -6.06
N GLY C 265 17.00 -47.68 -6.05
CA GLY C 265 17.56 -46.89 -7.11
C GLY C 265 16.62 -46.54 -8.25
N GLU C 266 15.36 -46.96 -8.18
CA GLU C 266 14.41 -46.74 -9.25
C GLU C 266 13.35 -45.72 -8.83
N ARG C 267 12.61 -45.23 -9.82
CA ARG C 267 11.69 -44.12 -9.61
C ARG C 267 10.40 -44.59 -8.95
N ALA C 268 9.88 -43.75 -8.06
CA ALA C 268 8.61 -44.00 -7.37
C ALA C 268 7.68 -42.83 -7.63
N THR C 269 6.44 -43.13 -8.01
CA THR C 269 5.46 -42.12 -8.37
C THR C 269 4.21 -42.30 -7.54
N ILE C 270 3.77 -41.24 -6.87
CA ILE C 270 2.56 -41.22 -6.07
C ILE C 270 1.68 -40.09 -6.58
N ASN C 271 0.42 -40.39 -6.86
N ASN C 271 0.42 -40.38 -6.84
CA ASN C 271 -0.53 -39.42 -7.38
CA ASN C 271 -0.52 -39.41 -7.37
C ASN C 271 -1.55 -39.05 -6.31
C ASN C 271 -1.55 -39.06 -6.31
N CYS C 272 -2.01 -37.80 -6.35
CA CYS C 272 -3.02 -37.28 -5.43
C CYS C 272 -4.08 -36.57 -6.26
N ARG C 273 -5.34 -36.91 -6.01
CA ARG C 273 -6.48 -36.32 -6.72
C ARG C 273 -7.35 -35.59 -5.70
N SER C 274 -7.62 -34.33 -5.95
CA SER C 274 -8.39 -33.49 -5.04
C SER C 274 -9.83 -33.39 -5.52
N SER C 275 -10.77 -33.41 -4.57
CA SER C 275 -12.19 -33.33 -4.91
C SER C 275 -12.56 -31.96 -5.47
N GLN C 276 -11.78 -30.92 -5.16
CA GLN C 276 -11.93 -29.62 -5.78
C GLN C 276 -10.54 -29.05 -6.04
N THR C 277 -10.49 -28.04 -6.91
CA THR C 277 -9.20 -27.48 -7.29
C THR C 277 -8.55 -26.76 -6.12
N LEU C 278 -7.23 -26.94 -5.99
CA LEU C 278 -6.43 -26.27 -4.98
C LEU C 278 -5.72 -25.04 -5.54
N LEU C 279 -6.07 -24.62 -6.75
CA LEU C 279 -5.42 -23.50 -7.41
C LEU C 279 -6.18 -22.22 -7.11
N TYR C 280 -5.52 -21.27 -6.45
CA TYR C 280 -6.09 -19.95 -6.22
C TYR C 280 -6.01 -19.15 -7.51
N SER C 281 -7.15 -18.60 -7.94
CA SER C 281 -7.18 -17.84 -9.18
C SER C 281 -6.58 -16.45 -9.04
N ASN C 282 -6.43 -15.95 -7.80
N ASN C 282 -6.43 -15.94 -7.81
CA ASN C 282 -5.83 -14.63 -7.61
CA ASN C 282 -5.83 -14.63 -7.62
C ASN C 282 -4.32 -14.66 -7.77
C ASN C 282 -4.32 -14.65 -7.77
N ASN C 283 -3.67 -15.76 -7.41
CA ASN C 283 -2.21 -15.85 -7.46
C ASN C 283 -1.68 -17.06 -8.20
N GLN C 284 -2.53 -17.91 -8.75
CA GLN C 284 -2.11 -19.10 -9.49
C GLN C 284 -1.13 -19.94 -8.69
N LYS C 285 -1.47 -20.18 -7.42
CA LYS C 285 -0.68 -21.03 -6.54
C LYS C 285 -1.55 -22.20 -6.08
N ASN C 286 -0.94 -23.39 -6.02
CA ASN C 286 -1.63 -24.61 -5.60
C ASN C 286 -1.31 -24.86 -4.14
N TYR C 287 -2.33 -24.90 -3.30
CA TYR C 287 -2.16 -25.03 -1.85
C TYR C 287 -2.12 -26.52 -1.47
N LEU C 288 -1.04 -27.16 -1.92
CA LEU C 288 -0.87 -28.61 -1.81
C LEU C 288 0.54 -28.90 -1.33
N ALA C 289 0.65 -29.76 -0.31
CA ALA C 289 1.93 -30.11 0.27
C ALA C 289 2.05 -31.62 0.33
N TRP C 290 3.30 -32.08 0.40
CA TRP C 290 3.64 -33.49 0.51
C TRP C 290 4.49 -33.70 1.74
N TYR C 291 4.14 -34.73 2.52
CA TYR C 291 4.80 -35.07 3.77
C TYR C 291 5.24 -36.53 3.75
N GLN C 292 6.34 -36.80 4.46
CA GLN C 292 6.83 -38.14 4.72
C GLN C 292 6.60 -38.47 6.18
N LYS C 293 6.16 -39.69 6.45
CA LYS C 293 5.85 -40.12 7.82
C LYS C 293 6.48 -41.49 8.03
N LYS C 294 7.37 -41.56 9.01
CA LYS C 294 7.98 -42.79 9.48
C LYS C 294 7.48 -43.08 10.89
N PRO C 295 7.49 -44.34 11.31
CA PRO C 295 7.05 -44.65 12.68
C PRO C 295 7.87 -43.88 13.71
N GLY C 296 7.18 -43.38 14.73
CA GLY C 296 7.86 -42.76 15.84
C GLY C 296 8.48 -41.41 15.58
N GLN C 297 8.28 -40.83 14.41
CA GLN C 297 8.84 -39.53 14.07
C GLN C 297 7.72 -38.62 13.60
N PRO C 298 7.84 -37.32 13.84
CA PRO C 298 6.80 -36.39 13.36
C PRO C 298 6.76 -36.32 11.87
N PRO C 299 5.64 -35.95 11.26
CA PRO C 299 5.58 -35.79 9.82
C PRO C 299 6.67 -34.83 9.34
N LYS C 300 7.21 -35.12 8.16
CA LYS C 300 8.30 -34.35 7.57
C LYS C 300 7.80 -33.70 6.29
N LEU C 301 7.81 -32.38 6.26
CA LEU C 301 7.41 -31.66 5.06
C LEU C 301 8.43 -31.93 3.96
N LEU C 302 7.96 -32.44 2.82
CA LEU C 302 8.79 -32.60 1.65
C LEU C 302 8.58 -31.48 0.65
N ILE C 303 7.33 -31.17 0.34
CA ILE C 303 7.02 -30.20 -0.71
C ILE C 303 5.86 -29.33 -0.27
N SER C 304 5.88 -28.07 -0.69
CA SER C 304 4.76 -27.17 -0.53
C SER C 304 4.53 -26.46 -1.86
N TRP C 305 3.36 -25.84 -2.00
CA TRP C 305 2.96 -25.17 -3.23
C TRP C 305 3.01 -26.11 -4.44
N ALA C 306 2.93 -27.41 -4.15
CA ALA C 306 2.82 -28.49 -5.12
C ALA C 306 4.10 -28.77 -5.87
N PHE C 307 5.08 -27.84 -5.83
CA PHE C 307 6.35 -28.14 -6.47
C PHE C 307 7.57 -27.56 -5.76
N THR C 308 7.42 -26.83 -4.66
CA THR C 308 8.55 -26.20 -4.00
C THR C 308 9.11 -27.13 -2.95
N ARG C 309 10.34 -27.58 -3.17
CA ARG C 309 10.98 -28.53 -2.25
C ARG C 309 11.46 -27.82 -1.00
N LYS C 310 11.07 -28.33 0.16
N LYS C 310 11.07 -28.33 0.16
CA LYS C 310 11.51 -27.75 1.42
CA LYS C 310 11.50 -27.75 1.42
C LYS C 310 13.02 -27.84 1.53
C LYS C 310 13.02 -27.84 1.53
N SER C 311 13.62 -26.79 2.09
CA SER C 311 15.08 -26.77 2.26
C SER C 311 15.54 -27.97 3.08
N GLY C 312 16.57 -28.65 2.57
CA GLY C 312 17.17 -29.77 3.25
C GLY C 312 16.69 -31.14 2.78
N VAL C 313 15.53 -31.22 2.15
CA VAL C 313 15.02 -32.51 1.67
C VAL C 313 15.86 -32.97 0.48
N PRO C 314 16.25 -34.24 0.41
CA PRO C 314 17.03 -34.70 -0.75
C PRO C 314 16.32 -34.39 -2.06
N ASP C 315 17.09 -33.89 -3.03
CA ASP C 315 16.51 -33.38 -4.26
C ASP C 315 15.99 -34.48 -5.19
N ARG C 316 16.19 -35.75 -4.86
CA ARG C 316 15.49 -36.80 -5.60
C ARG C 316 13.99 -36.73 -5.40
N PHE C 317 13.54 -36.04 -4.35
CA PHE C 317 12.12 -35.76 -4.16
C PHE C 317 11.73 -34.56 -5.02
N SER C 318 10.62 -34.69 -5.75
CA SER C 318 10.12 -33.59 -6.55
C SER C 318 8.60 -33.67 -6.62
N GLY C 319 7.98 -32.51 -6.83
CA GLY C 319 6.54 -32.43 -6.92
C GLY C 319 6.11 -31.72 -8.18
N SER C 320 4.96 -32.12 -8.69
CA SER C 320 4.42 -31.51 -9.91
C SER C 320 2.91 -31.66 -9.91
N GLY C 321 2.27 -31.10 -10.93
CA GLY C 321 0.84 -31.15 -11.09
C GLY C 321 0.19 -29.81 -10.80
N SER C 322 -1.13 -29.79 -10.98
CA SER C 322 -1.88 -28.56 -10.79
C SER C 322 -3.35 -28.88 -10.65
N GLY C 323 -4.11 -27.87 -10.23
CA GLY C 323 -5.55 -27.99 -10.13
C GLY C 323 -5.98 -29.05 -9.16
N THR C 324 -6.46 -30.17 -9.70
CA THR C 324 -6.94 -31.27 -8.88
C THR C 324 -6.05 -32.50 -8.94
N ASP C 325 -4.96 -32.47 -9.72
CA ASP C 325 -4.13 -33.67 -9.88
C ASP C 325 -2.67 -33.30 -9.64
N PHE C 326 -2.03 -34.02 -8.72
CA PHE C 326 -0.67 -33.72 -8.30
C PHE C 326 0.12 -35.02 -8.20
N THR C 327 1.44 -34.90 -8.26
CA THR C 327 2.31 -36.07 -8.25
C THR C 327 3.57 -35.77 -7.45
N LEU C 328 3.94 -36.73 -6.61
CA LEU C 328 5.22 -36.76 -5.91
C LEU C 328 6.08 -37.85 -6.55
N THR C 329 7.32 -37.51 -6.88
CA THR C 329 8.25 -38.42 -7.52
C THR C 329 9.52 -38.52 -6.71
N ILE C 330 9.99 -39.74 -6.49
CA ILE C 330 11.29 -40.03 -5.92
C ILE C 330 12.13 -40.59 -7.06
N SER C 331 13.17 -39.83 -7.47
CA SER C 331 13.91 -40.18 -8.66
C SER C 331 14.63 -41.52 -8.52
N SER C 332 15.17 -41.81 -7.34
CA SER C 332 15.94 -43.02 -7.10
C SER C 332 15.69 -43.43 -5.65
N LEU C 333 14.81 -44.41 -5.46
CA LEU C 333 14.36 -44.75 -4.11
C LEU C 333 15.52 -45.29 -3.28
N GLN C 334 15.56 -44.88 -2.02
CA GLN C 334 16.57 -45.31 -1.06
C GLN C 334 15.88 -45.99 0.12
N ALA C 335 16.66 -46.79 0.86
CA ALA C 335 16.12 -47.42 2.06
C ALA C 335 15.60 -46.39 3.04
N GLU C 336 16.22 -45.21 3.10
CA GLU C 336 15.77 -44.17 4.01
C GLU C 336 14.45 -43.55 3.56
N ASP C 337 13.97 -43.87 2.36
CA ASP C 337 12.70 -43.34 1.88
C ASP C 337 11.51 -44.27 2.17
N VAL C 338 11.76 -45.43 2.76
CA VAL C 338 10.66 -46.35 3.07
C VAL C 338 9.77 -45.71 4.13
N ALA C 339 8.52 -45.43 3.76
CA ALA C 339 7.68 -44.63 4.64
C ALA C 339 6.27 -44.47 4.09
N VAL C 340 5.37 -43.82 4.83
CA VAL C 340 4.06 -43.46 4.31
C VAL C 340 4.09 -42.01 3.88
N TYR C 341 3.71 -41.74 2.64
CA TYR C 341 3.70 -40.40 2.09
C TYR C 341 2.27 -39.90 2.00
N TYR C 342 2.06 -38.67 2.46
CA TYR C 342 0.74 -38.06 2.50
C TYR C 342 0.74 -36.78 1.67
N CYS C 343 -0.30 -36.58 0.87
CA CYS C 343 -0.59 -35.26 0.36
C CYS C 343 -1.53 -34.55 1.36
N GLN C 344 -1.51 -33.22 1.31
CA GLN C 344 -2.22 -32.42 2.30
C GLN C 344 -2.60 -31.10 1.65
N GLN C 345 -3.87 -30.71 1.79
CA GLN C 345 -4.36 -29.46 1.22
C GLN C 345 -4.58 -28.45 2.35
N TYR C 346 -4.03 -27.26 2.18
CA TYR C 346 -4.24 -26.14 3.08
C TYR C 346 -4.93 -24.99 2.35
N SER C 347 -5.81 -25.33 1.39
CA SER C 347 -6.48 -24.32 0.59
C SER C 347 -7.79 -23.85 1.21
N ASN C 348 -8.51 -24.73 1.91
CA ASN C 348 -9.78 -24.37 2.52
C ASN C 348 -10.03 -25.29 3.71
N TYR C 349 -10.77 -24.77 4.69
CA TYR C 349 -11.05 -25.50 5.93
C TYR C 349 -12.21 -26.46 5.71
N PRO C 350 -12.19 -27.65 6.36
CA PRO C 350 -11.07 -28.10 7.19
C PRO C 350 -9.88 -28.55 6.34
N TRP C 351 -8.67 -28.24 6.79
CA TRP C 351 -7.47 -28.77 6.15
C TRP C 351 -7.49 -30.29 6.26
N THR C 352 -7.08 -30.97 5.20
CA THR C 352 -7.24 -32.41 5.13
C THR C 352 -6.00 -33.07 4.53
N PHE C 353 -5.87 -34.37 4.83
CA PHE C 353 -4.80 -35.20 4.32
C PHE C 353 -5.35 -36.26 3.38
N GLY C 354 -4.47 -36.76 2.50
CA GLY C 354 -4.76 -37.99 1.80
C GLY C 354 -4.68 -39.18 2.73
N GLN C 355 -5.15 -40.33 2.24
CA GLN C 355 -5.17 -41.53 3.10
C GLN C 355 -3.76 -42.07 3.33
N GLY C 356 -2.80 -41.70 2.50
CA GLY C 356 -1.44 -42.17 2.64
C GLY C 356 -1.08 -43.25 1.64
N THR C 357 0.20 -43.28 1.27
CA THR C 357 0.74 -44.27 0.35
C THR C 357 1.99 -44.87 0.98
N LYS C 358 1.97 -46.18 1.20
CA LYS C 358 3.11 -46.87 1.79
C LYS C 358 4.12 -47.19 0.70
N VAL C 359 5.37 -46.78 0.91
CA VAL C 359 6.46 -47.04 -0.02
C VAL C 359 7.46 -47.96 0.67
N GLU C 360 7.69 -49.12 0.06
CA GLU C 360 8.64 -50.13 0.50
C GLU C 360 9.65 -50.38 -0.62
N ILE C 361 10.74 -51.06 -0.26
CA ILE C 361 11.75 -51.47 -1.22
C ILE C 361 11.35 -52.81 -1.81
N LYS C 362 11.35 -52.91 -3.14
CA LYS C 362 11.12 -54.18 -3.81
C LYS C 362 12.44 -54.94 -3.89
N ARG C 363 12.41 -56.21 -3.52
CA ARG C 363 13.59 -57.07 -3.57
C ARG C 363 13.17 -58.45 -4.03
N THR C 364 14.15 -59.33 -4.19
CA THR C 364 13.88 -60.69 -4.63
C THR C 364 13.10 -61.44 -3.56
N VAL C 365 12.36 -62.47 -3.99
CA VAL C 365 11.56 -63.26 -3.07
C VAL C 365 12.48 -63.92 -2.05
N ALA C 366 12.13 -63.80 -0.78
CA ALA C 366 12.90 -64.39 0.31
C ALA C 366 11.94 -65.23 1.15
N ALA C 367 12.18 -66.54 1.19
CA ALA C 367 11.31 -67.44 1.93
C ALA C 367 11.52 -67.25 3.43
N PRO C 368 10.47 -67.35 4.24
CA PRO C 368 10.62 -67.18 5.68
C PRO C 368 11.27 -68.39 6.34
N SER C 369 12.05 -68.12 7.39
CA SER C 369 12.50 -69.17 8.30
C SER C 369 11.45 -69.29 9.40
N VAL C 370 10.83 -70.46 9.52
CA VAL C 370 9.68 -70.65 10.40
C VAL C 370 10.13 -71.38 11.66
N PHE C 371 9.76 -70.83 12.82
CA PHE C 371 10.03 -71.42 14.12
C PHE C 371 8.72 -71.42 14.92
N ILE C 372 8.58 -72.39 15.82
CA ILE C 372 7.39 -72.47 16.66
C ILE C 372 7.83 -72.60 18.12
N PHE C 373 7.22 -71.81 18.99
CA PHE C 373 7.50 -71.76 20.42
C PHE C 373 6.25 -72.18 21.18
N PRO C 374 6.27 -73.29 21.91
CA PRO C 374 5.11 -73.62 22.77
C PRO C 374 5.07 -72.74 23.97
N PRO C 375 3.89 -72.52 24.57
CA PRO C 375 3.84 -71.74 25.82
C PRO C 375 4.80 -72.27 26.86
N SER C 376 5.73 -71.44 27.30
CA SER C 376 6.64 -71.84 28.36
C SER C 376 5.84 -72.23 29.60
N ASP C 377 6.43 -73.10 30.42
CA ASP C 377 5.76 -73.51 31.65
C ASP C 377 5.63 -72.37 32.64
N GLU C 378 6.32 -71.24 32.42
CA GLU C 378 6.13 -70.07 33.27
C GLU C 378 4.83 -69.34 32.94
N GLN C 379 4.50 -69.21 31.66
CA GLN C 379 3.21 -68.64 31.29
C GLN C 379 2.06 -69.52 31.77
N LEU C 380 2.21 -70.84 31.62
CA LEU C 380 1.21 -71.76 32.14
C LEU C 380 1.15 -71.70 33.67
N LYS C 381 2.31 -71.51 34.31
CA LYS C 381 2.35 -71.26 35.75
C LYS C 381 1.45 -70.09 36.12
N SER C 382 1.62 -68.96 35.43
CA SER C 382 0.81 -67.79 35.71
C SER C 382 -0.64 -67.98 35.27
N GLY C 383 -0.87 -68.79 34.23
CA GLY C 383 -2.23 -69.21 33.92
C GLY C 383 -2.82 -68.81 32.59
N THR C 384 -2.00 -68.71 31.55
CA THR C 384 -2.48 -68.46 30.20
C THR C 384 -1.62 -69.26 29.22
N ALA C 385 -2.13 -69.45 28.00
CA ALA C 385 -1.38 -70.15 26.97
C ALA C 385 -1.18 -69.23 25.77
N SER C 386 0.07 -69.12 25.32
CA SER C 386 0.39 -68.40 24.09
C SER C 386 1.37 -69.22 23.28
N VAL C 387 0.95 -69.63 22.09
CA VAL C 387 1.80 -70.36 21.14
C VAL C 387 2.27 -69.38 20.10
N LYS C 388 3.58 -69.29 19.88
CA LYS C 388 4.16 -68.31 18.99
C LYS C 388 4.68 -68.99 17.73
N CYS C 389 4.32 -68.47 16.56
CA CYS C 389 4.88 -68.91 15.29
C CYS C 389 5.62 -67.72 14.69
N LEU C 390 6.91 -67.89 14.44
CA LEU C 390 7.79 -66.81 14.00
C LEU C 390 8.24 -67.08 12.58
N LEU C 391 7.99 -66.12 11.69
CA LEU C 391 8.45 -66.16 10.32
C LEU C 391 9.54 -65.09 10.17
N ASN C 392 10.75 -65.51 9.84
CA ASN C 392 11.91 -64.65 9.92
C ASN C 392 12.43 -64.30 8.53
N ASN C 393 12.62 -63.00 8.31
CA ASN C 393 13.40 -62.45 7.19
C ASN C 393 12.88 -62.94 5.85
N PHE C 394 11.66 -62.54 5.54
CA PHE C 394 10.99 -62.93 4.31
C PHE C 394 10.55 -61.71 3.51
N TYR C 395 10.32 -61.93 2.22
CA TYR C 395 9.79 -60.92 1.32
C TYR C 395 9.06 -61.65 0.22
N PRO C 396 7.89 -61.14 -0.24
CA PRO C 396 7.19 -59.92 0.18
C PRO C 396 6.41 -60.06 1.49
N ARG C 397 5.80 -58.95 1.92
N ARG C 397 5.80 -58.96 1.92
CA ARG C 397 5.14 -58.93 3.23
CA ARG C 397 5.15 -58.93 3.24
C ARG C 397 4.00 -59.93 3.32
C ARG C 397 4.00 -59.93 3.32
N GLU C 398 3.21 -60.06 2.25
CA GLU C 398 2.05 -60.93 2.28
C GLU C 398 2.45 -62.36 2.64
N ALA C 399 1.95 -62.83 3.78
CA ALA C 399 2.22 -64.17 4.26
C ALA C 399 1.01 -64.61 5.08
N LYS C 400 0.64 -65.88 4.95
CA LYS C 400 -0.53 -66.41 5.63
C LYS C 400 -0.11 -67.44 6.67
N VAL C 401 -0.59 -67.29 7.90
CA VAL C 401 -0.26 -68.19 9.00
C VAL C 401 -1.56 -68.76 9.54
N GLN C 402 -1.78 -70.05 9.33
CA GLN C 402 -2.96 -70.75 9.82
C GLN C 402 -2.57 -71.65 10.98
N TRP C 403 -3.29 -71.55 12.08
CA TRP C 403 -3.05 -72.36 13.27
C TRP C 403 -3.97 -73.57 13.28
N LYS C 404 -3.44 -74.72 13.66
CA LYS C 404 -4.22 -75.94 13.77
C LYS C 404 -3.92 -76.60 15.11
N VAL C 405 -4.97 -77.01 15.81
CA VAL C 405 -4.85 -77.74 17.07
C VAL C 405 -5.53 -79.09 16.89
N ASP C 406 -4.77 -80.17 17.05
CA ASP C 406 -5.26 -81.51 16.76
C ASP C 406 -5.92 -81.55 15.37
N ASN C 407 -5.29 -80.85 14.42
CA ASN C 407 -5.76 -80.74 13.04
C ASN C 407 -7.05 -79.96 12.91
N ALA C 408 -7.37 -79.12 13.90
CA ALA C 408 -8.57 -78.30 13.89
C ALA C 408 -8.21 -76.88 13.48
N LEU C 409 -8.79 -76.41 12.38
CA LEU C 409 -8.47 -75.09 11.87
C LEU C 409 -8.97 -74.02 12.83
N GLN C 410 -8.03 -73.27 13.41
CA GLN C 410 -8.39 -72.25 14.38
C GLN C 410 -8.86 -70.98 13.69
N SER C 411 -9.54 -70.13 14.46
CA SER C 411 -10.08 -68.89 13.94
C SER C 411 -10.47 -67.95 15.07
N GLY C 412 -9.98 -66.72 15.03
CA GLY C 412 -10.42 -65.69 15.95
C GLY C 412 -9.63 -65.61 17.24
N ASN C 413 -8.65 -66.48 17.46
CA ASN C 413 -7.79 -66.40 18.65
C ASN C 413 -6.33 -66.23 18.26
N SER C 414 -6.09 -65.63 17.09
CA SER C 414 -4.75 -65.39 16.59
C SER C 414 -4.56 -63.89 16.35
N GLN C 415 -3.33 -63.43 16.53
CA GLN C 415 -3.00 -62.07 16.14
C GLN C 415 -1.52 -61.97 15.80
N GLU C 416 -1.22 -61.12 14.82
CA GLU C 416 0.12 -61.00 14.27
C GLU C 416 0.72 -59.63 14.55
N SER C 417 2.03 -59.60 14.72
CA SER C 417 2.83 -58.39 14.75
C SER C 417 3.88 -58.49 13.64
N VAL C 418 4.12 -57.40 12.93
CA VAL C 418 5.03 -57.39 11.80
C VAL C 418 6.04 -56.27 12.01
N THR C 419 7.32 -56.58 11.76
CA THR C 419 8.35 -55.56 11.86
C THR C 419 8.29 -54.63 10.65
N GLU C 420 8.89 -53.45 10.80
CA GLU C 420 9.12 -52.58 9.66
C GLU C 420 10.17 -53.22 8.75
N GLN C 421 10.21 -52.77 7.50
CA GLN C 421 11.15 -53.36 6.55
C GLN C 421 12.58 -53.10 6.99
N ASP C 422 13.36 -54.17 7.11
CA ASP C 422 14.76 -54.05 7.48
C ASP C 422 15.51 -53.23 6.43
N SER C 423 16.25 -52.23 6.90
CA SER C 423 16.92 -51.32 5.98
C SER C 423 17.99 -52.01 5.15
N LYS C 424 18.67 -52.99 5.73
CA LYS C 424 19.83 -53.60 5.08
C LYS C 424 19.46 -54.70 4.09
N ASP C 425 18.62 -55.65 4.48
CA ASP C 425 18.23 -56.73 3.58
C ASP C 425 16.80 -56.61 3.07
N SER C 426 16.07 -55.57 3.47
CA SER C 426 14.77 -55.23 2.90
C SER C 426 13.72 -56.33 3.13
N THR C 427 13.87 -57.10 4.20
CA THR C 427 12.93 -58.18 4.50
C THR C 427 12.01 -57.80 5.65
N TYR C 428 11.06 -58.68 5.92
CA TYR C 428 10.14 -58.53 7.03
C TYR C 428 10.23 -59.74 7.96
N SER C 429 9.82 -59.54 9.21
CA SER C 429 9.65 -60.61 10.18
C SER C 429 8.25 -60.49 10.77
N LEU C 430 7.67 -61.64 11.12
CA LEU C 430 6.29 -61.72 11.58
C LEU C 430 6.22 -62.66 12.77
N SER C 431 5.43 -62.26 13.77
CA SER C 431 5.18 -63.07 14.96
C SER C 431 3.68 -63.23 15.10
N SER C 432 3.19 -64.46 14.93
CA SER C 432 1.76 -64.76 15.02
C SER C 432 1.53 -65.57 16.30
N THR C 433 0.81 -64.99 17.24
CA THR C 433 0.52 -65.66 18.51
C THR C 433 -0.93 -66.13 18.53
N LEU C 434 -1.11 -67.41 18.85
CA LEU C 434 -2.41 -67.98 19.15
C LEU C 434 -2.53 -68.10 20.66
N THR C 435 -3.49 -67.38 21.23
CA THR C 435 -3.73 -67.40 22.67
C THR C 435 -4.86 -68.37 22.98
N LEU C 436 -4.67 -69.17 24.01
CA LEU C 436 -5.67 -70.14 24.43
C LEU C 436 -5.72 -70.23 25.95
N SER C 437 -6.91 -70.57 26.45
CA SER C 437 -7.06 -70.92 27.85
C SER C 437 -6.12 -72.07 28.18
N LYS C 438 -5.48 -72.00 29.35
CA LYS C 438 -4.65 -73.10 29.80
C LYS C 438 -5.43 -74.41 29.77
N ALA C 439 -6.72 -74.34 30.10
CA ALA C 439 -7.55 -75.54 30.11
C ALA C 439 -7.62 -76.18 28.73
N ASP C 440 -8.02 -75.40 27.73
CA ASP C 440 -8.14 -75.94 26.37
C ASP C 440 -6.78 -76.27 25.77
N TYR C 441 -5.71 -75.61 26.22
CA TYR C 441 -4.37 -75.97 25.76
C TYR C 441 -3.96 -77.33 26.30
N GLU C 442 -4.34 -77.65 27.54
CA GLU C 442 -4.02 -78.97 28.08
C GLU C 442 -5.00 -80.04 27.62
N LYS C 443 -6.19 -79.66 27.14
CA LYS C 443 -7.10 -80.64 26.57
C LYS C 443 -6.57 -81.19 25.25
N HIS C 444 -6.07 -80.32 24.37
CA HIS C 444 -5.68 -80.68 23.01
C HIS C 444 -4.17 -80.90 22.94
N LYS C 445 -3.75 -81.87 22.12
CA LYS C 445 -2.39 -82.39 22.22
C LYS C 445 -1.40 -81.81 21.20
N VAL C 446 -1.72 -81.86 19.90
CA VAL C 446 -0.77 -81.48 18.85
C VAL C 446 -1.07 -80.06 18.39
N TYR C 447 -0.04 -79.22 18.38
CA TYR C 447 -0.18 -77.82 17.98
C TYR C 447 0.74 -77.52 16.81
N ALA C 448 0.19 -76.97 15.74
CA ALA C 448 0.99 -76.69 14.55
C ALA C 448 0.60 -75.33 13.98
N CYS C 449 1.61 -74.65 13.42
CA CYS C 449 1.39 -73.46 12.62
C CYS C 449 1.86 -73.74 11.20
N GLU C 450 1.01 -73.42 10.23
CA GLU C 450 1.27 -73.64 8.81
C GLU C 450 1.42 -72.28 8.14
N VAL C 451 2.53 -72.09 7.44
CA VAL C 451 2.87 -70.83 6.80
C VAL C 451 2.84 -71.03 5.29
N THR C 452 2.13 -70.13 4.61
CA THR C 452 2.04 -70.10 3.15
C THR C 452 2.61 -68.77 2.69
N HIS C 453 3.51 -68.83 1.70
CA HIS C 453 4.23 -67.65 1.24
C HIS C 453 4.78 -67.89 -0.16
N GLN C 454 5.11 -66.79 -0.84
CA GLN C 454 5.55 -66.86 -2.23
C GLN C 454 6.85 -67.63 -2.37
N GLY C 455 7.70 -67.61 -1.34
CA GLY C 455 8.96 -68.32 -1.39
C GLY C 455 8.91 -69.79 -1.06
N LEU C 456 7.70 -70.32 -0.81
CA LEU C 456 7.53 -71.72 -0.43
C LEU C 456 6.71 -72.43 -1.51
N SER C 457 7.31 -73.45 -2.12
CA SER C 457 6.61 -74.20 -3.16
C SER C 457 5.29 -74.75 -2.65
N SER C 458 5.27 -75.25 -1.42
CA SER C 458 4.07 -75.72 -0.76
C SER C 458 4.09 -75.23 0.68
N PRO C 459 2.93 -75.06 1.30
CA PRO C 459 2.90 -74.53 2.67
C PRO C 459 3.75 -75.39 3.60
N VAL C 460 4.52 -74.73 4.46
CA VAL C 460 5.42 -75.42 5.39
C VAL C 460 4.82 -75.35 6.78
N THR C 461 5.00 -76.42 7.56
CA THR C 461 4.32 -76.55 8.85
C THR C 461 5.33 -76.86 9.94
N LYS C 462 5.25 -76.12 11.05
CA LYS C 462 6.03 -76.38 12.25
C LYS C 462 5.08 -76.78 13.37
N SER C 463 5.34 -77.94 13.97
CA SER C 463 4.41 -78.52 14.94
C SER C 463 5.17 -78.97 16.18
N PHE C 464 4.38 -79.26 17.23
CA PHE C 464 4.93 -79.82 18.45
C PHE C 464 3.84 -80.58 19.20
N ASN C 465 4.28 -81.53 20.01
CA ASN C 465 3.41 -82.30 20.91
C ASN C 465 3.50 -81.68 22.30
N ARG C 466 2.34 -81.40 22.91
CA ARG C 466 2.35 -80.88 24.26
C ARG C 466 3.07 -81.88 25.16
N GLY C 467 4.26 -81.50 25.65
CA GLY C 467 5.05 -82.39 26.48
C GLY C 467 6.31 -81.73 27.01
N GLN D 1 16.84 -21.51 17.53
CA GLN D 1 16.35 -22.23 16.35
C GLN D 1 14.85 -22.44 16.50
N VAL D 2 14.11 -22.46 15.39
CA VAL D 2 12.68 -22.73 15.45
C VAL D 2 12.45 -24.12 16.03
N GLN D 3 11.62 -24.18 17.07
CA GLN D 3 11.35 -25.46 17.70
C GLN D 3 10.03 -25.43 18.48
N LEU D 4 9.34 -26.57 18.45
CA LEU D 4 8.13 -26.80 19.22
C LEU D 4 8.35 -28.03 20.08
N VAL D 5 8.24 -27.87 21.40
CA VAL D 5 8.46 -28.96 22.35
C VAL D 5 7.14 -29.24 23.05
N GLN D 6 6.68 -30.49 22.97
CA GLN D 6 5.40 -30.87 23.53
C GLN D 6 5.57 -31.54 24.88
N SER D 7 4.51 -31.50 25.67
CA SER D 7 4.50 -32.17 26.97
C SER D 7 4.57 -33.69 26.77
N GLY D 8 4.82 -34.39 27.87
CA GLY D 8 5.05 -35.81 27.83
C GLY D 8 3.77 -36.61 27.61
N ALA D 9 3.96 -37.92 27.47
CA ALA D 9 2.88 -38.84 27.17
C ALA D 9 1.83 -38.84 28.29
N GLU D 10 0.60 -39.18 27.91
CA GLU D 10 -0.52 -39.15 28.84
C GLU D 10 -1.30 -40.47 28.76
N VAL D 11 -1.77 -40.92 29.91
CA VAL D 11 -2.66 -42.07 30.04
C VAL D 11 -3.93 -41.59 30.72
N LYS D 12 -5.08 -41.86 30.11
CA LYS D 12 -6.35 -41.39 30.69
C LYS D 12 -7.41 -42.45 30.53
N LYS D 13 -8.36 -42.46 31.47
CA LYS D 13 -9.49 -43.36 31.41
C LYS D 13 -10.57 -42.79 30.49
N PRO D 14 -11.44 -43.66 29.96
CA PRO D 14 -12.49 -43.18 29.04
C PRO D 14 -13.38 -42.15 29.72
N GLY D 15 -13.79 -41.16 28.96
CA GLY D 15 -14.60 -40.10 29.50
C GLY D 15 -13.85 -38.98 30.15
N ALA D 16 -12.57 -39.15 30.41
CA ALA D 16 -11.77 -38.14 31.04
C ALA D 16 -11.37 -37.09 30.01
N SER D 17 -10.55 -36.15 30.44
CA SER D 17 -10.08 -35.03 29.64
C SER D 17 -8.56 -34.97 29.71
N VAL D 18 -7.94 -34.47 28.64
CA VAL D 18 -6.48 -34.38 28.55
C VAL D 18 -6.11 -33.01 28.01
N LYS D 19 -5.04 -32.44 28.57
CA LYS D 19 -4.50 -31.16 28.11
C LYS D 19 -3.05 -31.38 27.68
N VAL D 20 -2.75 -31.11 26.42
CA VAL D 20 -1.42 -31.24 25.84
C VAL D 20 -0.88 -29.83 25.60
N SER D 21 0.41 -29.64 25.86
CA SER D 21 1.03 -28.33 25.69
C SER D 21 2.13 -28.40 24.63
N CYS D 22 2.47 -27.21 24.10
CA CYS D 22 3.40 -27.08 22.97
C CYS D 22 4.12 -25.74 23.15
N LYS D 23 5.32 -25.80 23.71
CA LYS D 23 6.13 -24.61 23.92
C LYS D 23 6.90 -24.28 22.65
N ALA D 24 6.77 -23.03 22.19
CA ALA D 24 7.41 -22.59 20.95
C ALA D 24 8.61 -21.70 21.26
N SER D 25 9.65 -21.83 20.44
CA SER D 25 10.84 -21.01 20.60
C SER D 25 11.48 -20.79 19.23
N GLY D 26 12.23 -19.69 19.11
CA GLY D 26 13.00 -19.41 17.93
C GLY D 26 12.28 -18.60 16.86
N TYR D 27 11.17 -17.96 17.18
CA TYR D 27 10.44 -17.15 16.21
C TYR D 27 9.45 -16.29 16.97
N SER D 28 8.90 -15.30 16.27
CA SER D 28 7.91 -14.41 16.85
C SER D 28 6.61 -15.18 17.02
N PHE D 29 6.26 -15.49 18.27
CA PHE D 29 5.12 -16.37 18.53
C PHE D 29 3.85 -15.89 17.84
N THR D 30 3.51 -14.61 18.02
CA THR D 30 2.21 -14.11 17.59
C THR D 30 2.00 -14.18 16.08
N GLY D 31 3.06 -14.34 15.31
CA GLY D 31 2.94 -14.24 13.87
C GLY D 31 2.43 -15.46 13.13
N TYR D 32 2.17 -16.57 13.83
CA TYR D 32 1.91 -17.84 13.16
C TYR D 32 0.69 -18.54 13.75
N PHE D 33 0.20 -19.54 13.02
CA PHE D 33 -0.79 -20.46 13.52
C PHE D 33 -0.11 -21.66 14.16
N ILE D 34 -0.74 -22.21 15.20
CA ILE D 34 -0.38 -23.50 15.76
C ILE D 34 -1.50 -24.46 15.37
N ASN D 35 -1.18 -25.43 14.50
CA ASN D 35 -2.10 -26.48 14.11
C ASN D 35 -1.92 -27.69 15.02
N TRP D 36 -2.98 -28.48 15.14
CA TRP D 36 -2.96 -29.73 15.88
C TRP D 36 -3.32 -30.87 14.95
N VAL D 37 -2.40 -31.81 14.78
CA VAL D 37 -2.54 -32.96 13.90
C VAL D 37 -2.52 -34.20 14.78
N ARG D 38 -3.24 -35.23 14.37
CA ARG D 38 -3.29 -36.46 15.14
C ARG D 38 -3.10 -37.64 14.22
N GLU D 39 -2.38 -38.64 14.71
CA GLU D 39 -2.24 -39.93 14.05
C GLU D 39 -2.74 -41.00 15.01
N ALA D 40 -3.92 -41.55 14.74
CA ALA D 40 -4.45 -42.69 15.45
C ALA D 40 -4.11 -43.96 14.68
N PRO D 41 -3.80 -45.07 15.37
CA PRO D 41 -3.40 -46.29 14.66
C PRO D 41 -4.34 -46.66 13.52
N GLY D 42 -3.81 -46.69 12.30
CA GLY D 42 -4.58 -47.09 11.14
C GLY D 42 -5.53 -46.04 10.60
N GLN D 43 -5.43 -44.80 11.06
CA GLN D 43 -6.29 -43.72 10.60
C GLN D 43 -5.56 -42.66 9.80
N GLY D 44 -4.24 -42.78 9.63
CA GLY D 44 -3.50 -41.78 8.91
C GLY D 44 -3.31 -40.52 9.73
N LEU D 45 -3.21 -39.38 9.03
CA LEU D 45 -3.03 -38.09 9.66
C LEU D 45 -4.33 -37.30 9.59
N GLU D 46 -4.66 -36.61 10.69
CA GLU D 46 -5.89 -35.86 10.77
C GLU D 46 -5.64 -34.49 11.37
N TRP D 47 -6.11 -33.45 10.68
CA TRP D 47 -6.02 -32.07 11.14
C TRP D 47 -7.18 -31.80 12.08
N MET D 48 -6.86 -31.47 13.33
CA MET D 48 -7.90 -31.16 14.30
C MET D 48 -8.32 -29.71 14.26
N GLY D 49 -7.45 -28.84 13.74
CA GLY D 49 -7.75 -27.43 13.68
C GLY D 49 -6.47 -26.64 13.89
N HIS D 50 -6.59 -25.31 13.96
CA HIS D 50 -5.45 -24.50 14.34
C HIS D 50 -5.94 -23.26 15.06
N ILE D 51 -5.03 -22.67 15.82
CA ILE D 51 -5.27 -21.46 16.59
C ILE D 51 -4.31 -20.39 16.10
N SER D 52 -4.84 -19.18 15.89
CA SER D 52 -3.98 -18.03 15.65
C SER D 52 -3.26 -17.67 16.94
N SER D 53 -1.93 -17.64 16.90
CA SER D 53 -1.17 -17.30 18.10
C SER D 53 -1.44 -15.86 18.55
N SER D 54 -1.88 -15.00 17.64
CA SER D 54 -2.13 -13.59 17.93
C SER D 54 -3.56 -13.35 18.41
N TYR D 55 -4.54 -13.81 17.64
CA TYR D 55 -5.93 -13.59 17.98
C TYR D 55 -6.42 -14.51 19.10
N ALA D 56 -5.77 -15.66 19.28
CA ALA D 56 -6.18 -16.70 20.21
C ALA D 56 -7.52 -17.32 19.84
N THR D 57 -7.99 -17.09 18.62
CA THR D 57 -9.22 -17.70 18.13
C THR D 57 -8.86 -18.82 17.16
N SER D 58 -9.71 -19.81 17.08
CA SER D 58 -9.37 -21.05 16.41
C SER D 58 -10.37 -21.38 15.30
N THR D 59 -9.89 -22.19 14.36
CA THR D 59 -10.73 -22.90 13.41
C THR D 59 -10.60 -24.38 13.73
N TYR D 60 -11.74 -25.03 13.98
CA TYR D 60 -11.76 -26.42 14.39
C TYR D 60 -12.25 -27.30 13.25
N ASN D 61 -11.69 -28.52 13.18
CA ASN D 61 -12.28 -29.57 12.36
C ASN D 61 -13.59 -30.00 13.00
N GLN D 62 -14.70 -29.85 12.27
CA GLN D 62 -16.01 -30.03 12.88
C GLN D 62 -16.23 -31.44 13.44
N LYS D 63 -15.32 -32.37 13.16
CA LYS D 63 -15.41 -33.68 13.79
C LYS D 63 -15.11 -33.62 15.29
N PHE D 64 -14.34 -32.61 15.72
CA PHE D 64 -14.03 -32.41 17.13
C PHE D 64 -14.64 -31.14 17.72
N GLN D 65 -15.49 -30.43 16.97
CA GLN D 65 -15.90 -29.09 17.34
C GLN D 65 -16.22 -28.94 18.83
N GLY D 66 -17.20 -29.69 19.32
CA GLY D 66 -17.60 -29.56 20.71
C GLY D 66 -16.64 -30.13 21.72
N ARG D 67 -15.72 -30.99 21.30
CA ARG D 67 -14.90 -31.76 22.22
C ARG D 67 -13.48 -31.24 22.40
N VAL D 68 -12.96 -30.41 21.50
CA VAL D 68 -11.58 -29.94 21.57
C VAL D 68 -11.57 -28.44 21.75
N THR D 69 -10.61 -27.95 22.55
CA THR D 69 -10.45 -26.52 22.77
C THR D 69 -8.97 -26.15 22.66
N PHE D 70 -8.66 -25.16 21.84
CA PHE D 70 -7.30 -24.64 21.72
C PHE D 70 -7.16 -23.36 22.53
N THR D 71 -6.01 -23.17 23.15
CA THR D 71 -5.69 -21.92 23.83
C THR D 71 -4.22 -21.59 23.62
N VAL D 72 -3.84 -20.35 23.92
CA VAL D 72 -2.44 -19.97 23.92
C VAL D 72 -2.15 -19.07 25.11
N ASP D 73 -0.90 -19.13 25.58
CA ASP D 73 -0.33 -18.20 26.55
C ASP D 73 0.89 -17.57 25.88
N THR D 74 0.73 -16.33 25.44
CA THR D 74 1.84 -15.62 24.77
C THR D 74 2.95 -15.27 25.75
N SER D 75 2.61 -15.06 27.02
CA SER D 75 3.63 -14.75 28.02
C SER D 75 4.68 -15.84 28.12
N SER D 76 4.29 -17.08 27.83
CA SER D 76 5.23 -18.20 27.84
C SER D 76 5.36 -18.88 26.48
N SER D 77 4.84 -18.28 25.42
CA SER D 77 4.97 -18.82 24.06
C SER D 77 4.50 -20.26 23.98
N THR D 78 3.39 -20.56 24.62
CA THR D 78 2.90 -21.94 24.68
C THR D 78 1.49 -22.03 24.12
N ALA D 79 1.22 -23.10 23.40
CA ALA D 79 -0.11 -23.42 22.89
C ALA D 79 -0.62 -24.67 23.59
N TYR D 80 -1.91 -24.71 23.89
CA TYR D 80 -2.51 -25.84 24.58
C TYR D 80 -3.67 -26.38 23.75
N MET D 81 -3.85 -27.70 23.82
CA MET D 81 -4.97 -28.42 23.20
C MET D 81 -5.60 -29.28 24.29
N GLU D 82 -6.88 -29.06 24.55
CA GLU D 82 -7.61 -29.81 25.56
C GLU D 82 -8.71 -30.61 24.87
N LEU D 83 -8.59 -31.93 24.92
CA LEU D 83 -9.59 -32.83 24.36
C LEU D 83 -10.36 -33.48 25.50
N SER D 84 -11.67 -33.35 25.48
CA SER D 84 -12.54 -33.84 26.54
C SER D 84 -13.33 -35.06 26.06
N SER D 85 -14.04 -35.69 26.99
CA SER D 85 -14.86 -36.85 26.69
C SER D 85 -14.07 -37.88 25.88
N LEU D 86 -12.92 -38.26 26.42
CA LEU D 86 -11.99 -39.10 25.69
C LEU D 86 -12.57 -40.48 25.42
N ARG D 87 -12.37 -40.97 24.21
CA ARG D 87 -12.74 -42.31 23.79
C ARG D 87 -11.48 -43.12 23.52
N SER D 88 -11.64 -44.44 23.47
CA SER D 88 -10.53 -45.29 23.04
C SER D 88 -10.05 -44.87 21.65
N GLU D 89 -10.96 -44.37 20.82
CA GLU D 89 -10.63 -43.93 19.48
C GLU D 89 -9.65 -42.77 19.48
N ASP D 90 -9.58 -42.02 20.58
CA ASP D 90 -8.69 -40.88 20.70
C ASP D 90 -7.28 -41.29 21.07
N THR D 91 -7.02 -42.56 21.31
CA THR D 91 -5.65 -43.04 21.46
C THR D 91 -4.89 -42.67 20.20
N ALA D 92 -3.87 -41.84 20.33
CA ALA D 92 -3.14 -41.39 19.14
C ALA D 92 -1.94 -40.57 19.56
N VAL D 93 -1.09 -40.28 18.59
CA VAL D 93 -0.01 -39.32 18.77
C VAL D 93 -0.50 -37.97 18.28
N TYR D 94 -0.45 -36.97 19.16
CA TYR D 94 -0.90 -35.62 18.85
C TYR D 94 0.31 -34.71 18.65
N TYR D 95 0.34 -34.05 17.50
CA TYR D 95 1.42 -33.15 17.12
C TYR D 95 0.90 -31.71 17.09
N CYS D 96 1.68 -30.79 17.63
CA CYS D 96 1.52 -29.38 17.28
C CYS D 96 2.49 -29.04 16.16
N VAL D 97 2.07 -28.13 15.28
CA VAL D 97 2.91 -27.78 14.15
C VAL D 97 2.60 -26.34 13.74
N ARG D 98 3.67 -25.58 13.48
CA ARG D 98 3.52 -24.19 13.10
C ARG D 98 3.15 -24.08 11.62
N SER D 99 2.32 -23.08 11.30
CA SER D 99 2.05 -22.74 9.91
C SER D 99 2.00 -21.23 9.78
N GLY D 100 2.39 -20.74 8.60
CA GLY D 100 2.53 -19.31 8.41
C GLY D 100 1.21 -18.62 8.08
N ASN D 101 1.20 -17.31 8.30
CA ASN D 101 0.05 -16.46 8.03
C ASN D 101 0.27 -15.49 6.89
N TYR D 102 1.52 -15.11 6.61
CA TYR D 102 1.84 -14.15 5.56
C TYR D 102 2.33 -14.89 4.31
N GLU D 103 3.42 -15.64 4.44
CA GLU D 103 3.92 -16.55 3.41
C GLU D 103 4.25 -17.87 4.10
N GLU D 104 4.79 -18.81 3.33
CA GLU D 104 5.13 -20.15 3.83
C GLU D 104 3.94 -20.72 4.61
N TYR D 105 2.79 -20.77 3.91
N TYR D 105 2.80 -20.78 3.90
CA TYR D 105 1.54 -21.16 4.54
CA TYR D 105 1.51 -21.17 4.46
C TYR D 105 1.51 -22.61 5.00
C TYR D 105 1.47 -22.61 4.94
N ALA D 106 2.43 -23.44 4.55
CA ALA D 106 2.42 -24.86 4.89
C ALA D 106 2.89 -25.16 6.32
N MET D 107 2.30 -26.20 6.89
CA MET D 107 2.70 -26.71 8.20
C MET D 107 4.12 -27.25 8.10
N ASP D 108 5.07 -26.62 8.80
CA ASP D 108 6.48 -26.90 8.54
C ASP D 108 7.29 -27.37 9.73
N TYR D 109 7.20 -26.73 10.87
CA TYR D 109 8.02 -27.08 12.05
C TYR D 109 7.17 -27.81 13.08
N TRP D 110 7.26 -29.13 13.05
CA TRP D 110 6.47 -29.99 13.90
C TRP D 110 7.07 -30.16 15.28
N GLY D 111 6.18 -30.35 16.27
CA GLY D 111 6.59 -30.82 17.57
C GLY D 111 6.91 -32.30 17.54
N GLN D 112 7.53 -32.79 18.62
CA GLN D 112 7.95 -34.18 18.64
C GLN D 112 6.77 -35.13 18.78
N GLY D 113 5.62 -34.64 19.18
CA GLY D 113 4.46 -35.50 19.36
C GLY D 113 4.24 -35.87 20.81
N THR D 114 2.97 -36.13 21.15
CA THR D 114 2.57 -36.52 22.49
C THR D 114 1.65 -37.73 22.35
N LEU D 115 2.06 -38.88 22.87
CA LEU D 115 1.20 -40.05 22.82
C LEU D 115 0.13 -39.90 23.90
N VAL D 116 -1.14 -40.05 23.52
CA VAL D 116 -2.25 -40.06 24.45
C VAL D 116 -2.93 -41.42 24.33
N THR D 117 -2.92 -42.19 25.41
CA THR D 117 -3.54 -43.51 25.44
C THR D 117 -4.80 -43.42 26.28
N VAL D 118 -5.94 -43.69 25.64
CA VAL D 118 -7.25 -43.69 26.29
C VAL D 118 -7.71 -45.13 26.40
N SER D 119 -7.87 -45.61 27.64
CA SER D 119 -8.37 -46.96 27.82
C SER D 119 -8.82 -47.14 29.26
N SER D 120 -9.78 -48.05 29.45
CA SER D 120 -10.19 -48.45 30.78
C SER D 120 -9.08 -49.16 31.52
N ALA D 121 -8.09 -49.69 30.81
CA ALA D 121 -7.03 -50.44 31.45
C ALA D 121 -6.34 -49.58 32.51
N SER D 122 -5.69 -50.27 33.44
CA SER D 122 -4.95 -49.64 34.52
C SER D 122 -3.47 -49.93 34.35
N THR D 123 -2.64 -49.10 34.95
CA THR D 123 -1.20 -49.32 34.87
C THR D 123 -0.87 -50.70 35.44
N LYS D 124 -0.23 -51.53 34.62
CA LYS D 124 0.19 -52.86 35.03
C LYS D 124 1.57 -53.14 34.49
N GLY D 125 2.39 -53.83 35.27
CA GLY D 125 3.72 -54.19 34.85
C GLY D 125 3.70 -55.41 33.95
N PRO D 126 4.81 -55.65 33.24
CA PRO D 126 4.86 -56.79 32.32
C PRO D 126 5.30 -58.07 32.99
N SER D 127 4.73 -59.18 32.50
CA SER D 127 5.23 -60.51 32.80
C SER D 127 6.19 -60.94 31.69
N VAL D 128 7.41 -61.32 32.07
CA VAL D 128 8.46 -61.67 31.12
C VAL D 128 8.57 -63.19 31.10
N PHE D 129 8.33 -63.78 29.91
CA PHE D 129 8.40 -65.23 29.73
C PHE D 129 9.45 -65.56 28.68
N PRO D 130 10.24 -66.61 28.89
CA PRO D 130 11.21 -67.00 27.84
C PRO D 130 10.55 -67.77 26.70
N LEU D 131 11.09 -67.58 25.50
CA LEU D 131 10.73 -68.33 24.29
C LEU D 131 11.94 -69.22 24.00
N ALA D 132 11.89 -70.43 24.56
CA ALA D 132 13.01 -71.36 24.66
C ALA D 132 13.62 -71.71 23.31
N PRO D 133 14.96 -71.84 23.24
CA PRO D 133 15.64 -72.32 22.02
C PRO D 133 15.39 -73.75 21.56
N SER D 134 16.01 -74.07 20.42
CA SER D 134 16.08 -75.42 19.85
C SER D 134 14.72 -75.95 19.38
N THR D 142 21.13 -72.40 12.62
CA THR D 142 20.81 -71.23 13.42
C THR D 142 19.53 -71.50 14.21
N ALA D 143 19.53 -71.14 15.49
CA ALA D 143 18.36 -71.23 16.35
C ALA D 143 17.76 -69.84 16.57
N ALA D 144 16.47 -69.84 16.88
CA ALA D 144 15.75 -68.63 17.24
C ALA D 144 15.28 -68.74 18.68
N LEU D 145 15.48 -67.68 19.46
CA LEU D 145 14.99 -67.64 20.83
C LEU D 145 14.39 -66.26 21.09
N GLY D 146 13.71 -66.13 22.23
CA GLY D 146 13.10 -64.83 22.44
C GLY D 146 12.62 -64.59 23.85
N CYS D 147 12.00 -63.42 24.02
CA CYS D 147 11.32 -63.06 25.26
C CYS D 147 9.95 -62.46 24.94
N LEU D 148 8.94 -62.91 25.67
CA LEU D 148 7.57 -62.46 25.55
C LEU D 148 7.26 -61.53 26.72
N VAL D 149 6.98 -60.27 26.41
CA VAL D 149 6.59 -59.28 27.40
C VAL D 149 5.08 -59.16 27.31
N LYS D 150 4.39 -59.61 28.36
CA LYS D 150 2.95 -59.83 28.33
C LYS D 150 2.21 -58.98 29.35
N ASP D 151 1.00 -58.59 28.95
CA ASP D 151 0.00 -57.98 29.83
C ASP D 151 0.56 -56.77 30.58
N TYR D 152 1.06 -55.81 29.82
CA TYR D 152 1.50 -54.54 30.37
C TYR D 152 0.71 -53.40 29.78
N PHE D 153 0.53 -52.34 30.57
CA PHE D 153 -0.17 -51.13 30.15
C PHE D 153 0.40 -49.96 30.93
N PRO D 154 0.61 -48.79 30.31
CA PRO D 154 0.47 -48.53 28.87
C PRO D 154 1.76 -48.82 28.11
N GLU D 155 1.77 -48.53 26.81
CA GLU D 155 3.00 -48.50 26.06
C GLU D 155 3.85 -47.32 26.52
N PRO D 156 5.16 -47.33 26.24
CA PRO D 156 5.92 -48.40 25.59
C PRO D 156 6.80 -49.16 26.57
N VAL D 157 7.52 -50.15 26.07
CA VAL D 157 8.52 -50.87 26.84
C VAL D 157 9.72 -51.04 25.91
N THR D 158 10.92 -50.85 26.42
CA THR D 158 12.11 -51.08 25.61
C THR D 158 12.70 -52.43 26.00
N VAL D 159 13.16 -53.17 24.99
CA VAL D 159 13.72 -54.50 25.19
C VAL D 159 15.11 -54.51 24.59
N SER D 160 16.09 -54.99 25.35
N SER D 160 16.08 -55.00 25.35
CA SER D 160 17.46 -55.11 24.90
CA SER D 160 17.45 -55.12 24.90
C SER D 160 17.94 -56.52 25.22
C SER D 160 17.95 -56.53 25.22
N TRP D 161 19.05 -56.92 24.60
CA TRP D 161 19.60 -58.26 24.77
C TRP D 161 20.99 -58.18 25.36
N ASN D 162 21.18 -58.85 26.50
CA ASN D 162 22.45 -58.83 27.22
C ASN D 162 22.89 -57.38 27.45
N SER D 163 21.93 -56.60 27.95
CA SER D 163 22.15 -55.19 28.30
C SER D 163 22.78 -54.41 27.14
N GLY D 164 22.31 -54.69 25.93
CA GLY D 164 22.74 -53.96 24.76
C GLY D 164 23.91 -54.59 24.03
N ALA D 165 24.56 -55.59 24.61
CA ALA D 165 25.74 -56.16 23.98
C ALA D 165 25.40 -56.85 22.67
N LEU D 166 24.25 -57.53 22.60
CA LEU D 166 23.86 -58.27 21.41
C LEU D 166 22.93 -57.41 20.56
N THR D 167 23.37 -57.09 19.35
CA THR D 167 22.65 -56.19 18.45
C THR D 167 22.21 -56.88 17.16
N SER D 168 23.10 -57.61 16.50
N SER D 168 23.10 -57.61 16.50
CA SER D 168 22.79 -58.21 15.23
CA SER D 168 22.78 -58.22 15.22
C SER D 168 21.78 -59.36 15.40
C SER D 168 21.78 -59.36 15.40
N GLY D 169 20.87 -59.49 14.43
CA GLY D 169 19.91 -60.56 14.43
C GLY D 169 18.72 -60.37 15.34
N VAL D 170 18.57 -59.19 15.93
CA VAL D 170 17.48 -58.92 16.85
C VAL D 170 16.28 -58.39 16.08
N HIS D 171 15.10 -58.92 16.42
CA HIS D 171 13.82 -58.44 15.88
C HIS D 171 12.92 -58.21 17.09
N THR D 172 12.76 -56.94 17.47
CA THR D 172 11.82 -56.55 18.51
C THR D 172 10.55 -56.11 17.80
N PHE D 173 9.49 -56.88 17.93
CA PHE D 173 8.28 -56.60 17.19
C PHE D 173 7.50 -55.47 17.85
N PRO D 174 6.69 -54.75 17.07
CA PRO D 174 5.80 -53.74 17.68
C PRO D 174 4.79 -54.39 18.59
N ALA D 175 4.37 -53.65 19.61
CA ALA D 175 3.43 -54.19 20.58
C ALA D 175 2.08 -54.45 19.92
N VAL D 176 1.38 -55.45 20.46
CA VAL D 176 0.03 -55.80 20.02
C VAL D 176 -0.90 -55.51 21.18
N LEU D 177 -2.02 -54.84 20.91
CA LEU D 177 -3.03 -54.59 21.92
C LEU D 177 -3.97 -55.80 21.96
N GLN D 178 -3.96 -56.50 23.08
CA GLN D 178 -4.69 -57.74 23.23
C GLN D 178 -6.17 -57.45 23.45
N SER D 179 -7.01 -58.46 23.23
CA SER D 179 -8.41 -58.37 23.64
C SER D 179 -8.50 -57.88 25.08
N SER D 180 -7.56 -58.30 25.92
CA SER D 180 -7.51 -57.88 27.32
C SER D 180 -7.53 -56.37 27.48
N GLY D 181 -7.05 -55.63 26.48
CA GLY D 181 -6.80 -54.21 26.64
C GLY D 181 -5.42 -53.88 27.17
N LEU D 182 -4.66 -54.89 27.56
CA LEU D 182 -3.24 -54.75 27.88
C LEU D 182 -2.41 -55.00 26.63
N TYR D 183 -1.12 -54.69 26.72
CA TYR D 183 -0.20 -54.87 25.61
C TYR D 183 0.72 -56.05 25.84
N SER D 184 1.14 -56.67 24.74
CA SER D 184 2.18 -57.69 24.76
C SER D 184 2.97 -57.61 23.47
N LEU D 185 4.29 -57.72 23.57
CA LEU D 185 5.13 -57.85 22.40
C LEU D 185 6.12 -58.99 22.59
N GLU D 186 6.82 -59.30 21.51
CA GLU D 186 7.87 -60.30 21.48
C GLU D 186 9.17 -59.67 21.00
N SER D 187 10.28 -60.14 21.54
CA SER D 187 11.60 -59.76 21.05
C SER D 187 12.37 -61.06 20.81
N VAL D 188 12.64 -61.36 19.55
CA VAL D 188 13.31 -62.61 19.18
C VAL D 188 14.68 -62.27 18.61
N VAL D 189 15.54 -63.28 18.60
CA VAL D 189 16.89 -63.14 18.05
C VAL D 189 17.35 -64.49 17.54
N THR D 190 18.04 -64.46 16.40
CA THR D 190 18.62 -65.63 15.78
C THR D 190 20.09 -65.70 16.19
N VAL D 191 20.52 -66.88 16.62
CA VAL D 191 21.89 -67.08 17.09
C VAL D 191 22.41 -68.40 16.55
N PRO D 192 23.72 -68.50 16.35
CA PRO D 192 24.28 -69.78 15.89
C PRO D 192 23.95 -70.87 16.89
N SER D 193 23.41 -71.99 16.39
CA SER D 193 23.00 -73.08 17.26
C SER D 193 24.11 -73.48 18.21
N SER D 194 25.35 -73.51 17.71
CA SER D 194 26.47 -73.99 18.52
C SER D 194 26.61 -73.19 19.81
N SER D 195 26.34 -71.88 19.76
CA SER D 195 26.50 -71.04 20.94
C SER D 195 25.53 -71.39 22.06
N LEU D 196 24.48 -72.17 21.77
CA LEU D 196 23.39 -72.32 22.73
C LEU D 196 23.89 -72.78 24.10
N GLY D 197 24.79 -73.76 24.14
CA GLY D 197 25.30 -74.24 25.41
C GLY D 197 26.40 -73.39 26.00
N THR D 198 27.05 -72.57 25.18
CA THR D 198 28.16 -71.74 25.63
C THR D 198 27.66 -70.37 26.08
N GLN D 199 26.94 -69.68 25.20
CA GLN D 199 26.59 -68.28 25.37
C GLN D 199 25.29 -68.10 26.13
N THR D 200 25.25 -67.05 26.93
CA THR D 200 24.12 -66.72 27.78
C THR D 200 23.32 -65.58 27.14
N TYR D 201 21.99 -65.71 27.15
CA TYR D 201 21.11 -64.71 26.56
C TYR D 201 20.11 -64.26 27.62
N ILE D 202 20.11 -62.96 27.90
CA ILE D 202 19.21 -62.36 28.86
C ILE D 202 18.45 -61.23 28.19
N CYS D 203 17.13 -61.25 28.27
CA CYS D 203 16.34 -60.12 27.81
C CYS D 203 16.13 -59.13 28.95
N ASN D 204 16.47 -57.87 28.68
CA ASN D 204 16.26 -56.73 29.56
C ASN D 204 14.98 -56.04 29.12
N VAL D 205 14.01 -55.92 30.02
CA VAL D 205 12.72 -55.29 29.74
C VAL D 205 12.57 -54.10 30.67
N ASN D 206 12.27 -52.93 30.09
CA ASN D 206 12.08 -51.68 30.82
C ASN D 206 10.69 -51.12 30.52
N HIS D 207 9.86 -50.97 31.57
CA HIS D 207 8.53 -50.38 31.50
C HIS D 207 8.46 -49.26 32.55
N LYS D 208 8.88 -48.07 32.14
CA LYS D 208 8.86 -46.93 33.05
C LYS D 208 7.47 -46.62 33.58
N PRO D 209 6.40 -46.67 32.76
CA PRO D 209 5.07 -46.27 33.24
C PRO D 209 4.64 -46.92 34.55
N SER D 210 5.05 -48.16 34.82
CA SER D 210 4.83 -48.77 36.13
C SER D 210 6.13 -48.96 36.89
N ASN D 211 7.24 -48.40 36.39
CA ASN D 211 8.56 -48.56 36.99
C ASN D 211 8.89 -50.03 37.21
N THR D 212 8.55 -50.87 36.24
CA THR D 212 8.90 -52.28 36.27
C THR D 212 10.14 -52.50 35.40
N LYS D 213 11.03 -53.36 35.87
CA LYS D 213 12.24 -53.69 35.10
C LYS D 213 12.63 -55.12 35.40
N VAL D 214 12.73 -55.95 34.37
CA VAL D 214 12.98 -57.38 34.56
C VAL D 214 14.03 -57.88 33.58
N ASP D 215 14.85 -58.82 34.05
CA ASP D 215 15.84 -59.51 33.21
C ASP D 215 15.60 -60.99 33.32
N LYS D 216 15.48 -61.66 32.18
CA LYS D 216 15.19 -63.10 32.16
C LYS D 216 16.17 -63.86 31.28
N ARG D 217 16.62 -65.01 31.80
CA ARG D 217 17.48 -65.90 31.02
C ARG D 217 16.60 -66.77 30.14
N VAL D 218 17.06 -67.06 28.94
CA VAL D 218 16.34 -67.92 28.01
C VAL D 218 17.22 -69.14 27.81
N GLU D 219 16.99 -70.16 28.64
CA GLU D 219 17.63 -71.46 28.55
C GLU D 219 16.73 -72.46 27.85
N PRO D 220 17.26 -73.64 27.51
CA PRO D 220 16.50 -74.63 26.73
C PRO D 220 15.21 -75.05 27.41
C1 EDO E . -0.89 6.12 -10.20
O1 EDO E . -1.77 6.68 -9.20
C2 EDO E . 0.45 5.79 -9.53
O2 EDO E . 1.02 7.01 -9.01
H11 EDO E . -0.75 6.82 -11.01
H12 EDO E . -1.33 5.21 -10.61
HO1 EDO E . -2.61 6.92 -9.62
H21 EDO E . 0.31 5.07 -8.73
H22 EDO E . 1.13 5.35 -10.26
HO2 EDO E . 1.76 6.79 -8.44
C1 EDO F . 8.72 11.48 4.70
O1 EDO F . 7.66 12.31 5.20
C2 EDO F . 9.66 12.35 3.87
O2 EDO F . 10.88 12.58 4.58
H11 EDO F . 8.30 10.68 4.09
H12 EDO F . 9.26 11.02 5.53
HO1 EDO F . 6.96 12.37 4.54
H21 EDO F . 9.19 13.31 3.64
H22 EDO F . 9.88 11.85 2.92
HO2 EDO F . 11.09 13.51 4.57
C1 EDO G . 30.70 19.32 24.34
O1 EDO G . 29.95 18.73 23.26
C2 EDO G . 31.80 20.18 23.70
O2 EDO G . 32.08 19.62 22.41
H11 EDO G . 30.05 19.92 24.96
H12 EDO G . 31.14 18.54 24.96
HO1 EDO G . 29.10 18.43 23.59
H21 EDO G . 32.69 20.18 24.33
H22 EDO G . 31.46 21.21 23.60
HO2 EDO G . 32.09 20.32 21.75
C1 EDO H . 18.02 30.20 -0.35
O1 EDO H . 18.68 30.83 -1.45
C2 EDO H . 19.06 29.88 0.75
O2 EDO H . 19.52 28.53 0.53
H11 EDO H . 17.53 29.28 -0.68
H12 EDO H . 17.26 30.87 0.07
HO1 EDO H . 18.29 30.51 -2.28
H21 EDO H . 18.60 29.96 1.73
H22 EDO H . 19.89 30.58 0.70
HO2 EDO H . 19.49 28.04 1.36
C1 EDO I . 17.03 26.47 1.41
O1 EDO I . 16.33 25.92 0.27
C2 EDO I . 16.37 27.80 1.82
O2 EDO I . 15.02 27.54 2.23
H11 EDO I . 18.08 26.63 1.15
H12 EDO I . 16.99 25.76 2.24
HO1 EDO I . 16.58 24.99 0.15
H21 EDO I . 16.38 28.50 0.98
H22 EDO I . 16.93 28.26 2.63
HO2 EDO I . 14.93 27.73 3.17
C1 EDO J . -12.78 -14.63 11.79
O1 EDO J . -13.65 -13.91 10.91
C2 EDO J . -11.65 -13.72 12.27
O2 EDO J . -10.81 -14.44 13.17
H11 EDO J . -12.36 -15.50 11.26
H12 EDO J . -13.34 -15.01 12.65
HO1 EDO J . -14.27 -14.52 10.50
H21 EDO J . -12.07 -12.84 12.75
H22 EDO J . -11.07 -13.38 11.41
HO2 EDO J . -10.42 -13.82 13.81
C1 EDO K . -0.80 -14.42 -1.87
O1 EDO K . -0.05 -13.23 -2.17
C2 EDO K . -2.25 -13.97 -1.66
O2 EDO K . -2.52 -12.97 -2.66
H11 EDO K . -0.40 -14.89 -0.97
H12 EDO K . -0.73 -15.13 -2.68
HO1 EDO K . -0.22 -12.98 -3.09
H21 EDO K . -2.38 -13.56 -0.66
H22 EDO K . -2.93 -14.82 -1.76
HO2 EDO K . -3.07 -12.28 -2.29
C1 EDO L . -20.21 11.38 10.34
O1 EDO L . -19.27 12.01 9.47
C2 EDO L . -20.29 12.17 11.65
O2 EDO L . -21.53 11.82 12.30
H11 EDO L . -19.89 10.35 10.55
H12 EDO L . -21.18 11.34 9.87
HO1 EDO L . -19.44 11.74 8.56
H21 EDO L . -20.27 13.24 11.44
H22 EDO L . -19.45 11.93 12.30
HO2 EDO L . -22.20 12.48 12.07
C1 EDO M . -17.16 -16.43 11.04
O1 EDO M . -16.56 -17.45 11.88
C2 EDO M . -17.04 -15.08 11.76
O2 EDO M . -15.66 -14.79 11.98
H11 EDO M . -16.65 -16.39 10.08
H12 EDO M . -18.21 -16.67 10.84
HO1 EDO M . -16.19 -18.15 11.33
H21 EDO M . -17.51 -14.30 11.16
H22 EDO M . -17.57 -15.13 12.72
HO2 EDO M . -15.13 -15.58 11.86
C1 EDO N . 15.31 -74.15 16.51
O1 EDO N . 15.02 -74.05 15.10
C2 EDO N . 14.63 -72.97 17.22
O2 EDO N . 14.31 -73.36 18.56
H11 EDO N . 16.39 -74.11 16.67
H12 EDO N . 14.94 -75.09 16.92
HO1 EDO N . 15.01 -74.95 14.73
H21 EDO N . 13.71 -72.68 16.69
H22 EDO N . 15.30 -72.11 17.23
HO2 EDO N . 13.39 -73.14 18.75
C1 EDO O . -5.61 -48.18 20.83
O1 EDO O . -6.75 -48.61 20.09
C2 EDO O . -4.35 -48.78 20.18
O2 EDO O . -3.21 -48.28 20.86
H11 EDO O . -5.55 -47.09 20.81
H12 EDO O . -5.67 -48.50 21.87
HO1 EDO O . -7.29 -49.18 20.67
H21 EDO O . -4.31 -48.52 19.12
H22 EDO O . -4.38 -49.87 20.25
HO2 EDO O . -2.87 -48.95 21.48
#